data_9N5Y
#
_entry.id   9N5Y
#
_cell.length_a   1.00
_cell.length_b   1.00
_cell.length_c   1.00
_cell.angle_alpha   90.00
_cell.angle_beta   90.00
_cell.angle_gamma   90.00
#
_symmetry.space_group_name_H-M   'P 1'
#
loop_
_entity.id
_entity.type
_entity.pdbx_description
1 polymer 'Fab light chain antibody AEL31302'
2 polymer 'Fab heavy antibody AEL31311'
3 polymer Hemagglutinin
4 branched 2-acetamido-2-deoxy-beta-D-glucopyranose-(1-4)-2-acetamido-2-deoxy-beta-D-glucopyranose
5 non-polymer 2-acetamido-2-deoxy-beta-D-glucopyranose
#
loop_
_entity_poly.entity_id
_entity_poly.type
_entity_poly.pdbx_seq_one_letter_code
_entity_poly.pdbx_strand_id
1 'polypeptide(L)'
;MGWSCIILFLVATATGVHSDIVMTQSPDSLAVSLGERATINCRSSQSVSSNNKNFLAWYQEKPGQPPKVLIYWASARESG
VPDRFSGSGSGTDFTLTISGLQAEDVAVYYCQQHYRTPPTFGQGTKVEIKRTVAAPSVFIFPPSDEQLKSGTASVVCLLN
NFYPREAKVQWKVDNALQSGNSQESVTEQDSKDSTYSLSSTLTLSKADYEKHKVYACEVTHQGLSSPVTKSFNRGEC
;
L,O,M
2 'polypeptide(L)'
;MGWSCIILFLVATATGVHSQVQLVQSGGGVVPPGRSLRLSCAASGFTFSTYGMHWVRQAPGKGLEWVAVISYDGNYKYYA
DSVRGRFTISRDNSKNTLNLDMNSLRTEDTALYYCAKDSQLRSLLYFDWLSQGYFDHWGQGTLVTVSSASTKGPSVFPLA
PSSKSTSGGTAALGCLVKDYFPEPVTVSWNSGALTSGVHTFPAVLQSSGLYSLSSVVTVPSSSLGTQTYICNVNHKPSNT
KVDKKVEPKSC
;
I,P,J
3 'polypeptide(L)'
;GDTLCIGYHANNSTDTVDTVLEKNVTVTHSVNLLEDKHNGKLCKLRGVAPLHLGKCNIAGWILGNPECESLSTASSWSYI
VETPSSDNGTCYPGDFIDYEELREQLSSVSSFERFEIFPKTSSWPNHDSNKGVTAACPHAGAKSFYKNLIWLVKKGNSYP
KLSKSYINDKGKEVLVLWGIHHPSTSADQQSLYQNADTYVFVGSSRYSKKFKPEIAIRPKVRDQEGRMNYYWTLVEPGDK
ITFEATGNLVVPRYAFAMERNAGSGIIISDTPVHDCNTTCQTPKGAINTSLPFQNIHPITIGKCPKYVKSTKLRLATGLR
NIPSIQSRGLFGAIAGFIEGGWTGMVDGWYGYHHQNEQGSGYAADLKSTQNAIDKITNKVNSVIEKMNTQFTAVGKEFNH
LEKRIENLNKKVDDGFLDIWTYNAELLVLLENERTLDYHDSNVKNLYEKVRSQLKNNAKEIGNGCFEFYHKCDNTCMESV
KNGTYDYPKYSEEAKLNREEIDSGYIPEAPRDGQAYVRKDGEWVLLSTFLGSGLNDIFEAQKIEWHEGHHHHHH
;
A,C,E,B,D,F
#
# COMPACT_ATOMS: atom_id res chain seq x y z
N ASP A 20 15.00 18.55 -43.50
CA ASP A 20 14.86 17.27 -42.81
C ASP A 20 16.00 16.32 -43.17
N ILE A 21 15.68 15.02 -43.26
CA ILE A 21 16.66 13.97 -43.48
C ILE A 21 16.24 13.18 -44.70
N VAL A 22 17.18 12.93 -45.61
CA VAL A 22 16.92 12.13 -46.80
C VAL A 22 17.94 11.00 -46.87
N MET A 23 17.50 9.86 -47.43
CA MET A 23 18.36 8.70 -47.55
C MET A 23 18.17 8.09 -48.93
N THR A 24 19.17 7.30 -49.33
CA THR A 24 19.20 6.67 -50.64
C THR A 24 19.58 5.20 -50.50
N GLN A 25 18.86 4.33 -51.19
CA GLN A 25 19.20 2.92 -51.30
C GLN A 25 19.89 2.72 -52.65
N SER A 26 21.20 2.49 -52.61
CA SER A 26 22.00 2.50 -53.84
C SER A 26 21.59 1.41 -54.83
N PRO A 27 21.44 0.13 -54.44
CA PRO A 27 20.87 -0.84 -55.39
C PRO A 27 19.37 -0.59 -55.53
N ASP A 28 18.94 -0.37 -56.76
CA ASP A 28 17.53 -0.12 -57.06
C ASP A 28 17.13 -1.10 -58.16
N SER A 29 16.03 -1.82 -57.93
CA SER A 29 15.50 -2.81 -58.88
C SER A 29 16.54 -3.89 -59.19
N LEU A 30 17.24 -4.36 -58.17
CA LEU A 30 18.19 -5.45 -58.34
C LEU A 30 17.44 -6.76 -58.48
N ALA A 31 18.01 -7.66 -59.29
CA ALA A 31 17.37 -8.94 -59.62
C ALA A 31 18.32 -10.07 -59.32
N VAL A 32 17.88 -11.01 -58.47
CA VAL A 32 18.61 -12.24 -58.21
C VAL A 32 17.60 -13.39 -58.21
N SER A 33 18.12 -14.60 -58.47
CA SER A 33 17.27 -15.78 -58.50
C SER A 33 17.15 -16.37 -57.11
N LEU A 34 16.46 -17.52 -57.01
CA LEU A 34 16.20 -18.13 -55.72
C LEU A 34 17.47 -18.68 -55.10
N GLY A 35 17.63 -18.48 -53.80
CA GLY A 35 18.63 -19.15 -53.00
C GLY A 35 19.87 -18.32 -52.68
N GLU A 36 20.14 -17.27 -53.43
CA GLU A 36 21.37 -16.50 -53.21
C GLU A 36 21.11 -15.35 -52.26
N ARG A 37 22.09 -14.45 -52.15
CA ARG A 37 22.07 -13.35 -51.19
C ARG A 37 21.75 -12.05 -51.91
N ALA A 38 20.88 -11.24 -51.30
CA ALA A 38 20.51 -9.94 -51.83
C ALA A 38 20.83 -8.88 -50.77
N THR A 39 21.66 -7.91 -51.14
CA THR A 39 22.11 -6.87 -50.21
C THR A 39 21.71 -5.51 -50.75
N ILE A 40 21.04 -4.72 -49.91
CA ILE A 40 20.68 -3.34 -50.20
C ILE A 40 21.15 -2.47 -49.04
N ASN A 41 21.75 -1.33 -49.34
CA ASN A 41 22.26 -0.45 -48.31
C ASN A 41 21.32 0.73 -48.10
N CYS A 42 21.67 1.59 -47.15
CA CYS A 42 20.83 2.72 -46.81
C CYS A 42 21.73 3.77 -46.15
N ARG A 43 21.99 4.85 -46.87
CA ARG A 43 22.86 5.91 -46.38
C ARG A 43 22.02 7.14 -46.07
N SER A 44 22.06 7.59 -44.83
CA SER A 44 21.28 8.73 -44.38
C SER A 44 22.09 10.01 -44.47
N SER A 45 21.38 11.13 -44.58
CA SER A 45 22.04 12.43 -44.70
C SER A 45 22.81 12.77 -43.44
N GLN A 46 22.22 12.49 -42.27
CA GLN A 46 22.87 12.73 -40.99
C GLN A 46 22.68 11.51 -40.10
N SER A 47 23.37 11.52 -38.96
CA SER A 47 23.33 10.40 -38.04
C SER A 47 21.94 10.26 -37.42
N VAL A 48 21.47 9.02 -37.35
CA VAL A 48 20.15 8.72 -36.83
C VAL A 48 20.23 7.96 -35.50
N SER A 49 21.23 7.11 -35.34
CA SER A 49 21.34 6.30 -34.13
C SER A 49 21.73 7.16 -32.94
N SER A 50 21.12 6.88 -31.79
CA SER A 50 21.43 7.55 -30.54
C SER A 50 21.49 6.52 -29.42
N ASN A 51 22.28 6.84 -28.39
CA ASN A 51 22.47 6.07 -27.15
C ASN A 51 22.43 4.56 -27.37
N ASN A 52 23.26 4.09 -28.32
CA ASN A 52 23.42 2.67 -28.63
C ASN A 52 22.09 2.02 -29.03
N LYS A 53 21.35 2.71 -29.89
CA LYS A 53 20.06 2.24 -30.37
C LYS A 53 19.89 2.69 -31.82
N ASN A 54 19.33 1.82 -32.65
CA ASN A 54 19.20 2.06 -34.08
C ASN A 54 17.77 2.49 -34.37
N PHE A 55 17.61 3.73 -34.84
CA PHE A 55 16.29 4.28 -35.14
C PHE A 55 16.00 4.17 -36.64
N LEU A 56 15.85 2.93 -37.09
CA LEU A 56 15.54 2.66 -38.49
C LEU A 56 14.64 1.44 -38.59
N ALA A 57 13.72 1.48 -39.55
CA ALA A 57 12.82 0.36 -39.80
C ALA A 57 12.76 0.09 -41.30
N TRP A 58 12.44 -1.16 -41.64
CA TRP A 58 12.31 -1.59 -43.02
C TRP A 58 10.88 -2.02 -43.29
N TYR A 59 10.39 -1.75 -44.49
CA TYR A 59 9.03 -2.08 -44.86
C TYR A 59 9.02 -2.80 -46.19
N GLN A 60 8.03 -3.68 -46.36
CA GLN A 60 7.93 -4.53 -47.55
C GLN A 60 6.47 -4.57 -48.00
N GLU A 61 6.23 -4.28 -49.27
CA GLU A 61 4.88 -4.34 -49.81
C GLU A 61 4.85 -5.17 -51.07
N LYS A 62 3.85 -6.02 -51.18
CA LYS A 62 3.53 -6.80 -52.35
C LYS A 62 2.44 -6.09 -53.15
N PRO A 63 2.34 -6.37 -54.45
CA PRO A 63 1.28 -5.72 -55.25
C PRO A 63 -0.11 -6.03 -54.72
N GLY A 64 -0.84 -4.97 -54.41
CA GLY A 64 -2.17 -5.09 -53.83
C GLY A 64 -2.23 -5.25 -52.33
N GLN A 65 -1.12 -5.04 -51.63
CA GLN A 65 -1.09 -5.18 -50.18
C GLN A 65 -0.44 -3.97 -49.53
N PRO A 66 -0.89 -3.60 -48.33
CA PRO A 66 -0.27 -2.47 -47.64
C PRO A 66 1.15 -2.81 -47.21
N PRO A 67 2.05 -1.83 -47.16
CA PRO A 67 3.42 -2.10 -46.72
C PRO A 67 3.49 -2.52 -45.25
N LYS A 68 3.88 -3.77 -45.02
CA LYS A 68 4.01 -4.29 -43.67
C LYS A 68 5.42 -4.07 -43.13
N VAL A 69 5.54 -4.09 -41.82
CA VAL A 69 6.84 -3.95 -41.18
C VAL A 69 7.62 -5.25 -41.33
N LEU A 70 8.91 -5.13 -41.63
CA LEU A 70 9.78 -6.28 -41.82
C LEU A 70 10.80 -6.41 -40.70
N ILE A 71 11.61 -5.38 -40.48
CA ILE A 71 12.59 -5.35 -39.40
C ILE A 71 12.50 -4.00 -38.72
N TYR A 72 12.33 -4.00 -37.40
CA TYR A 72 12.24 -2.78 -36.62
C TYR A 72 13.49 -2.64 -35.75
N TRP A 73 13.94 -1.40 -35.59
CA TRP A 73 15.18 -1.04 -34.91
C TRP A 73 16.41 -1.63 -35.59
N ALA A 74 16.27 -2.01 -36.86
CA ALA A 74 17.34 -2.42 -37.78
C ALA A 74 18.02 -3.71 -37.40
N SER A 75 17.66 -4.36 -36.29
CA SER A 75 18.28 -5.63 -35.94
C SER A 75 17.25 -6.67 -35.55
N ALA A 76 16.10 -6.23 -35.05
CA ALA A 76 15.09 -7.14 -34.54
C ALA A 76 14.27 -7.72 -35.69
N ARG A 77 13.17 -8.38 -35.37
CA ARG A 77 12.32 -8.98 -36.38
C ARG A 77 10.88 -9.02 -35.88
N GLU A 78 9.96 -8.67 -36.77
CA GLU A 78 8.54 -8.72 -36.45
C GLU A 78 8.12 -10.19 -36.47
N SER A 79 7.40 -10.61 -35.43
CA SER A 79 6.91 -11.98 -35.37
C SER A 79 6.05 -12.31 -36.59
N GLY A 80 6.33 -13.47 -37.20
CA GLY A 80 5.73 -13.86 -38.44
C GLY A 80 6.61 -13.67 -39.65
N VAL A 81 7.64 -12.84 -39.55
CA VAL A 81 8.63 -12.70 -40.63
C VAL A 81 9.54 -13.92 -40.62
N PRO A 82 9.83 -14.51 -41.78
CA PRO A 82 10.75 -15.66 -41.81
C PRO A 82 12.14 -15.27 -41.34
N ASP A 83 12.84 -16.27 -40.78
CA ASP A 83 14.17 -16.04 -40.24
C ASP A 83 15.19 -15.68 -41.31
N ARG A 84 14.86 -15.93 -42.58
CA ARG A 84 15.77 -15.63 -43.67
C ARG A 84 15.96 -14.13 -43.90
N PHE A 85 15.16 -13.29 -43.26
CA PHE A 85 15.26 -11.84 -43.40
C PHE A 85 16.04 -11.28 -42.21
N SER A 86 17.20 -10.69 -42.48
CA SER A 86 18.05 -10.14 -41.43
C SER A 86 18.66 -8.83 -41.89
N GLY A 87 18.96 -7.97 -40.92
CA GLY A 87 19.53 -6.67 -41.24
C GLY A 87 20.38 -6.16 -40.09
N SER A 88 21.27 -5.23 -40.43
CA SER A 88 22.21 -4.66 -39.46
C SER A 88 22.56 -3.25 -39.90
N GLY A 89 23.60 -2.69 -39.28
CA GLY A 89 24.05 -1.35 -39.61
C GLY A 89 24.20 -0.46 -38.41
N SER A 90 24.95 0.63 -38.55
CA SER A 90 25.15 1.57 -37.46
C SER A 90 25.47 2.95 -38.04
N GLY A 91 25.25 3.97 -37.23
CA GLY A 91 25.53 5.33 -37.64
C GLY A 91 24.63 5.81 -38.76
N THR A 92 25.19 5.97 -39.96
CA THR A 92 24.44 6.42 -41.12
C THR A 92 24.26 5.33 -42.17
N ASP A 93 24.96 4.21 -42.06
CA ASP A 93 24.91 3.14 -43.05
C ASP A 93 24.23 1.92 -42.44
N PHE A 94 23.24 1.39 -43.14
CA PHE A 94 22.53 0.19 -42.71
C PHE A 94 22.35 -0.71 -43.92
N THR A 95 22.26 -2.02 -43.66
CA THR A 95 22.14 -3.00 -44.73
C THR A 95 21.01 -3.98 -44.42
N LEU A 96 20.25 -4.33 -45.45
CA LEU A 96 19.28 -5.42 -45.40
C LEU A 96 19.78 -6.56 -46.26
N THR A 97 19.80 -7.76 -45.68
CA THR A 97 20.32 -8.94 -46.34
C THR A 97 19.25 -10.02 -46.42
N ILE A 98 19.17 -10.70 -47.55
CA ILE A 98 18.20 -11.76 -47.79
C ILE A 98 18.97 -13.07 -47.95
N SER A 99 18.68 -14.03 -47.07
CA SER A 99 19.33 -15.33 -47.11
C SER A 99 18.39 -16.31 -47.80
N GLY A 100 18.73 -16.71 -49.02
CA GLY A 100 17.89 -17.63 -49.75
C GLY A 100 16.57 -17.03 -50.20
N LEU A 101 16.64 -16.12 -51.18
CA LEU A 101 15.45 -15.48 -51.70
C LEU A 101 14.45 -16.51 -52.22
N GLN A 102 13.17 -16.29 -51.90
CA GLN A 102 12.08 -17.10 -52.40
C GLN A 102 11.29 -16.33 -53.44
N ALA A 103 10.61 -17.07 -54.32
CA ALA A 103 9.85 -16.46 -55.39
C ALA A 103 8.63 -15.68 -54.88
N GLU A 104 8.19 -15.96 -53.66
CA GLU A 104 7.07 -15.25 -53.06
C GLU A 104 7.50 -13.96 -52.36
N ASP A 105 8.77 -13.60 -52.44
CA ASP A 105 9.29 -12.40 -51.80
C ASP A 105 9.57 -11.28 -52.79
N VAL A 106 9.09 -11.39 -54.03
CA VAL A 106 9.20 -10.28 -54.97
C VAL A 106 8.34 -9.12 -54.46
N ALA A 107 8.98 -8.00 -54.15
CA ALA A 107 8.31 -6.92 -53.44
C ALA A 107 9.20 -5.67 -53.53
N VAL A 108 8.84 -4.66 -52.74
CA VAL A 108 9.57 -3.38 -52.70
C VAL A 108 9.98 -3.12 -51.26
N TYR A 109 11.22 -2.71 -51.06
CA TYR A 109 11.78 -2.47 -49.73
C TYR A 109 11.98 -0.98 -49.50
N TYR A 110 11.80 -0.56 -48.25
CA TYR A 110 11.85 0.84 -47.87
C TYR A 110 12.72 1.06 -46.64
N CYS A 111 13.36 2.22 -46.59
CA CYS A 111 14.00 2.74 -45.40
C CYS A 111 13.09 3.75 -44.73
N GLN A 112 13.26 3.92 -43.42
CA GLN A 112 12.43 4.86 -42.67
C GLN A 112 13.09 5.26 -41.36
N GLN A 113 13.67 6.45 -41.29
CA GLN A 113 14.24 6.91 -40.03
C GLN A 113 13.17 7.64 -39.22
N HIS A 114 12.83 7.07 -38.07
CA HIS A 114 11.91 7.70 -37.14
C HIS A 114 12.68 8.42 -36.02
N TYR A 115 13.43 9.44 -36.44
CA TYR A 115 14.23 10.24 -35.51
C TYR A 115 13.75 11.68 -35.38
N ARG A 116 13.22 12.25 -36.46
CA ARG A 116 12.66 13.60 -36.45
C ARG A 116 11.18 13.52 -36.77
N THR A 117 10.46 14.60 -36.43
CA THR A 117 9.02 14.60 -36.67
C THR A 117 8.60 14.43 -38.13
N PRO A 118 9.39 14.78 -39.14
CA PRO A 118 9.10 14.28 -40.50
C PRO A 118 9.80 12.96 -40.78
N PRO A 119 9.19 11.82 -40.46
CA PRO A 119 9.78 10.54 -40.89
C PRO A 119 9.78 10.48 -42.40
N THR A 120 10.90 10.08 -42.96
CA THR A 120 11.11 10.10 -44.40
C THR A 120 11.38 8.68 -44.88
N PHE A 121 10.65 8.26 -45.90
CA PHE A 121 10.88 6.96 -46.52
C PHE A 121 11.86 7.10 -47.66
N GLY A 122 12.66 6.06 -47.89
CA GLY A 122 13.57 6.06 -49.00
C GLY A 122 12.86 5.93 -50.33
N GLN A 123 13.62 6.16 -51.40
CA GLN A 123 13.05 6.05 -52.74
C GLN A 123 12.60 4.64 -53.06
N GLY A 124 13.17 3.63 -52.42
CA GLY A 124 12.69 2.28 -52.58
C GLY A 124 13.50 1.48 -53.59
N THR A 125 13.56 0.18 -53.36
CA THR A 125 14.22 -0.75 -54.26
C THR A 125 13.30 -1.93 -54.53
N LYS A 126 13.55 -2.60 -55.64
CA LYS A 126 12.75 -3.74 -56.07
C LYS A 126 13.62 -4.98 -56.13
N VAL A 127 13.09 -6.09 -55.63
CA VAL A 127 13.75 -7.39 -55.72
C VAL A 127 12.87 -8.30 -56.55
N GLU A 128 13.48 -9.03 -57.48
CA GLU A 128 12.72 -9.85 -58.43
C GLU A 128 13.62 -10.92 -59.00
N ILE A 129 13.00 -11.86 -59.73
CA ILE A 129 13.70 -12.99 -60.30
C ILE A 129 14.67 -12.52 -61.39
N LYS A 130 15.76 -13.26 -61.53
CA LYS A 130 16.76 -12.99 -62.56
C LYS A 130 16.32 -13.60 -63.90
N GLN B 20 -6.84 -8.65 -32.02
CA GLN B 20 -6.13 -8.53 -33.29
C GLN B 20 -6.28 -7.11 -33.84
N VAL B 21 -5.14 -6.47 -34.10
CA VAL B 21 -5.15 -5.11 -34.63
C VAL B 21 -5.76 -5.10 -36.03
N GLN B 22 -6.67 -4.17 -36.26
CA GLN B 22 -7.31 -4.00 -37.55
C GLN B 22 -7.45 -2.51 -37.85
N LEU B 23 -7.16 -2.13 -39.09
CA LEU B 23 -7.26 -0.75 -39.52
C LEU B 23 -7.95 -0.73 -40.88
N VAL B 24 -9.18 -0.23 -40.92
CA VAL B 24 -9.96 -0.12 -42.15
C VAL B 24 -10.36 1.34 -42.32
N GLN B 25 -10.23 1.85 -43.55
CA GLN B 25 -10.58 3.22 -43.84
C GLN B 25 -11.33 3.29 -45.17
N SER B 26 -12.17 4.31 -45.29
CA SER B 26 -13.03 4.46 -46.46
C SER B 26 -13.37 5.94 -46.62
N GLY B 27 -14.28 6.22 -47.55
CA GLY B 27 -14.72 7.57 -47.82
C GLY B 27 -14.01 8.25 -48.97
N GLY B 28 -12.99 7.62 -49.56
CA GLY B 28 -12.26 8.22 -50.65
C GLY B 28 -12.97 8.11 -51.97
N GLY B 29 -12.30 8.60 -53.00
CA GLY B 29 -12.85 8.56 -54.35
C GLY B 29 -12.21 9.63 -55.22
N VAL B 30 -13.00 10.13 -56.17
CA VAL B 30 -12.56 11.17 -57.09
C VAL B 30 -13.14 12.51 -56.61
N VAL B 31 -12.36 13.57 -56.79
CA VAL B 31 -12.80 14.89 -56.35
C VAL B 31 -12.12 15.97 -57.22
N PRO B 32 -12.88 16.95 -57.71
CA PRO B 32 -12.26 18.11 -58.35
C PRO B 32 -11.60 19.00 -57.31
N PRO B 33 -10.59 19.79 -57.71
CA PRO B 33 -9.93 20.66 -56.74
C PRO B 33 -10.88 21.68 -56.14
N GLY B 34 -10.70 21.94 -54.85
CA GLY B 34 -11.43 22.99 -54.17
C GLY B 34 -12.63 22.58 -53.34
N ARG B 35 -12.88 21.29 -53.16
CA ARG B 35 -13.98 20.83 -52.32
C ARG B 35 -13.45 19.87 -51.27
N SER B 36 -14.04 19.92 -50.09
CA SER B 36 -13.58 19.12 -48.96
C SER B 36 -13.81 17.63 -49.19
N LEU B 37 -12.94 16.83 -48.58
CA LEU B 37 -13.09 15.38 -48.56
C LEU B 37 -12.65 14.89 -47.18
N ARG B 38 -13.41 13.94 -46.63
CA ARG B 38 -13.20 13.47 -45.27
C ARG B 38 -12.99 11.95 -45.27
N LEU B 39 -12.00 11.50 -44.51
CA LEU B 39 -11.66 10.08 -44.41
C LEU B 39 -11.72 9.64 -42.97
N SER B 40 -12.16 8.40 -42.75
CA SER B 40 -12.26 7.82 -41.41
C SER B 40 -11.58 6.46 -41.40
N CYS B 41 -10.65 6.29 -40.46
CA CYS B 41 -9.94 5.02 -40.26
C CYS B 41 -10.37 4.47 -38.91
N ALA B 42 -11.39 3.62 -38.91
CA ALA B 42 -11.82 2.97 -37.69
C ALA B 42 -10.81 1.92 -37.27
N ALA B 43 -10.64 1.75 -35.96
CA ALA B 43 -9.68 0.81 -35.41
C ALA B 43 -10.35 -0.01 -34.31
N SER B 44 -9.93 -1.28 -34.21
CA SER B 44 -10.49 -2.18 -33.21
C SER B 44 -9.49 -3.30 -32.96
N GLY B 45 -9.71 -4.03 -31.87
CA GLY B 45 -8.88 -5.16 -31.52
C GLY B 45 -7.63 -4.84 -30.74
N PHE B 46 -7.42 -3.57 -30.39
CA PHE B 46 -6.26 -3.18 -29.60
C PHE B 46 -6.61 -1.92 -28.83
N THR B 47 -5.77 -1.60 -27.86
CA THR B 47 -5.97 -0.38 -27.05
C THR B 47 -5.63 0.85 -27.90
N PHE B 48 -6.67 1.49 -28.43
CA PHE B 48 -6.50 2.61 -29.35
C PHE B 48 -6.08 3.88 -28.63
N SER B 49 -6.71 4.19 -27.50
CA SER B 49 -6.53 5.48 -26.86
C SER B 49 -5.16 5.68 -26.23
N THR B 50 -4.35 4.63 -26.13
CA THR B 50 -3.03 4.73 -25.53
C THR B 50 -1.91 4.80 -26.56
N TYR B 51 -2.24 4.92 -27.84
CA TYR B 51 -1.24 4.94 -28.90
C TYR B 51 -1.52 6.12 -29.82
N GLY B 52 -0.45 6.67 -30.37
CA GLY B 52 -0.60 7.66 -31.41
C GLY B 52 -0.87 7.04 -32.77
N MET B 53 -1.35 7.86 -33.69
CA MET B 53 -1.65 7.41 -35.04
C MET B 53 -0.97 8.34 -36.03
N HIS B 54 -0.84 7.86 -37.26
CA HIS B 54 -0.17 8.60 -38.33
C HIS B 54 -1.00 8.55 -39.59
N TRP B 55 -0.70 9.48 -40.50
CA TRP B 55 -1.21 9.47 -41.86
C TRP B 55 -0.03 9.40 -42.81
N VAL B 56 -0.16 8.56 -43.83
CA VAL B 56 0.92 8.33 -44.79
C VAL B 56 0.28 8.00 -46.13
N ARG B 57 0.95 8.40 -47.21
CA ARG B 57 0.35 8.28 -48.52
C ARG B 57 1.35 7.76 -49.53
N GLN B 58 0.82 7.15 -50.59
CA GLN B 58 1.59 6.52 -51.66
C GLN B 58 1.21 7.19 -52.96
N ALA B 59 2.03 8.14 -53.41
CA ALA B 59 1.81 8.76 -54.70
C ALA B 59 2.01 7.71 -55.80
N PRO B 60 1.12 7.63 -56.79
CA PRO B 60 1.24 6.60 -57.82
C PRO B 60 2.52 6.76 -58.62
N GLY B 61 3.29 5.68 -58.69
CA GLY B 61 4.58 5.69 -59.37
C GLY B 61 5.72 6.25 -58.55
N LYS B 62 5.46 6.67 -57.32
CA LYS B 62 6.47 7.26 -56.45
C LYS B 62 6.56 6.43 -55.16
N GLY B 63 7.35 6.94 -54.21
CA GLY B 63 7.49 6.30 -52.92
C GLY B 63 6.58 6.92 -51.86
N LEU B 64 6.63 6.32 -50.67
CA LEU B 64 5.83 6.81 -49.56
C LEU B 64 6.37 8.14 -49.04
N GLU B 65 5.50 8.89 -48.38
CA GLU B 65 5.89 10.10 -47.69
C GLU B 65 4.90 10.36 -46.57
N TRP B 66 5.37 11.05 -45.52
CA TRP B 66 4.59 11.22 -44.30
C TRP B 66 3.55 12.29 -44.56
N VAL B 67 2.44 12.22 -43.84
CA VAL B 67 1.38 13.24 -43.89
C VAL B 67 1.23 13.95 -42.55
N ALA B 68 0.81 13.24 -41.51
CA ALA B 68 0.46 13.90 -40.25
C ALA B 68 0.53 12.91 -39.11
N VAL B 69 0.53 13.44 -37.88
CA VAL B 69 0.60 12.62 -36.68
C VAL B 69 -0.24 13.27 -35.60
N ILE B 70 -0.89 12.45 -34.77
CA ILE B 70 -1.65 12.90 -33.63
C ILE B 70 -1.27 12.04 -32.42
N SER B 71 -1.12 12.66 -31.27
CA SER B 71 -0.68 11.96 -30.07
C SER B 71 -1.88 11.29 -29.39
N TYR B 72 -1.63 10.66 -28.23
CA TYR B 72 -2.67 9.85 -27.61
C TYR B 72 -3.78 10.71 -27.02
N ASP B 73 -3.43 11.86 -26.44
CA ASP B 73 -4.45 12.72 -25.85
C ASP B 73 -5.12 13.63 -26.87
N GLY B 74 -4.58 13.75 -28.08
CA GLY B 74 -5.17 14.56 -29.11
C GLY B 74 -4.92 16.04 -28.98
N ASN B 75 -4.14 16.47 -27.98
CA ASN B 75 -3.90 17.90 -27.81
C ASN B 75 -2.97 18.44 -28.88
N TYR B 76 -1.90 17.71 -29.18
CA TYR B 76 -0.83 18.22 -30.04
C TYR B 76 -0.81 17.44 -31.35
N LYS B 77 -0.81 18.18 -32.46
CA LYS B 77 -0.83 17.62 -33.80
C LYS B 77 0.32 18.21 -34.60
N TYR B 78 0.74 17.48 -35.63
CA TYR B 78 1.82 17.94 -36.49
C TYR B 78 1.53 17.52 -37.93
N TYR B 79 2.13 18.23 -38.87
CA TYR B 79 1.97 17.94 -40.29
C TYR B 79 3.31 18.05 -40.98
N ALA B 80 3.37 17.56 -42.21
CA ALA B 80 4.59 17.62 -43.00
C ALA B 80 4.74 19.02 -43.60
N ASP B 81 5.82 19.20 -44.36
CA ASP B 81 6.09 20.49 -45.00
C ASP B 81 5.35 20.67 -46.32
N SER B 82 4.61 19.67 -46.78
CA SER B 82 3.90 19.75 -48.05
C SER B 82 2.41 20.02 -47.88
N VAL B 83 1.81 19.59 -46.78
CA VAL B 83 0.38 19.75 -46.58
C VAL B 83 0.07 20.59 -45.34
N ARG B 84 1.04 21.37 -44.88
CA ARG B 84 0.84 22.20 -43.69
C ARG B 84 -0.14 23.33 -43.99
N GLY B 85 -1.08 23.55 -43.08
CA GLY B 85 -2.06 24.61 -43.23
C GLY B 85 -3.25 24.25 -44.08
N ARG B 86 -3.29 23.06 -44.67
CA ARG B 86 -4.39 22.63 -45.51
C ARG B 86 -5.13 21.42 -44.94
N PHE B 87 -4.43 20.51 -44.27
CA PHE B 87 -5.04 19.32 -43.70
C PHE B 87 -5.46 19.60 -42.27
N THR B 88 -6.30 18.72 -41.72
CA THR B 88 -6.72 18.83 -40.33
C THR B 88 -6.92 17.42 -39.81
N ILE B 89 -5.93 16.89 -39.11
CA ILE B 89 -6.01 15.57 -38.51
C ILE B 89 -6.81 15.67 -37.22
N SER B 90 -7.68 14.70 -36.98
CA SER B 90 -8.54 14.72 -35.82
C SER B 90 -8.79 13.29 -35.38
N ARG B 91 -9.33 13.16 -34.17
CA ARG B 91 -9.47 11.85 -33.54
C ARG B 91 -10.63 11.85 -32.56
N ASP B 92 -11.34 10.72 -32.48
CA ASP B 92 -12.44 10.51 -31.55
C ASP B 92 -12.19 9.19 -30.85
N ASN B 93 -11.64 9.25 -29.63
CA ASN B 93 -11.36 8.04 -28.87
C ASN B 93 -12.62 7.36 -28.36
N SER B 94 -13.75 8.07 -28.30
CA SER B 94 -14.97 7.44 -27.84
C SER B 94 -15.49 6.41 -28.85
N LYS B 95 -15.14 6.57 -30.11
CA LYS B 95 -15.53 5.64 -31.16
C LYS B 95 -14.35 4.90 -31.76
N ASN B 96 -13.14 5.10 -31.23
CA ASN B 96 -11.90 4.50 -31.74
C ASN B 96 -11.73 4.82 -33.23
N THR B 97 -12.12 6.03 -33.62
CA THR B 97 -12.15 6.44 -35.01
C THR B 97 -11.16 7.55 -35.25
N LEU B 98 -10.24 7.34 -36.18
CA LEU B 98 -9.35 8.39 -36.64
C LEU B 98 -9.97 9.09 -37.84
N ASN B 99 -9.76 10.39 -37.93
CA ASN B 99 -10.36 11.19 -38.99
C ASN B 99 -9.30 12.10 -39.60
N LEU B 100 -9.53 12.48 -40.87
CA LEU B 100 -8.61 13.36 -41.58
C LEU B 100 -9.44 14.32 -42.44
N ASP B 101 -9.71 15.51 -41.92
CA ASP B 101 -10.26 16.57 -42.74
C ASP B 101 -9.20 17.01 -43.75
N MET B 102 -9.65 17.25 -44.99
CA MET B 102 -8.74 17.34 -46.12
C MET B 102 -9.29 18.36 -47.11
N ASN B 103 -8.65 19.53 -47.17
CA ASN B 103 -9.15 20.67 -47.91
C ASN B 103 -8.05 21.23 -48.81
N SER B 104 -8.45 22.14 -49.70
CA SER B 104 -7.54 22.89 -50.57
C SER B 104 -6.69 21.96 -51.43
N LEU B 105 -7.37 21.24 -52.31
CA LEU B 105 -6.73 20.19 -53.08
C LEU B 105 -5.94 20.75 -54.27
N ARG B 106 -5.02 19.94 -54.75
CA ARG B 106 -4.37 20.15 -56.04
C ARG B 106 -4.09 18.80 -56.67
N THR B 107 -3.67 18.84 -57.94
CA THR B 107 -3.53 17.62 -58.72
C THR B 107 -2.46 16.68 -58.16
N GLU B 108 -1.42 17.24 -57.55
CA GLU B 108 -0.35 16.42 -56.99
C GLU B 108 -0.81 15.58 -55.81
N ASP B 109 -1.91 15.97 -55.16
CA ASP B 109 -2.34 15.30 -53.93
C ASP B 109 -2.88 13.90 -54.15
N THR B 110 -3.07 13.47 -55.40
CA THR B 110 -3.55 12.11 -55.64
C THR B 110 -2.53 11.09 -55.15
N ALA B 111 -3.00 10.12 -54.39
CA ALA B 111 -2.16 9.11 -53.75
C ALA B 111 -3.07 8.03 -53.17
N LEU B 112 -2.47 7.11 -52.42
CA LEU B 112 -3.18 6.04 -51.73
C LEU B 112 -2.93 6.20 -50.24
N TYR B 113 -3.98 6.48 -49.48
CA TYR B 113 -3.84 6.90 -48.09
C TYR B 113 -3.92 5.69 -47.16
N TYR B 114 -2.98 5.62 -46.21
CA TYR B 114 -2.95 4.61 -45.18
C TYR B 114 -2.96 5.27 -43.80
N CYS B 115 -3.61 4.61 -42.84
CA CYS B 115 -3.54 5.02 -41.45
C CYS B 115 -2.65 4.03 -40.69
N ALA B 116 -1.71 4.56 -39.92
CA ALA B 116 -0.72 3.74 -39.24
C ALA B 116 -0.74 4.00 -37.75
N LYS B 117 -0.18 3.06 -36.99
CA LYS B 117 -0.07 3.15 -35.55
C LYS B 117 1.40 3.26 -35.15
N ASP B 118 1.70 4.14 -34.21
CA ASP B 118 3.06 4.27 -33.73
C ASP B 118 3.41 3.10 -32.81
N SER B 119 4.70 2.94 -32.55
CA SER B 119 5.20 1.85 -31.72
C SER B 119 5.43 2.25 -30.27
N GLN B 120 5.91 3.47 -30.04
CA GLN B 120 6.15 3.93 -28.67
C GLN B 120 4.82 4.10 -27.95
N LEU B 121 4.59 3.26 -26.94
CA LEU B 121 3.34 3.28 -26.20
C LEU B 121 3.22 4.58 -25.41
N ARG B 122 2.08 5.26 -25.57
CA ARG B 122 1.78 6.50 -24.85
C ARG B 122 2.88 7.53 -25.05
N SER B 123 3.36 7.66 -26.29
CA SER B 123 4.44 8.59 -26.58
C SER B 123 3.97 10.02 -26.41
N LEU B 124 4.88 10.87 -25.94
CA LEU B 124 4.61 12.28 -25.75
C LEU B 124 5.26 13.08 -26.86
N LEU B 125 4.47 13.90 -27.54
CA LEU B 125 4.95 14.78 -28.59
C LEU B 125 4.70 16.22 -28.14
N TYR B 126 5.77 16.94 -27.82
CA TYR B 126 5.66 18.30 -27.32
C TYR B 126 6.29 19.35 -28.22
N PHE B 127 7.14 18.96 -29.17
CA PHE B 127 7.78 19.91 -30.05
C PHE B 127 7.78 19.35 -31.47
N ASP B 128 8.37 20.09 -32.40
CA ASP B 128 8.27 19.81 -33.83
C ASP B 128 9.55 19.17 -34.39
N TRP B 129 10.26 18.39 -33.59
CA TRP B 129 11.37 17.61 -34.13
C TRP B 129 11.54 16.24 -33.47
N LEU B 130 10.66 15.84 -32.55
CA LEU B 130 10.85 14.66 -31.71
C LEU B 130 10.90 13.38 -32.53
N SER B 131 11.23 12.29 -31.84
CA SER B 131 11.44 10.98 -32.45
C SER B 131 10.14 10.18 -32.34
N GLN B 132 9.49 9.95 -33.48
CA GLN B 132 8.33 9.07 -33.49
C GLN B 132 8.78 7.62 -33.40
N GLY B 133 7.84 6.75 -33.07
CA GLY B 133 8.08 5.33 -33.16
C GLY B 133 7.91 4.82 -34.57
N TYR B 134 8.28 3.55 -34.77
CA TYR B 134 8.07 2.97 -36.09
C TYR B 134 6.61 2.56 -36.24
N PHE B 135 6.19 2.41 -37.49
CA PHE B 135 4.80 2.09 -37.78
C PHE B 135 4.56 0.59 -37.61
N ASP B 136 3.69 0.24 -36.66
CA ASP B 136 3.41 -1.17 -36.37
C ASP B 136 2.53 -1.78 -37.45
N HIS B 137 1.33 -1.25 -37.63
CA HIS B 137 0.35 -1.84 -38.52
C HIS B 137 -0.28 -0.75 -39.37
N TRP B 138 -0.77 -1.15 -40.55
CA TRP B 138 -1.21 -0.22 -41.56
C TRP B 138 -2.64 -0.54 -41.96
N GLY B 139 -3.32 0.46 -42.53
CA GLY B 139 -4.64 0.25 -43.07
C GLY B 139 -4.61 -0.39 -44.45
N GLN B 140 -5.78 -0.84 -44.90
CA GLN B 140 -5.84 -1.52 -46.19
C GLN B 140 -5.66 -0.57 -47.36
N GLY B 141 -5.82 0.73 -47.15
CA GLY B 141 -5.60 1.69 -48.20
C GLY B 141 -6.84 2.05 -48.99
N THR B 142 -7.10 3.35 -49.13
CA THR B 142 -8.20 3.84 -49.93
C THR B 142 -7.70 4.86 -50.93
N LEU B 143 -8.31 4.88 -52.11
CA LEU B 143 -7.86 5.71 -53.20
C LEU B 143 -8.48 7.10 -53.12
N VAL B 144 -7.63 8.12 -53.19
CA VAL B 144 -8.07 9.50 -53.36
C VAL B 144 -7.35 10.07 -54.59
N THR B 145 -8.11 10.74 -55.44
CA THR B 145 -7.55 11.31 -56.66
C THR B 145 -8.18 12.67 -56.94
N VAL B 146 -7.45 13.50 -57.66
CA VAL B 146 -7.84 14.86 -57.95
C VAL B 146 -7.95 15.00 -59.45
N SER B 147 -9.18 15.06 -59.96
CA SER B 147 -9.42 15.20 -61.39
C SER B 147 -10.74 15.92 -61.61
N SER B 148 -10.85 16.53 -62.78
CA SER B 148 -12.07 17.26 -63.13
C SER B 148 -13.00 16.38 -63.97
N GLY C 1 30.23 42.44 -26.40
CA GLY C 1 30.71 41.47 -27.35
C GLY C 1 29.68 40.40 -27.67
N ASP C 2 30.16 39.28 -28.22
CA ASP C 2 29.27 38.17 -28.56
C ASP C 2 28.78 37.49 -27.29
N THR C 3 27.47 37.23 -27.23
CA THR C 3 26.83 36.71 -26.03
C THR C 3 26.09 35.43 -26.36
N LEU C 4 26.33 34.39 -25.55
CA LEU C 4 25.64 33.11 -25.68
C LEU C 4 25.02 32.77 -24.33
N CYS C 5 23.72 32.51 -24.32
CA CYS C 5 23.00 32.27 -23.08
C CYS C 5 22.32 30.91 -23.11
N ILE C 6 22.02 30.40 -21.91
CA ILE C 6 21.38 29.11 -21.72
C ILE C 6 20.16 29.29 -20.85
N GLY C 7 19.02 28.78 -21.30
CA GLY C 7 17.79 28.94 -20.55
C GLY C 7 16.94 27.69 -20.53
N TYR C 8 15.62 27.86 -20.48
CA TYR C 8 14.71 26.73 -20.50
C TYR C 8 13.34 27.20 -20.96
N HIS C 9 12.55 26.24 -21.43
CA HIS C 9 11.29 26.55 -22.09
C HIS C 9 10.28 27.12 -21.11
N ALA C 10 9.45 28.05 -21.60
CA ALA C 10 8.39 28.65 -20.82
C ALA C 10 7.24 28.97 -21.77
N ASN C 11 6.01 28.79 -21.29
CA ASN C 11 4.83 28.98 -22.13
C ASN C 11 3.75 29.67 -21.32
N ASN C 12 2.54 29.65 -21.86
CA ASN C 12 1.36 30.26 -21.24
C ASN C 12 0.38 29.21 -20.75
N SER C 13 0.88 28.01 -20.43
CA SER C 13 0.01 26.96 -19.90
C SER C 13 -0.45 27.31 -18.50
N THR C 14 -1.72 27.04 -18.23
CA THR C 14 -2.31 27.32 -16.92
C THR C 14 -2.42 26.08 -16.05
N ASP C 15 -1.90 24.93 -16.52
CA ASP C 15 -2.03 23.69 -15.77
C ASP C 15 -1.15 23.72 -14.53
N THR C 16 -1.77 23.63 -13.36
CA THR C 16 -1.07 23.71 -12.09
C THR C 16 -0.96 22.33 -11.44
N VAL C 17 0.15 22.12 -10.75
CA VAL C 17 0.44 20.86 -10.09
C VAL C 17 1.06 21.15 -8.73
N ASP C 18 0.84 20.24 -7.79
CA ASP C 18 1.39 20.35 -6.45
C ASP C 18 2.54 19.36 -6.26
N THR C 19 3.51 19.77 -5.45
CA THR C 19 4.68 18.96 -5.14
C THR C 19 4.72 18.69 -3.63
N VAL C 20 5.80 18.07 -3.18
CA VAL C 20 5.91 17.76 -1.76
C VAL C 20 6.38 18.98 -0.97
N LEU C 21 7.07 19.93 -1.61
CA LEU C 21 7.56 21.09 -0.91
C LEU C 21 6.76 22.36 -1.18
N GLU C 22 6.05 22.43 -2.31
CA GLU C 22 5.20 23.57 -2.61
C GLU C 22 3.83 23.08 -3.05
N LYS C 23 2.91 24.03 -3.19
CA LYS C 23 1.61 23.77 -3.77
C LYS C 23 1.28 24.88 -4.76
N ASN C 24 0.40 24.57 -5.70
CA ASN C 24 -0.03 25.50 -6.75
C ASN C 24 1.17 26.00 -7.54
N VAL C 25 1.85 25.08 -8.20
CA VAL C 25 3.04 25.35 -9.00
C VAL C 25 2.71 25.12 -10.46
N THR C 26 2.92 26.13 -11.29
CA THR C 26 2.67 26.01 -12.71
C THR C 26 3.83 25.28 -13.38
N VAL C 27 3.48 24.38 -14.32
CA VAL C 27 4.47 23.68 -15.14
C VAL C 27 4.04 23.78 -16.59
N THR C 28 5.02 23.63 -17.48
CA THR C 28 4.75 23.78 -18.91
C THR C 28 3.81 22.71 -19.42
N HIS C 29 4.01 21.47 -19.02
CA HIS C 29 3.21 20.36 -19.50
C HIS C 29 2.91 19.41 -18.35
N SER C 30 1.74 18.78 -18.42
CA SER C 30 1.32 17.84 -17.39
C SER C 30 0.40 16.80 -18.01
N VAL C 31 0.32 15.65 -17.35
CA VAL C 31 -0.56 14.56 -17.77
C VAL C 31 -1.48 14.21 -16.61
N ASN C 32 -2.76 14.02 -16.92
CA ASN C 32 -3.75 13.71 -15.91
C ASN C 32 -3.69 12.23 -15.56
N LEU C 33 -3.87 11.91 -14.27
CA LEU C 33 -3.86 10.54 -13.79
C LEU C 33 -5.13 10.22 -13.01
N LEU C 34 -6.25 10.80 -13.40
CA LEU C 34 -7.48 10.63 -12.64
C LEU C 34 -8.66 10.82 -13.58
N GLU C 35 -9.51 9.81 -13.72
CA GLU C 35 -10.73 9.94 -14.50
C GLU C 35 -11.81 10.54 -13.60
N ASP C 36 -12.06 11.82 -13.77
CA ASP C 36 -13.22 12.48 -13.20
C ASP C 36 -14.33 12.67 -14.21
N LYS C 37 -14.22 12.01 -15.37
CA LYS C 37 -15.17 12.12 -16.46
C LYS C 37 -15.73 10.74 -16.79
N HIS C 38 -16.97 10.73 -17.30
CA HIS C 38 -17.62 9.49 -17.68
C HIS C 38 -18.67 9.80 -18.75
N ASN C 39 -19.05 8.77 -19.49
CA ASN C 39 -20.05 8.93 -20.53
C ASN C 39 -21.47 9.00 -19.97
N GLY C 40 -21.69 8.55 -18.75
CA GLY C 40 -23.00 8.67 -18.13
C GLY C 40 -24.06 7.75 -18.67
N LYS C 41 -23.68 6.73 -19.44
CA LYS C 41 -24.63 5.76 -19.98
C LYS C 41 -24.11 4.36 -19.73
N LEU C 42 -25.01 3.46 -19.30
CA LEU C 42 -24.62 2.07 -19.10
C LEU C 42 -24.26 1.41 -20.42
N CYS C 43 -23.20 0.61 -20.40
CA CYS C 43 -22.62 0.07 -21.63
C CYS C 43 -22.30 -1.41 -21.40
N LYS C 44 -21.57 -1.99 -22.33
CA LYS C 44 -21.29 -3.42 -22.33
C LYS C 44 -19.90 -3.72 -21.80
N LEU C 45 -19.76 -4.91 -21.23
CA LEU C 45 -18.46 -5.48 -20.85
C LEU C 45 -18.21 -6.72 -21.69
N ARG C 46 -16.96 -6.90 -22.11
CA ARG C 46 -16.53 -8.01 -22.97
C ARG C 46 -17.35 -8.10 -24.26
N GLY C 47 -17.94 -6.99 -24.69
CA GLY C 47 -18.75 -7.00 -25.89
C GLY C 47 -20.08 -7.71 -25.75
N VAL C 48 -20.58 -7.85 -24.53
CA VAL C 48 -21.83 -8.56 -24.26
C VAL C 48 -22.79 -7.61 -23.58
N ALA C 49 -24.03 -7.54 -24.07
CA ALA C 49 -25.02 -6.63 -23.52
C ALA C 49 -25.44 -7.08 -22.13
N PRO C 50 -25.49 -6.19 -21.15
CA PRO C 50 -26.05 -6.56 -19.85
C PRO C 50 -27.55 -6.80 -19.97
N LEU C 51 -28.05 -7.67 -19.10
CA LEU C 51 -29.47 -8.00 -19.10
C LEU C 51 -30.21 -6.96 -18.26
N HIS C 52 -30.94 -6.06 -18.93
CA HIS C 52 -31.67 -5.01 -18.23
C HIS C 52 -32.99 -5.55 -17.69
N LEU C 53 -33.43 -4.98 -16.58
CA LEU C 53 -34.63 -5.46 -15.90
C LEU C 53 -35.77 -4.46 -15.90
N GLY C 54 -35.49 -3.17 -15.80
CA GLY C 54 -36.56 -2.19 -15.71
C GLY C 54 -37.32 -2.36 -14.40
N LYS C 55 -38.64 -2.49 -14.51
CA LYS C 55 -39.49 -2.66 -13.34
C LYS C 55 -39.26 -3.99 -12.63
N CYS C 56 -38.58 -4.94 -13.26
CA CYS C 56 -38.27 -6.19 -12.58
C CYS C 56 -37.03 -6.07 -11.72
N ASN C 57 -36.86 -7.05 -10.84
CA ASN C 57 -35.59 -7.33 -10.19
C ASN C 57 -35.18 -8.76 -10.55
N ILE C 58 -34.09 -9.23 -9.93
CA ILE C 58 -33.58 -10.55 -10.26
C ILE C 58 -34.58 -11.64 -9.88
N ALA C 59 -35.19 -11.51 -8.70
CA ALA C 59 -36.17 -12.50 -8.26
C ALA C 59 -37.37 -12.53 -9.19
N GLY C 60 -37.83 -11.37 -9.65
CA GLY C 60 -38.99 -11.31 -10.52
C GLY C 60 -38.74 -11.85 -11.91
N TRP C 61 -37.51 -11.77 -12.40
CA TRP C 61 -37.22 -12.34 -13.70
C TRP C 61 -36.90 -13.83 -13.64
N ILE C 62 -36.19 -14.26 -12.60
CA ILE C 62 -35.95 -15.69 -12.44
C ILE C 62 -37.25 -16.44 -12.18
N LEU C 63 -38.18 -15.83 -11.45
CA LEU C 63 -39.47 -16.46 -11.23
C LEU C 63 -40.50 -16.10 -12.29
N GLY C 64 -40.21 -15.17 -13.19
CA GLY C 64 -41.12 -14.86 -14.27
C GLY C 64 -42.39 -14.15 -13.84
N ASN C 65 -42.26 -12.90 -13.43
CA ASN C 65 -43.41 -12.12 -12.98
C ASN C 65 -44.35 -11.83 -14.15
N PRO C 66 -45.63 -11.61 -13.87
CA PRO C 66 -46.55 -11.20 -14.94
C PRO C 66 -46.14 -9.92 -15.64
N GLU C 67 -45.61 -8.95 -14.88
CA GLU C 67 -45.09 -7.73 -15.48
C GLU C 67 -43.74 -7.92 -16.14
N CYS C 68 -43.12 -9.09 -15.97
CA CYS C 68 -41.72 -9.27 -16.35
C CYS C 68 -41.54 -10.17 -17.56
N GLU C 69 -42.61 -10.79 -18.07
CA GLU C 69 -42.47 -11.69 -19.21
C GLU C 69 -42.13 -10.93 -20.48
N SER C 70 -42.35 -9.61 -20.50
CA SER C 70 -42.10 -8.82 -21.69
C SER C 70 -40.62 -8.59 -21.98
N LEU C 71 -39.73 -8.89 -21.04
CA LEU C 71 -38.30 -8.69 -21.27
C LEU C 71 -37.79 -9.65 -22.35
N SER C 72 -36.82 -9.17 -23.12
CA SER C 72 -36.18 -9.99 -24.15
C SER C 72 -34.98 -10.69 -23.52
N THR C 73 -35.08 -11.99 -23.31
CA THR C 73 -33.95 -12.75 -22.80
C THR C 73 -32.87 -12.85 -23.86
N ALA C 74 -31.64 -13.04 -23.40
CA ALA C 74 -30.49 -13.15 -24.29
C ALA C 74 -29.74 -14.44 -23.98
N SER C 75 -28.94 -14.88 -24.95
CA SER C 75 -28.14 -16.08 -24.75
C SER C 75 -27.10 -15.89 -23.65
N SER C 76 -26.62 -14.67 -23.46
CA SER C 76 -25.61 -14.42 -22.45
C SER C 76 -25.70 -12.96 -22.00
N TRP C 77 -25.11 -12.69 -20.85
CA TRP C 77 -25.02 -11.33 -20.34
C TRP C 77 -23.85 -11.25 -19.37
N SER C 78 -23.31 -10.04 -19.21
CA SER C 78 -22.16 -9.83 -18.32
C SER C 78 -22.61 -9.58 -16.89
N TYR C 79 -23.44 -8.55 -16.68
CA TYR C 79 -23.91 -8.18 -15.35
C TYR C 79 -25.40 -7.91 -15.43
N ILE C 80 -25.96 -7.49 -14.30
CA ILE C 80 -27.41 -7.32 -14.16
C ILE C 80 -27.69 -5.87 -13.76
N VAL C 81 -28.62 -5.24 -14.46
CA VAL C 81 -29.02 -3.86 -14.20
C VAL C 81 -30.32 -3.85 -13.42
N GLU C 82 -30.36 -3.08 -12.35
CA GLU C 82 -31.55 -2.87 -11.55
C GLU C 82 -31.90 -1.39 -11.53
N THR C 83 -33.04 -1.08 -10.92
CA THR C 83 -33.39 0.31 -10.70
C THR C 83 -33.90 0.48 -9.27
N PRO C 84 -33.67 1.65 -8.67
CA PRO C 84 -34.19 1.88 -7.31
C PRO C 84 -35.70 1.84 -7.22
N SER C 85 -36.41 2.03 -8.32
CA SER C 85 -37.87 1.95 -8.33
C SER C 85 -38.38 0.53 -8.53
N SER C 86 -37.50 -0.46 -8.59
CA SER C 86 -37.91 -1.84 -8.82
C SER C 86 -38.39 -2.44 -7.51
N ASP C 87 -39.68 -2.75 -7.43
CA ASP C 87 -40.25 -3.50 -6.32
C ASP C 87 -41.07 -4.68 -6.80
N ASN C 88 -41.02 -5.00 -8.10
CA ASN C 88 -41.78 -6.12 -8.66
C ASN C 88 -40.92 -7.37 -8.55
N GLY C 89 -40.86 -7.90 -7.33
CA GLY C 89 -40.11 -9.10 -7.06
C GLY C 89 -40.98 -10.27 -6.70
N THR C 90 -41.06 -10.55 -5.40
CA THR C 90 -41.83 -11.69 -4.90
C THR C 90 -43.29 -11.26 -4.81
N CYS C 91 -44.09 -11.64 -5.81
CA CYS C 91 -45.51 -11.33 -5.81
C CYS C 91 -46.21 -11.92 -4.60
N TYR C 92 -46.22 -13.24 -4.49
CA TYR C 92 -46.84 -13.89 -3.36
C TYR C 92 -45.92 -13.72 -2.15
N PRO C 93 -46.38 -13.10 -1.06
CA PRO C 93 -45.45 -12.72 0.02
C PRO C 93 -44.77 -13.93 0.63
N GLY C 94 -43.49 -13.76 0.95
CA GLY C 94 -42.74 -14.87 1.50
C GLY C 94 -41.26 -14.52 1.62
N ASP C 95 -40.50 -15.54 2.04
CA ASP C 95 -39.07 -15.44 2.23
C ASP C 95 -38.36 -16.27 1.18
N PHE C 96 -37.49 -15.63 0.41
CA PHE C 96 -36.71 -16.30 -0.63
C PHE C 96 -35.39 -16.73 0.02
N ILE C 97 -35.32 -17.99 0.43
CA ILE C 97 -34.13 -18.48 1.10
C ILE C 97 -32.98 -18.57 0.11
N ASP C 98 -31.80 -18.13 0.54
CA ASP C 98 -30.59 -18.07 -0.29
C ASP C 98 -30.78 -17.15 -1.48
N TYR C 99 -31.56 -16.08 -1.30
CA TYR C 99 -31.86 -15.15 -2.39
C TYR C 99 -30.59 -14.48 -2.89
N GLU C 100 -29.78 -13.92 -1.98
CA GLU C 100 -28.57 -13.23 -2.38
C GLU C 100 -27.59 -14.17 -3.06
N GLU C 101 -27.58 -15.44 -2.64
CA GLU C 101 -26.73 -16.42 -3.31
C GLU C 101 -27.20 -16.66 -4.74
N LEU C 102 -28.51 -16.72 -4.95
CA LEU C 102 -29.04 -16.83 -6.31
C LEU C 102 -28.66 -15.62 -7.14
N ARG C 103 -28.72 -14.43 -6.54
CA ARG C 103 -28.33 -13.22 -7.26
C ARG C 103 -26.86 -13.25 -7.65
N GLU C 104 -26.00 -13.73 -6.75
CA GLU C 104 -24.57 -13.73 -7.03
C GLU C 104 -24.18 -14.80 -8.03
N GLN C 105 -24.78 -16.00 -7.94
CA GLN C 105 -24.45 -17.06 -8.87
C GLN C 105 -24.87 -16.74 -10.29
N LEU C 106 -25.94 -15.95 -10.45
CA LEU C 106 -26.57 -15.73 -11.74
C LEU C 106 -26.06 -14.49 -12.45
N SER C 107 -24.94 -13.93 -11.99
CA SER C 107 -24.48 -12.65 -12.52
C SER C 107 -23.93 -12.79 -13.94
N SER C 108 -23.08 -13.78 -14.17
CA SER C 108 -22.38 -13.90 -15.45
C SER C 108 -22.55 -15.31 -15.99
N VAL C 109 -23.14 -15.42 -17.18
CA VAL C 109 -23.26 -16.68 -17.89
C VAL C 109 -22.85 -16.45 -19.34
N SER C 110 -22.57 -17.55 -20.04
CA SER C 110 -22.20 -17.50 -21.45
C SER C 110 -23.19 -18.19 -22.37
N SER C 111 -24.04 -19.06 -21.86
CA SER C 111 -25.12 -19.66 -22.65
C SER C 111 -26.30 -19.89 -21.72
N PHE C 112 -27.48 -19.48 -22.14
CA PHE C 112 -28.65 -19.48 -21.27
C PHE C 112 -29.87 -19.88 -22.10
N GLU C 113 -30.43 -21.05 -21.78
CA GLU C 113 -31.51 -21.63 -22.57
C GLU C 113 -32.64 -22.02 -21.62
N ARG C 114 -33.68 -21.19 -21.55
CA ARG C 114 -34.86 -21.55 -20.79
C ARG C 114 -35.60 -22.68 -21.49
N PHE C 115 -35.92 -23.74 -20.76
CA PHE C 115 -36.62 -24.88 -21.31
C PHE C 115 -37.63 -25.39 -20.29
N GLU C 116 -38.55 -26.22 -20.76
CA GLU C 116 -39.65 -26.73 -19.94
C GLU C 116 -39.27 -28.13 -19.46
N ILE C 117 -38.95 -28.26 -18.17
CA ILE C 117 -38.66 -29.57 -17.61
C ILE C 117 -39.89 -30.46 -17.66
N PHE C 118 -40.94 -30.06 -16.95
CA PHE C 118 -42.20 -30.79 -16.96
C PHE C 118 -43.22 -29.98 -17.74
N PRO C 119 -43.65 -30.45 -18.92
CA PRO C 119 -44.71 -29.73 -19.64
C PRO C 119 -45.98 -29.64 -18.82
N LYS C 120 -46.64 -28.48 -18.90
CA LYS C 120 -47.81 -28.23 -18.06
C LYS C 120 -49.00 -29.09 -18.48
N THR C 121 -49.13 -29.36 -19.77
CA THR C 121 -50.31 -30.05 -20.28
C THR C 121 -50.19 -31.57 -20.24
N SER C 122 -49.04 -32.13 -19.87
CA SER C 122 -48.84 -33.57 -19.95
C SER C 122 -48.22 -34.20 -18.71
N SER C 123 -47.53 -33.45 -17.87
CA SER C 123 -46.76 -34.04 -16.78
C SER C 123 -47.57 -34.22 -15.49
N TRP C 124 -48.85 -33.84 -15.47
CA TRP C 124 -49.71 -34.03 -14.31
C TRP C 124 -51.02 -34.66 -14.74
N PRO C 125 -51.01 -35.97 -15.06
CA PRO C 125 -52.27 -36.64 -15.39
C PRO C 125 -53.25 -36.70 -14.23
N ASN C 126 -52.74 -36.83 -13.00
CA ASN C 126 -53.59 -37.00 -11.83
C ASN C 126 -53.90 -35.68 -11.12
N HIS C 127 -53.38 -34.57 -11.61
CA HIS C 127 -53.55 -33.27 -10.96
C HIS C 127 -53.99 -32.23 -11.97
N ASP C 128 -54.71 -31.23 -11.48
CA ASP C 128 -55.10 -30.08 -12.30
C ASP C 128 -54.19 -28.90 -11.99
N SER C 129 -54.00 -28.04 -12.99
CA SER C 129 -53.10 -26.92 -12.88
C SER C 129 -53.69 -25.61 -13.38
N ASN C 130 -54.93 -25.63 -13.90
CA ASN C 130 -55.56 -24.41 -14.36
C ASN C 130 -56.30 -23.67 -13.26
N LYS C 131 -56.58 -24.33 -12.14
CA LYS C 131 -57.21 -23.68 -11.01
C LYS C 131 -56.22 -22.94 -10.12
N GLY C 132 -54.92 -23.02 -10.42
CA GLY C 132 -53.94 -22.38 -9.57
C GLY C 132 -53.63 -20.96 -9.99
N VAL C 133 -54.30 -20.01 -9.33
CA VAL C 133 -54.10 -18.58 -9.54
C VAL C 133 -54.16 -17.90 -8.18
N THR C 134 -53.58 -16.70 -8.11
CA THR C 134 -53.55 -15.95 -6.87
C THR C 134 -53.80 -14.47 -7.14
N ALA C 135 -54.34 -13.80 -6.14
CA ALA C 135 -54.59 -12.36 -6.20
C ALA C 135 -53.42 -11.55 -5.67
N ALA C 136 -52.29 -12.20 -5.35
CA ALA C 136 -51.14 -11.48 -4.83
C ALA C 136 -50.62 -10.46 -5.83
N CYS C 137 -50.52 -10.85 -7.10
CA CYS C 137 -50.25 -9.87 -8.15
C CYS C 137 -50.95 -10.32 -9.43
N PRO C 138 -51.81 -9.47 -9.97
CA PRO C 138 -52.60 -9.85 -11.15
C PRO C 138 -51.96 -9.44 -12.47
N HIS C 139 -52.31 -10.20 -13.50
CA HIS C 139 -51.97 -9.85 -14.88
C HIS C 139 -53.21 -9.28 -15.53
N ALA C 140 -53.20 -7.96 -15.78
CA ALA C 140 -54.33 -7.25 -16.37
C ALA C 140 -55.60 -7.44 -15.55
N GLY C 141 -55.47 -7.40 -14.23
CA GLY C 141 -56.62 -7.50 -13.34
C GLY C 141 -57.14 -8.89 -13.10
N ALA C 142 -56.49 -9.92 -13.64
CA ALA C 142 -56.90 -11.30 -13.45
C ALA C 142 -55.86 -12.03 -12.62
N LYS C 143 -56.32 -12.90 -11.72
CA LYS C 143 -55.42 -13.65 -10.85
C LYS C 143 -54.45 -14.49 -11.68
N SER C 144 -53.15 -14.35 -11.37
CA SER C 144 -52.12 -15.00 -12.18
C SER C 144 -50.91 -15.31 -11.32
N PHE C 145 -50.48 -16.58 -11.35
CA PHE C 145 -49.23 -17.03 -10.76
C PHE C 145 -48.11 -16.95 -11.79
N TYR C 146 -46.87 -17.04 -11.30
CA TYR C 146 -45.64 -16.93 -12.07
C TYR C 146 -45.64 -17.79 -13.31
N LYS C 147 -44.86 -17.40 -14.33
CA LYS C 147 -44.77 -18.22 -15.53
C LYS C 147 -43.92 -19.47 -15.29
N ASN C 148 -42.94 -19.39 -14.39
CA ASN C 148 -41.98 -20.47 -14.19
C ASN C 148 -42.39 -21.46 -13.10
N LEU C 149 -43.49 -21.20 -12.39
CA LEU C 149 -43.99 -22.08 -11.35
C LEU C 149 -45.44 -22.43 -11.62
N ILE C 150 -45.90 -23.54 -11.04
CA ILE C 150 -47.28 -23.98 -11.17
C ILE C 150 -47.83 -24.33 -9.80
N TRP C 151 -48.95 -23.70 -9.43
CA TRP C 151 -49.71 -24.14 -8.27
C TRP C 151 -50.32 -25.51 -8.54
N LEU C 152 -50.28 -26.39 -7.55
CA LEU C 152 -50.85 -27.73 -7.69
C LEU C 152 -52.04 -27.88 -6.76
N VAL C 153 -53.23 -27.59 -7.27
CA VAL C 153 -54.46 -27.86 -6.57
C VAL C 153 -54.80 -29.34 -6.73
N LYS C 154 -55.53 -29.88 -5.77
CA LYS C 154 -56.08 -31.22 -5.93
C LYS C 154 -57.01 -31.28 -7.12
N LYS C 155 -56.91 -32.37 -7.90
CA LYS C 155 -57.73 -32.54 -9.09
C LYS C 155 -59.19 -32.80 -8.76
N GLY C 156 -59.51 -33.05 -7.50
CA GLY C 156 -60.87 -33.36 -7.07
C GLY C 156 -60.96 -33.25 -5.57
N ASN C 157 -61.66 -34.18 -4.92
CA ASN C 157 -61.71 -34.21 -3.47
C ASN C 157 -60.53 -34.98 -2.87
N SER C 158 -59.61 -35.46 -3.69
CA SER C 158 -58.44 -36.21 -3.24
C SER C 158 -57.20 -35.68 -3.92
N TYR C 159 -56.08 -35.74 -3.20
CA TYR C 159 -54.78 -35.31 -3.72
C TYR C 159 -53.87 -36.52 -3.82
N PRO C 160 -53.70 -37.10 -5.00
CA PRO C 160 -52.78 -38.24 -5.14
C PRO C 160 -51.34 -37.80 -4.90
N LYS C 161 -50.53 -38.76 -4.43
CA LYS C 161 -49.13 -38.48 -4.16
C LYS C 161 -48.41 -38.11 -5.45
N LEU C 162 -47.66 -37.01 -5.42
CA LEU C 162 -46.94 -36.51 -6.58
C LEU C 162 -45.51 -37.03 -6.54
N SER C 163 -45.01 -37.42 -7.71
CA SER C 163 -43.64 -37.93 -7.83
C SER C 163 -43.17 -37.72 -9.25
N LYS C 164 -42.27 -36.75 -9.43
CA LYS C 164 -41.70 -36.45 -10.73
C LYS C 164 -40.20 -36.28 -10.58
N SER C 165 -39.48 -36.48 -11.69
CA SER C 165 -38.03 -36.39 -11.66
C SER C 165 -37.52 -35.90 -12.99
N TYR C 166 -36.30 -35.37 -12.98
CA TYR C 166 -35.64 -34.90 -14.18
C TYR C 166 -34.21 -35.42 -14.21
N ILE C 167 -33.79 -35.86 -15.40
CA ILE C 167 -32.43 -36.31 -15.63
C ILE C 167 -31.75 -35.24 -16.47
N ASN C 168 -30.62 -34.73 -15.98
CA ASN C 168 -29.92 -33.69 -16.69
C ASN C 168 -29.14 -34.27 -17.86
N ASP C 169 -29.34 -33.69 -19.05
CA ASP C 169 -28.63 -34.13 -20.24
C ASP C 169 -28.17 -32.95 -21.09
N LYS C 170 -28.32 -31.71 -20.61
CA LYS C 170 -27.94 -30.54 -21.38
C LYS C 170 -26.44 -30.37 -21.52
N GLY C 171 -25.64 -31.12 -20.75
CA GLY C 171 -24.21 -30.90 -20.75
C GLY C 171 -23.76 -29.66 -20.02
N LYS C 172 -24.65 -29.06 -19.24
CA LYS C 172 -24.35 -27.82 -18.52
C LYS C 172 -25.23 -27.76 -17.28
N GLU C 173 -24.84 -26.91 -16.34
CA GLU C 173 -25.54 -26.81 -15.07
C GLU C 173 -26.94 -26.25 -15.27
N VAL C 174 -27.91 -26.87 -14.60
CA VAL C 174 -29.32 -26.49 -14.71
C VAL C 174 -29.87 -26.29 -13.31
N LEU C 175 -30.46 -25.12 -13.06
CA LEU C 175 -31.05 -24.82 -11.77
C LEU C 175 -32.55 -25.03 -11.83
N VAL C 176 -33.13 -25.37 -10.67
CA VAL C 176 -34.56 -25.68 -10.57
C VAL C 176 -35.15 -24.80 -9.47
N LEU C 177 -36.26 -24.14 -9.78
CA LEU C 177 -36.93 -23.23 -8.87
C LEU C 177 -38.26 -23.84 -8.41
N TRP C 178 -38.52 -23.79 -7.11
CA TRP C 178 -39.78 -24.24 -6.57
C TRP C 178 -40.03 -23.50 -5.27
N GLY C 179 -41.02 -23.93 -4.51
CA GLY C 179 -41.32 -23.30 -3.24
C GLY C 179 -42.36 -24.08 -2.49
N ILE C 180 -42.63 -23.64 -1.26
CA ILE C 180 -43.52 -24.34 -0.35
C ILE C 180 -44.57 -23.36 0.15
N HIS C 181 -45.84 -23.74 0.00
CA HIS C 181 -46.94 -22.88 0.38
C HIS C 181 -47.36 -23.13 1.83
N HIS C 182 -47.57 -22.06 2.58
CA HIS C 182 -47.97 -22.12 3.97
C HIS C 182 -49.27 -21.35 4.16
N PRO C 183 -50.41 -22.03 4.18
CA PRO C 183 -51.71 -21.33 4.17
C PRO C 183 -52.04 -20.63 5.48
N SER C 184 -53.26 -20.10 5.57
CA SER C 184 -53.68 -19.34 6.74
C SER C 184 -54.30 -20.23 7.82
N THR C 185 -55.27 -21.06 7.46
CA THR C 185 -55.99 -21.87 8.43
C THR C 185 -56.17 -23.27 7.88
N SER C 186 -56.42 -24.22 8.78
CA SER C 186 -56.65 -25.60 8.36
C SER C 186 -57.88 -25.72 7.47
N ALA C 187 -58.84 -24.81 7.61
CA ALA C 187 -59.99 -24.80 6.72
C ALA C 187 -59.57 -24.52 5.29
N ASP C 188 -58.64 -23.59 5.10
CA ASP C 188 -58.13 -23.32 3.75
C ASP C 188 -57.18 -24.44 3.30
N GLN C 189 -56.50 -25.09 4.24
CA GLN C 189 -55.69 -26.27 3.91
C GLN C 189 -56.54 -27.40 3.33
N GLN C 190 -57.64 -27.75 4.00
CA GLN C 190 -58.43 -28.87 3.54
C GLN C 190 -59.16 -28.57 2.25
N SER C 191 -59.41 -27.30 1.94
CA SER C 191 -60.01 -26.92 0.67
C SER C 191 -59.00 -26.69 -0.43
N LEU C 192 -57.71 -26.85 -0.14
CA LEU C 192 -56.65 -26.63 -1.13
C LEU C 192 -55.87 -27.89 -1.45
N TYR C 193 -55.62 -28.75 -0.46
CA TYR C 193 -54.92 -30.02 -0.68
C TYR C 193 -55.58 -31.23 -0.04
N GLN C 194 -56.49 -31.03 0.92
CA GLN C 194 -57.28 -32.07 1.59
C GLN C 194 -56.43 -32.95 2.51
N ASN C 195 -55.11 -32.79 2.51
CA ASN C 195 -54.22 -33.60 3.33
C ASN C 195 -53.67 -32.72 4.45
N ALA C 196 -54.21 -32.90 5.66
CA ALA C 196 -53.73 -32.16 6.81
C ALA C 196 -52.28 -32.53 7.13
N ASP C 197 -52.03 -33.81 7.40
CA ASP C 197 -50.67 -34.31 7.65
C ASP C 197 -50.00 -34.50 6.29
N THR C 198 -49.33 -33.46 5.82
CA THR C 198 -48.75 -33.42 4.50
C THR C 198 -47.28 -33.03 4.61
N TYR C 199 -46.50 -33.38 3.58
CA TYR C 199 -45.08 -33.15 3.60
C TYR C 199 -44.57 -32.96 2.18
N VAL C 200 -43.38 -32.38 2.07
CA VAL C 200 -42.71 -32.18 0.79
C VAL C 200 -41.27 -32.62 0.93
N PHE C 201 -40.72 -33.23 -0.12
CA PHE C 201 -39.31 -33.58 -0.16
C PHE C 201 -38.74 -33.22 -1.52
N VAL C 202 -37.47 -32.81 -1.52
CA VAL C 202 -36.70 -32.57 -2.73
C VAL C 202 -35.35 -33.24 -2.56
N GLY C 203 -34.90 -33.95 -3.59
CA GLY C 203 -33.64 -34.67 -3.51
C GLY C 203 -32.82 -34.52 -4.78
N SER C 204 -31.51 -34.72 -4.61
CA SER C 204 -30.54 -34.70 -5.70
C SER C 204 -29.28 -35.39 -5.20
N SER C 205 -28.19 -35.29 -5.96
CA SER C 205 -26.96 -35.94 -5.55
C SER C 205 -26.28 -35.22 -4.39
N ARG C 206 -26.59 -33.94 -4.17
CA ARG C 206 -25.98 -33.18 -3.09
C ARG C 206 -26.97 -32.40 -2.22
N TYR C 207 -28.21 -32.20 -2.67
CA TYR C 207 -29.20 -31.45 -1.92
C TYR C 207 -30.32 -32.38 -1.48
N SER C 208 -30.75 -32.24 -0.24
CA SER C 208 -31.84 -33.06 0.30
C SER C 208 -32.42 -32.36 1.52
N LYS C 209 -33.72 -32.09 1.48
CA LYS C 209 -34.37 -31.39 2.57
C LYS C 209 -35.86 -31.66 2.51
N LYS C 210 -36.46 -32.00 3.66
CA LYS C 210 -37.89 -32.21 3.76
C LYS C 210 -38.54 -30.94 4.30
N PHE C 211 -39.45 -30.37 3.51
CA PHE C 211 -40.13 -29.12 3.86
C PHE C 211 -41.48 -29.48 4.45
N LYS C 212 -41.58 -29.42 5.78
CA LYS C 212 -42.85 -29.67 6.43
C LYS C 212 -43.70 -28.41 6.38
N PRO C 213 -44.91 -28.46 5.81
CA PRO C 213 -45.76 -27.27 5.78
C PRO C 213 -46.17 -26.85 7.18
N GLU C 214 -46.30 -25.53 7.36
CA GLU C 214 -46.76 -24.95 8.61
C GLU C 214 -48.03 -24.15 8.37
N ILE C 215 -48.91 -24.13 9.36
CA ILE C 215 -50.19 -23.44 9.26
C ILE C 215 -50.28 -22.45 10.41
N ALA C 216 -50.61 -21.20 10.08
CA ALA C 216 -50.69 -20.12 11.05
C ALA C 216 -51.31 -18.91 10.38
N ILE C 217 -51.67 -17.92 11.20
CA ILE C 217 -52.29 -16.68 10.73
C ILE C 217 -51.21 -15.61 10.68
N ARG C 218 -50.85 -15.20 9.48
CA ARG C 218 -49.78 -14.23 9.25
C ARG C 218 -50.35 -12.84 9.04
N PRO C 219 -49.54 -11.80 9.25
CA PRO C 219 -50.02 -10.45 8.93
C PRO C 219 -50.26 -10.29 7.44
N LYS C 220 -51.22 -9.43 7.10
CA LYS C 220 -51.62 -9.26 5.71
C LYS C 220 -50.59 -8.45 4.96
N VAL C 221 -49.99 -9.06 3.93
CA VAL C 221 -49.07 -8.39 3.02
C VAL C 221 -49.56 -8.61 1.61
N ARG C 222 -49.71 -7.52 0.85
CA ARG C 222 -50.37 -7.54 -0.46
C ARG C 222 -51.73 -8.22 -0.37
N ASP C 223 -52.52 -7.77 0.60
CA ASP C 223 -53.86 -8.24 0.97
C ASP C 223 -54.03 -9.75 0.88
N GLN C 224 -53.01 -10.49 1.31
CA GLN C 224 -53.06 -11.95 1.31
C GLN C 224 -52.57 -12.47 2.65
N GLU C 225 -53.34 -13.41 3.22
CA GLU C 225 -53.07 -13.91 4.56
C GLU C 225 -51.90 -14.89 4.60
N GLY C 226 -51.70 -15.66 3.53
CA GLY C 226 -50.77 -16.76 3.54
C GLY C 226 -49.33 -16.34 3.38
N ARG C 227 -48.46 -17.34 3.22
CA ARG C 227 -47.03 -17.13 3.10
C ARG C 227 -46.47 -18.26 2.25
N MET C 228 -45.30 -18.02 1.64
CA MET C 228 -44.69 -19.01 0.76
C MET C 228 -43.18 -18.81 0.69
N ASN C 229 -42.43 -19.85 1.02
CA ASN C 229 -40.97 -19.81 1.00
C ASN C 229 -40.47 -20.42 -0.31
N TYR C 230 -39.74 -19.63 -1.08
CA TYR C 230 -39.19 -20.07 -2.37
C TYR C 230 -37.78 -20.59 -2.18
N TYR C 231 -37.43 -21.61 -2.97
CA TYR C 231 -36.14 -22.27 -2.89
C TYR C 231 -35.52 -22.39 -4.27
N TRP C 232 -34.24 -22.74 -4.29
CA TRP C 232 -33.54 -23.03 -5.54
C TRP C 232 -32.40 -23.98 -5.24
N THR C 233 -31.95 -24.67 -6.29
CA THR C 233 -30.83 -25.59 -6.17
C THR C 233 -30.21 -25.78 -7.54
N LEU C 234 -28.99 -26.32 -7.55
CA LEU C 234 -28.26 -26.61 -8.76
C LEU C 234 -28.25 -28.11 -9.02
N VAL C 235 -28.31 -28.49 -10.29
CA VAL C 235 -28.27 -29.88 -10.71
C VAL C 235 -27.10 -30.04 -11.67
N GLU C 236 -26.20 -30.98 -11.36
CA GLU C 236 -25.06 -31.25 -12.21
C GLU C 236 -25.50 -32.01 -13.46
N PRO C 237 -24.68 -32.00 -14.52
CA PRO C 237 -24.98 -32.86 -15.67
C PRO C 237 -25.00 -34.33 -15.28
N GLY C 238 -25.93 -35.07 -15.87
CA GLY C 238 -26.07 -36.48 -15.56
C GLY C 238 -26.64 -36.77 -14.19
N ASP C 239 -27.31 -35.81 -13.56
CA ASP C 239 -27.84 -35.96 -12.22
C ASP C 239 -29.35 -36.13 -12.28
N LYS C 240 -29.96 -36.31 -11.10
CA LYS C 240 -31.39 -36.48 -10.97
C LYS C 240 -31.91 -35.61 -9.85
N ILE C 241 -33.01 -34.90 -10.11
CA ILE C 241 -33.73 -34.16 -9.09
C ILE C 241 -35.08 -34.82 -8.89
N THR C 242 -35.58 -34.78 -7.67
CA THR C 242 -36.80 -35.50 -7.30
C THR C 242 -37.74 -34.57 -6.55
N PHE C 243 -39.02 -34.66 -6.87
CA PHE C 243 -40.07 -33.88 -6.19
C PHE C 243 -41.17 -34.84 -5.75
N GLU C 244 -41.23 -35.14 -4.46
CA GLU C 244 -42.23 -36.01 -3.89
C GLU C 244 -42.97 -35.26 -2.79
N ALA C 245 -44.28 -35.13 -2.92
CA ALA C 245 -45.05 -34.39 -1.93
C ALA C 245 -46.51 -34.80 -2.00
N THR C 246 -47.25 -34.46 -0.96
CA THR C 246 -48.68 -34.68 -0.90
C THR C 246 -49.48 -33.39 -0.79
N GLY C 247 -48.84 -32.25 -0.99
CA GLY C 247 -49.52 -30.97 -0.91
C GLY C 247 -48.57 -29.88 -0.48
N ASN C 248 -49.06 -28.64 -0.55
CA ASN C 248 -48.30 -27.45 -0.17
C ASN C 248 -46.97 -27.35 -0.90
N LEU C 249 -46.97 -27.67 -2.20
CA LEU C 249 -45.75 -27.60 -3.00
C LEU C 249 -46.08 -26.99 -4.34
N VAL C 250 -45.38 -25.90 -4.68
CA VAL C 250 -45.44 -25.32 -6.00
C VAL C 250 -44.28 -25.88 -6.83
N VAL C 251 -44.58 -26.30 -8.05
CA VAL C 251 -43.66 -27.14 -8.82
C VAL C 251 -43.17 -26.36 -10.03
N PRO C 252 -41.89 -26.47 -10.40
CA PRO C 252 -41.40 -25.73 -11.57
C PRO C 252 -42.11 -26.11 -12.85
N ARG C 253 -42.32 -25.11 -13.71
CA ARG C 253 -42.78 -25.29 -15.07
C ARG C 253 -41.65 -25.09 -16.08
N TYR C 254 -40.98 -23.94 -16.02
CA TYR C 254 -39.82 -23.65 -16.85
C TYR C 254 -38.63 -23.42 -15.96
N ALA C 255 -37.54 -24.13 -16.22
CA ALA C 255 -36.26 -23.91 -15.57
C ALA C 255 -35.28 -23.30 -16.55
N PHE C 256 -34.04 -23.16 -16.13
CA PHE C 256 -33.03 -22.52 -16.95
C PHE C 256 -31.76 -23.35 -16.95
N ALA C 257 -31.01 -23.26 -18.05
CA ALA C 257 -29.73 -23.92 -18.19
C ALA C 257 -28.65 -22.87 -18.41
N MET C 258 -27.44 -23.16 -17.95
CA MET C 258 -26.37 -22.16 -17.99
C MET C 258 -25.03 -22.86 -17.82
N GLU C 259 -23.98 -22.12 -18.11
CA GLU C 259 -22.64 -22.43 -17.61
C GLU C 259 -22.04 -21.13 -17.12
N ARG C 260 -21.74 -21.07 -15.82
CA ARG C 260 -21.32 -19.82 -15.19
C ARG C 260 -19.90 -19.47 -15.62
N ASN C 261 -19.67 -18.18 -15.86
CA ASN C 261 -18.38 -17.67 -16.29
C ASN C 261 -17.83 -16.81 -15.15
N ALA C 262 -17.06 -17.44 -14.27
CA ALA C 262 -16.38 -16.78 -13.14
C ALA C 262 -17.43 -16.08 -12.28
N GLY C 263 -17.29 -14.80 -11.97
CA GLY C 263 -18.27 -14.10 -11.19
C GLY C 263 -18.21 -12.60 -11.42
N SER C 264 -19.36 -11.98 -11.65
CA SER C 264 -19.46 -10.54 -11.84
C SER C 264 -20.39 -9.96 -10.76
N GLY C 265 -20.68 -8.67 -10.88
CA GLY C 265 -21.48 -7.96 -9.90
C GLY C 265 -22.83 -7.54 -10.44
N ILE C 266 -23.59 -6.89 -9.56
CA ILE C 266 -24.93 -6.41 -9.86
C ILE C 266 -24.97 -4.91 -9.59
N ILE C 267 -25.50 -4.15 -10.54
CA ILE C 267 -25.52 -2.70 -10.47
C ILE C 267 -26.96 -2.21 -10.35
N ILE C 268 -27.21 -1.35 -9.37
CA ILE C 268 -28.49 -0.70 -9.20
C ILE C 268 -28.32 0.78 -9.52
N SER C 269 -29.05 1.27 -10.52
CA SER C 269 -28.95 2.66 -10.93
C SER C 269 -30.20 3.02 -11.74
N ASP C 270 -30.25 4.27 -12.19
CA ASP C 270 -31.36 4.77 -13.01
C ASP C 270 -30.83 5.35 -14.31
N THR C 271 -29.92 4.64 -14.96
CA THR C 271 -29.22 5.11 -16.14
C THR C 271 -29.61 4.29 -17.36
N PRO C 272 -29.90 4.94 -18.50
CA PRO C 272 -30.24 4.18 -19.71
C PRO C 272 -29.04 3.43 -20.25
N VAL C 273 -29.34 2.48 -21.14
CA VAL C 273 -28.35 1.53 -21.67
C VAL C 273 -28.23 1.74 -23.17
N HIS C 274 -27.00 1.84 -23.66
CA HIS C 274 -26.71 1.92 -25.08
C HIS C 274 -25.55 0.97 -25.41
N ASP C 275 -25.14 1.00 -26.68
CA ASP C 275 -24.09 0.11 -27.15
C ASP C 275 -22.72 0.73 -26.91
N CYS C 276 -21.82 -0.04 -26.29
CA CYS C 276 -20.47 0.42 -26.01
C CYS C 276 -19.54 -0.78 -25.98
N ASN C 277 -18.24 -0.48 -25.92
CA ASN C 277 -17.21 -1.49 -25.62
C ASN C 277 -16.33 -0.88 -24.53
N THR C 278 -16.73 -1.08 -23.28
CA THR C 278 -16.06 -0.51 -22.13
C THR C 278 -15.51 -1.62 -21.23
N THR C 279 -14.60 -1.24 -20.33
CA THR C 279 -13.96 -2.19 -19.44
C THR C 279 -14.12 -1.86 -17.96
N CYS C 280 -14.61 -0.68 -17.61
CA CYS C 280 -15.06 -0.37 -16.26
C CYS C 280 -16.48 0.12 -16.33
N GLN C 281 -17.30 -0.31 -15.37
CA GLN C 281 -18.72 0.05 -15.36
C GLN C 281 -19.14 0.47 -13.96
N THR C 282 -19.05 1.77 -13.69
CA THR C 282 -19.69 2.32 -12.51
C THR C 282 -21.19 2.41 -12.75
N PRO C 283 -21.99 2.49 -11.68
CA PRO C 283 -23.43 2.70 -11.88
C PRO C 283 -23.76 4.03 -12.53
N LYS C 284 -22.83 4.98 -12.56
CA LYS C 284 -23.06 6.30 -13.10
C LYS C 284 -22.14 6.59 -14.29
N GLY C 285 -21.85 5.57 -15.11
CA GLY C 285 -21.12 5.78 -16.33
C GLY C 285 -20.03 4.75 -16.52
N ALA C 286 -19.10 5.07 -17.42
CA ALA C 286 -17.98 4.20 -17.75
C ALA C 286 -16.69 5.01 -17.69
N ILE C 287 -15.56 4.31 -17.76
CA ILE C 287 -14.25 4.91 -17.53
C ILE C 287 -13.28 4.45 -18.62
N ASN C 288 -12.38 5.35 -19.02
CA ASN C 288 -11.37 5.02 -20.03
C ASN C 288 -10.54 3.81 -19.64
N THR C 289 -10.20 3.70 -18.35
CA THR C 289 -9.27 2.71 -17.79
C THR C 289 -7.89 2.76 -18.44
N SER C 290 -7.53 3.88 -19.06
CA SER C 290 -6.17 4.08 -19.55
C SER C 290 -5.26 4.69 -18.50
N LEU C 291 -5.80 5.09 -17.35
CA LEU C 291 -5.05 5.63 -16.23
C LEU C 291 -5.45 4.86 -14.97
N PRO C 292 -4.53 4.72 -14.02
CA PRO C 292 -4.75 3.76 -12.91
C PRO C 292 -5.56 4.26 -11.73
N PHE C 293 -6.01 5.51 -11.70
CA PHE C 293 -6.79 6.02 -10.56
C PHE C 293 -8.04 6.73 -11.05
N GLN C 294 -9.18 6.40 -10.44
CA GLN C 294 -10.46 7.00 -10.78
C GLN C 294 -11.19 7.37 -9.49
N ASN C 295 -12.05 8.38 -9.57
CA ASN C 295 -12.81 8.84 -8.40
C ASN C 295 -14.29 9.00 -8.75
N ILE C 296 -14.83 8.09 -9.56
CA ILE C 296 -16.23 8.17 -9.97
C ILE C 296 -17.14 7.51 -8.95
N HIS C 297 -16.89 6.24 -8.65
CA HIS C 297 -17.74 5.52 -7.70
C HIS C 297 -16.98 4.32 -7.16
N PRO C 298 -17.10 4.01 -5.86
CA PRO C 298 -16.42 2.81 -5.34
C PRO C 298 -16.88 1.50 -5.98
N ILE C 299 -18.16 1.40 -6.30
CA ILE C 299 -18.70 0.15 -6.88
C ILE C 299 -18.42 0.15 -8.37
N THR C 300 -17.55 -0.76 -8.80
CA THR C 300 -17.18 -0.89 -10.21
C THR C 300 -17.18 -2.35 -10.59
N ILE C 301 -17.35 -2.61 -11.88
CA ILE C 301 -17.28 -3.96 -12.45
C ILE C 301 -16.39 -3.93 -13.68
N GLY C 302 -15.42 -4.83 -13.73
CA GLY C 302 -14.52 -4.95 -14.86
C GLY C 302 -13.08 -4.70 -14.45
N LYS C 303 -12.22 -4.60 -15.46
CA LYS C 303 -10.80 -4.27 -15.25
C LYS C 303 -10.68 -2.76 -15.05
N CYS C 304 -11.14 -2.33 -13.92
CA CYS C 304 -11.35 -0.92 -13.63
C CYS C 304 -10.29 -0.40 -12.67
N PRO C 305 -9.86 0.85 -12.85
CA PRO C 305 -8.90 1.44 -11.91
C PRO C 305 -9.47 1.52 -10.51
N LYS C 306 -8.59 1.42 -9.52
CA LYS C 306 -9.03 1.43 -8.12
C LYS C 306 -9.49 2.82 -7.71
N TYR C 307 -10.54 2.84 -6.90
CA TYR C 307 -11.16 4.10 -6.48
C TYR C 307 -10.26 4.86 -5.52
N VAL C 308 -10.22 6.18 -5.68
CA VAL C 308 -9.51 7.07 -4.77
C VAL C 308 -10.46 8.19 -4.39
N LYS C 309 -10.13 8.87 -3.29
CA LYS C 309 -10.99 9.94 -2.79
C LYS C 309 -10.53 11.31 -3.24
N SER C 310 -9.25 11.49 -3.51
CA SER C 310 -8.73 12.79 -3.91
C SER C 310 -9.28 13.19 -5.27
N THR C 311 -9.41 14.51 -5.48
CA THR C 311 -10.02 15.05 -6.69
C THR C 311 -9.01 15.69 -7.64
N LYS C 312 -7.71 15.54 -7.37
CA LYS C 312 -6.69 16.09 -8.27
C LYS C 312 -5.43 15.27 -8.11
N LEU C 313 -5.15 14.40 -9.07
CA LEU C 313 -3.91 13.64 -9.14
C LEU C 313 -3.24 13.98 -10.47
N ARG C 314 -2.46 15.05 -10.49
CA ARG C 314 -1.81 15.53 -11.70
C ARG C 314 -0.31 15.30 -11.57
N LEU C 315 0.28 14.69 -12.59
CA LEU C 315 1.72 14.45 -12.64
C LEU C 315 2.32 15.36 -13.69
N ALA C 316 3.33 16.13 -13.31
CA ALA C 316 3.95 17.07 -14.22
C ALA C 316 4.99 16.37 -15.07
N THR C 317 4.88 16.52 -16.39
CA THR C 317 5.90 16.03 -17.29
C THR C 317 6.91 17.10 -17.69
N GLY C 318 6.50 18.37 -17.65
CA GLY C 318 7.38 19.46 -17.98
C GLY C 318 8.12 19.98 -16.76
N LEU C 319 8.74 21.14 -16.94
CA LEU C 319 9.51 21.80 -15.90
C LEU C 319 8.71 22.97 -15.33
N ARG C 320 9.30 23.64 -14.35
CA ARG C 320 8.61 24.73 -13.66
C ARG C 320 8.41 25.91 -14.62
N ASN C 321 7.18 26.39 -14.69
CA ASN C 321 6.80 27.43 -15.65
C ASN C 321 7.04 28.79 -15.01
N ILE C 322 7.99 29.55 -15.58
CA ILE C 322 8.27 30.90 -15.12
C ILE C 322 8.10 31.84 -16.31
N PRO C 323 6.89 32.36 -16.55
CA PRO C 323 6.69 33.26 -17.68
C PRO C 323 7.45 34.56 -17.49
N SER C 324 7.88 35.14 -18.62
CA SER C 324 8.65 36.38 -18.68
C SER C 324 9.81 36.42 -17.68
N ASP D 20 49.22 -5.73 4.86
CA ASP D 20 48.06 -5.95 5.71
C ASP D 20 48.24 -5.25 7.06
N ILE D 21 47.13 -4.84 7.66
CA ILE D 21 47.16 -4.23 8.98
C ILE D 21 47.38 -5.34 10.02
N VAL D 22 48.34 -5.12 10.91
CA VAL D 22 48.72 -6.12 11.91
C VAL D 22 48.46 -5.54 13.30
N MET D 23 47.86 -6.36 14.17
CA MET D 23 47.56 -5.92 15.52
C MET D 23 48.74 -6.27 16.41
N THR D 24 48.75 -5.75 17.65
CA THR D 24 49.82 -5.99 18.61
C THR D 24 49.33 -5.59 20.01
N GLN D 25 49.75 -6.31 21.05
CA GLN D 25 49.44 -5.92 22.42
C GLN D 25 50.72 -5.99 23.24
N SER D 26 51.03 -4.90 23.93
CA SER D 26 52.29 -4.81 24.67
C SER D 26 52.40 -5.79 25.83
N PRO D 27 51.43 -5.88 26.77
CA PRO D 27 51.61 -6.83 27.88
C PRO D 27 51.41 -8.26 27.41
N ASP D 28 52.36 -9.13 27.74
CA ASP D 28 52.31 -10.53 27.37
C ASP D 28 52.47 -11.38 28.61
N SER D 29 51.52 -12.29 28.83
CA SER D 29 51.48 -13.19 29.98
C SER D 29 51.66 -12.43 31.29
N LEU D 30 50.90 -11.34 31.43
CA LEU D 30 50.96 -10.55 32.65
C LEU D 30 50.38 -11.33 33.82
N ALA D 31 51.00 -11.16 34.98
CA ALA D 31 50.56 -11.82 36.21
C ALA D 31 49.84 -10.80 37.08
N VAL D 32 48.62 -11.13 37.50
CA VAL D 32 47.77 -10.17 38.20
C VAL D 32 46.95 -10.94 39.23
N SER D 33 46.79 -10.35 40.41
CA SER D 33 46.09 -10.99 41.51
C SER D 33 44.62 -10.62 41.51
N LEU D 34 43.89 -11.08 42.53
CA LEU D 34 42.46 -10.88 42.61
C LEU D 34 42.11 -9.51 43.15
N GLY D 35 41.10 -8.88 42.55
CA GLY D 35 40.49 -7.68 43.10
C GLY D 35 40.94 -6.37 42.49
N GLU D 36 41.97 -6.36 41.66
CA GLU D 36 42.44 -5.09 41.11
C GLU D 36 42.51 -5.11 39.58
N ARG D 37 43.08 -4.06 39.00
CA ARG D 37 42.94 -3.77 37.58
C ARG D 37 44.09 -4.34 36.78
N ALA D 38 43.77 -4.98 35.65
CA ALA D 38 44.76 -5.52 34.72
C ALA D 38 44.50 -4.89 33.35
N THR D 39 45.29 -3.87 33.03
CA THR D 39 45.13 -3.15 31.76
C THR D 39 45.86 -3.88 30.65
N ILE D 40 45.23 -3.94 29.47
CA ILE D 40 45.80 -4.59 28.30
C ILE D 40 45.59 -3.64 27.12
N ASN D 41 46.66 -3.06 26.61
CA ASN D 41 46.53 -2.14 25.49
C ASN D 41 46.63 -2.91 24.17
N CYS D 42 46.47 -2.19 23.07
CA CYS D 42 46.47 -2.82 21.75
C CYS D 42 46.77 -1.74 20.71
N ARG D 43 47.90 -1.86 20.03
CA ARG D 43 48.37 -0.87 19.07
C ARG D 43 48.29 -1.44 17.66
N SER D 44 47.76 -0.65 16.73
CA SER D 44 47.60 -1.05 15.34
C SER D 44 48.70 -0.41 14.48
N SER D 45 48.91 -1.02 13.30
CA SER D 45 49.90 -0.49 12.37
C SER D 45 49.49 0.88 11.84
N GLN D 46 48.21 1.05 11.53
CA GLN D 46 47.68 2.34 11.10
C GLN D 46 46.30 2.53 11.73
N SER D 47 45.58 3.55 11.27
CA SER D 47 44.27 3.84 11.84
C SER D 47 43.29 2.71 11.53
N VAL D 48 42.35 2.50 12.46
CA VAL D 48 41.34 1.45 12.34
C VAL D 48 39.94 2.04 12.30
N SER D 49 39.62 2.92 13.24
CA SER D 49 38.28 3.47 13.33
C SER D 49 38.01 4.46 12.20
N SER D 50 36.74 4.55 11.81
CA SER D 50 36.30 5.49 10.79
C SER D 50 34.80 5.68 10.92
N ASN D 51 34.35 6.94 10.83
CA ASN D 51 32.94 7.30 10.92
C ASN D 51 32.34 6.78 12.23
N ASN D 52 32.84 7.37 13.32
CA ASN D 52 32.49 7.13 14.74
C ASN D 52 32.16 5.66 15.03
N LYS D 53 32.97 4.75 14.49
CA LYS D 53 32.82 3.32 14.71
C LYS D 53 34.18 2.73 15.03
N ASN D 54 34.33 2.17 16.22
CA ASN D 54 35.56 1.52 16.64
C ASN D 54 35.51 0.08 16.15
N PHE D 55 36.44 -0.30 15.28
CA PHE D 55 36.44 -1.63 14.69
C PHE D 55 37.42 -2.53 15.43
N LEU D 56 37.03 -2.91 16.65
CA LEU D 56 37.79 -3.84 17.47
C LEU D 56 36.84 -4.83 18.12
N ALA D 57 37.31 -6.06 18.29
CA ALA D 57 36.63 -7.03 19.14
C ALA D 57 37.64 -7.78 19.98
N TRP D 58 37.28 -8.03 21.23
CA TRP D 58 38.07 -8.82 22.16
C TRP D 58 37.50 -10.23 22.21
N TYR D 59 38.38 -11.20 22.47
CA TYR D 59 37.99 -12.60 22.56
C TYR D 59 38.59 -13.24 23.80
N GLN D 60 37.74 -13.91 24.58
CA GLN D 60 38.15 -14.61 25.79
C GLN D 60 37.90 -16.10 25.60
N GLU D 61 38.91 -16.91 25.89
CA GLU D 61 38.76 -18.35 25.87
C GLU D 61 39.59 -18.97 26.98
N LYS D 62 39.01 -19.95 27.64
CA LYS D 62 39.72 -20.77 28.60
C LYS D 62 40.42 -21.91 27.87
N PRO D 63 41.48 -22.48 28.43
CA PRO D 63 42.09 -23.66 27.81
C PRO D 63 41.09 -24.80 27.69
N GLY D 64 41.09 -25.44 26.53
CA GLY D 64 40.11 -26.49 26.27
C GLY D 64 38.71 -26.00 26.03
N GLN D 65 38.54 -24.71 25.70
CA GLN D 65 37.24 -24.12 25.47
C GLN D 65 37.27 -23.34 24.16
N PRO D 66 36.12 -23.22 23.48
CA PRO D 66 36.07 -22.42 22.26
C PRO D 66 36.11 -20.94 22.58
N PRO D 67 36.68 -20.13 21.69
CA PRO D 67 36.66 -18.68 21.90
C PRO D 67 35.23 -18.14 21.79
N LYS D 68 35.01 -17.02 22.46
CA LYS D 68 33.70 -16.38 22.43
C LYS D 68 33.90 -14.88 22.31
N VAL D 69 32.95 -14.22 21.65
CA VAL D 69 33.06 -12.78 21.48
C VAL D 69 32.89 -12.11 22.83
N LEU D 70 33.75 -11.14 23.12
CA LEU D 70 33.85 -10.61 24.48
C LEU D 70 33.41 -9.16 24.57
N ILE D 71 34.06 -8.27 23.85
CA ILE D 71 33.67 -6.87 23.74
C ILE D 71 33.66 -6.51 22.25
N TYR D 72 32.53 -6.02 21.77
CA TYR D 72 32.40 -5.65 20.36
C TYR D 72 32.38 -4.14 20.23
N TRP D 73 33.06 -3.64 19.19
CA TRP D 73 33.28 -2.22 18.93
C TRP D 73 34.04 -1.53 20.05
N ALA D 74 34.76 -2.30 20.88
CA ALA D 74 35.69 -1.86 21.90
C ALA D 74 35.05 -1.06 23.02
N SER D 75 33.73 -0.85 23.00
CA SER D 75 33.06 -0.05 24.02
C SER D 75 31.79 -0.67 24.57
N ALA D 76 31.18 -1.62 23.88
CA ALA D 76 29.90 -2.17 24.28
C ALA D 76 30.06 -3.50 25.00
N ARG D 77 29.06 -3.82 25.82
CA ARG D 77 29.04 -5.05 26.59
C ARG D 77 27.91 -5.95 26.07
N GLU D 78 28.11 -7.26 26.23
CA GLU D 78 27.21 -8.26 25.67
C GLU D 78 26.33 -8.86 26.75
N SER D 79 25.57 -9.88 26.38
CA SER D 79 24.82 -10.68 27.34
C SER D 79 25.64 -11.91 27.70
N GLY D 80 25.91 -12.08 28.99
CA GLY D 80 26.74 -13.18 29.44
C GLY D 80 28.07 -12.70 30.01
N VAL D 81 28.65 -11.69 29.37
CA VAL D 81 29.87 -11.08 29.92
C VAL D 81 29.51 -10.30 31.19
N PRO D 82 30.23 -10.50 32.29
CA PRO D 82 29.84 -9.85 33.55
C PRO D 82 29.97 -8.34 33.48
N ASP D 83 29.14 -7.66 34.27
CA ASP D 83 29.12 -6.19 34.29
C ASP D 83 30.42 -5.63 34.84
N ARG D 84 31.09 -6.36 35.74
CA ARG D 84 32.35 -5.91 36.31
C ARG D 84 33.45 -5.77 35.27
N PHE D 85 33.26 -6.34 34.09
CA PHE D 85 34.27 -6.34 33.03
C PHE D 85 33.74 -5.51 31.87
N SER D 86 34.58 -4.59 31.38
CA SER D 86 34.25 -3.79 30.21
C SER D 86 35.55 -3.39 29.53
N GLY D 87 35.47 -2.44 28.60
CA GLY D 87 36.63 -1.99 27.87
C GLY D 87 36.37 -0.65 27.22
N SER D 88 37.43 -0.08 26.66
CA SER D 88 37.36 1.24 26.05
C SER D 88 38.47 1.35 25.01
N GLY D 89 38.59 2.53 24.43
CA GLY D 89 39.61 2.82 23.44
C GLY D 89 39.01 3.57 22.26
N SER D 90 39.87 4.33 21.58
CA SER D 90 39.47 5.08 20.38
C SER D 90 40.70 5.38 19.57
N GLY D 91 40.61 5.20 18.26
CA GLY D 91 41.71 5.50 17.37
C GLY D 91 42.58 4.30 17.04
N THR D 92 43.77 4.24 17.63
CA THR D 92 44.70 3.15 17.39
C THR D 92 45.15 2.42 18.65
N ASP D 93 44.89 2.98 19.84
CA ASP D 93 45.26 2.35 21.10
C ASP D 93 43.98 2.05 21.87
N PHE D 94 43.71 0.77 22.08
CA PHE D 94 42.50 0.31 22.75
C PHE D 94 42.89 -0.49 23.98
N THR D 95 42.15 -0.30 25.07
CA THR D 95 42.50 -0.88 26.36
C THR D 95 41.39 -1.78 26.87
N LEU D 96 41.79 -2.84 27.57
CA LEU D 96 40.87 -3.76 28.23
C LEU D 96 41.15 -3.74 29.72
N THR D 97 40.11 -3.62 30.52
CA THR D 97 40.24 -3.46 31.96
C THR D 97 39.61 -4.66 32.68
N ILE D 98 40.36 -5.23 33.62
CA ILE D 98 39.87 -6.33 34.45
C ILE D 98 39.56 -5.75 35.82
N SER D 99 38.29 -5.48 36.09
CA SER D 99 37.85 -4.94 37.37
C SER D 99 37.10 -6.04 38.13
N GLY D 100 37.55 -6.33 39.34
CA GLY D 100 36.95 -7.41 40.11
C GLY D 100 37.27 -8.77 39.54
N LEU D 101 38.54 -9.18 39.62
CA LEU D 101 38.99 -10.40 38.98
C LEU D 101 38.59 -11.62 39.80
N GLN D 102 37.90 -12.55 39.16
CA GLN D 102 37.62 -13.87 39.71
C GLN D 102 38.63 -14.89 39.18
N ALA D 103 38.72 -16.02 39.89
CA ALA D 103 39.70 -17.04 39.55
C ALA D 103 39.42 -17.66 38.19
N GLU D 104 38.15 -17.74 37.78
CA GLU D 104 37.79 -18.32 36.50
C GLU D 104 38.12 -17.40 35.32
N ASP D 105 38.53 -16.16 35.57
CA ASP D 105 38.92 -15.25 34.51
C ASP D 105 40.28 -15.58 33.91
N VAL D 106 41.01 -16.54 34.46
CA VAL D 106 42.28 -16.96 33.86
C VAL D 106 42.00 -17.49 32.46
N ALA D 107 42.55 -16.80 31.46
CA ALA D 107 42.21 -17.05 30.07
C ALA D 107 43.26 -16.36 29.20
N VAL D 108 43.02 -16.33 27.90
CA VAL D 108 43.87 -15.64 26.93
C VAL D 108 43.00 -14.65 26.17
N TYR D 109 43.47 -13.42 26.04
CA TYR D 109 42.72 -12.34 25.41
C TYR D 109 43.35 -11.97 24.08
N TYR D 110 42.51 -11.61 23.11
CA TYR D 110 42.96 -11.43 21.74
C TYR D 110 42.39 -10.16 21.13
N CYS D 111 43.21 -9.50 20.33
CA CYS D 111 42.78 -8.37 19.51
C CYS D 111 42.48 -8.85 18.09
N GLN D 112 41.65 -8.09 17.39
CA GLN D 112 41.55 -8.22 15.94
C GLN D 112 40.85 -7.00 15.37
N GLN D 113 41.35 -6.54 14.23
CA GLN D 113 40.70 -5.47 13.48
C GLN D 113 39.93 -6.09 12.33
N HIS D 114 38.62 -5.87 12.31
CA HIS D 114 37.81 -6.23 11.14
C HIS D 114 37.59 -4.99 10.26
N TYR D 115 38.71 -4.42 9.81
CA TYR D 115 38.71 -3.28 8.92
C TYR D 115 39.31 -3.58 7.56
N ARG D 116 40.15 -4.60 7.44
CA ARG D 116 40.62 -5.13 6.17
C ARG D 116 40.16 -6.58 6.07
N THR D 117 40.11 -7.10 4.83
CA THR D 117 39.61 -8.45 4.63
C THR D 117 40.39 -9.53 5.38
N PRO D 118 41.70 -9.43 5.60
CA PRO D 118 42.31 -10.27 6.63
C PRO D 118 42.20 -9.62 8.00
N PRO D 119 41.36 -10.13 8.89
CA PRO D 119 41.41 -9.67 10.27
C PRO D 119 42.54 -10.38 11.01
N THR D 120 43.63 -9.67 11.26
CA THR D 120 44.75 -10.28 11.95
C THR D 120 44.50 -10.28 13.45
N PHE D 121 44.99 -11.33 14.12
CA PHE D 121 44.83 -11.45 15.56
C PHE D 121 46.16 -11.15 16.23
N GLY D 122 46.09 -10.67 17.48
CA GLY D 122 47.28 -10.42 18.24
C GLY D 122 47.99 -11.70 18.62
N GLN D 123 49.29 -11.56 18.91
CA GLN D 123 50.11 -12.72 19.26
C GLN D 123 49.75 -13.31 20.62
N GLY D 124 48.93 -12.65 21.41
CA GLY D 124 48.37 -13.29 22.58
C GLY D 124 48.83 -12.67 23.89
N THR D 125 47.89 -12.48 24.81
CA THR D 125 48.16 -12.04 26.16
C THR D 125 47.42 -12.93 27.15
N LYS D 126 48.01 -13.10 28.34
CA LYS D 126 47.50 -14.02 29.32
C LYS D 126 47.35 -13.34 30.67
N VAL D 127 46.28 -13.69 31.39
CA VAL D 127 46.08 -13.29 32.78
C VAL D 127 46.20 -14.54 33.64
N GLU D 128 46.86 -14.40 34.80
CA GLU D 128 47.17 -15.56 35.63
C GLU D 128 47.29 -15.07 37.06
N ILE D 129 46.81 -15.89 38.00
CA ILE D 129 46.68 -15.48 39.40
C ILE D 129 48.05 -15.24 40.00
N LYS D 130 48.34 -13.98 40.34
CA LYS D 130 49.50 -13.66 41.16
C LYS D 130 49.42 -14.32 42.52
N GLN E 20 18.65 -21.16 19.61
CA GLN E 20 19.99 -20.68 19.95
C GLN E 20 20.97 -21.18 18.91
N VAL E 21 22.04 -20.41 18.70
CA VAL E 21 23.04 -20.74 17.69
C VAL E 21 23.81 -21.97 18.10
N GLN E 22 24.13 -22.82 17.13
CA GLN E 22 25.00 -23.98 17.34
C GLN E 22 25.88 -24.16 16.12
N LEU E 23 27.19 -24.19 16.31
CA LEU E 23 28.15 -24.51 15.26
C LEU E 23 28.91 -25.75 15.67
N VAL E 24 28.50 -26.90 15.14
CA VAL E 24 29.14 -28.18 15.42
C VAL E 24 29.75 -28.72 14.13
N GLN E 25 30.99 -29.20 14.22
CA GLN E 25 31.70 -29.67 13.05
C GLN E 25 32.43 -30.97 13.34
N SER E 26 32.69 -31.70 12.25
CA SER E 26 33.42 -32.96 12.30
C SER E 26 34.05 -33.19 10.94
N GLY E 27 34.99 -34.13 10.90
CA GLY E 27 35.67 -34.46 9.66
C GLY E 27 37.18 -34.40 9.77
N GLY E 28 37.67 -34.01 10.95
CA GLY E 28 39.10 -33.94 11.17
C GLY E 28 39.70 -35.29 11.47
N GLY E 29 41.03 -35.30 11.58
CA GLY E 29 41.76 -36.51 11.86
C GLY E 29 43.22 -36.34 11.47
N VAL E 30 43.87 -37.47 11.21
CA VAL E 30 45.26 -37.49 10.77
C VAL E 30 45.28 -37.70 9.27
N VAL E 31 45.99 -36.83 8.56
CA VAL E 31 46.12 -36.90 7.11
C VAL E 31 47.58 -36.72 6.73
N PRO E 32 48.15 -37.61 5.93
CA PRO E 32 49.52 -37.41 5.45
C PRO E 32 49.58 -36.24 4.47
N PRO E 33 50.74 -35.61 4.33
CA PRO E 33 50.85 -34.47 3.41
C PRO E 33 50.55 -34.87 1.98
N GLY E 34 49.94 -33.96 1.24
CA GLY E 34 49.63 -34.17 -0.16
C GLY E 34 48.26 -34.77 -0.45
N ARG E 35 47.49 -35.14 0.57
CA ARG E 35 46.16 -35.70 0.39
C ARG E 35 45.11 -34.78 1.00
N SER E 36 43.92 -34.82 0.40
CA SER E 36 42.87 -33.85 0.69
C SER E 36 42.22 -34.14 2.04
N LEU E 37 41.46 -33.15 2.51
CA LEU E 37 40.66 -33.27 3.72
C LEU E 37 39.48 -32.32 3.61
N ARG E 38 38.33 -32.76 4.12
CA ARG E 38 37.08 -32.01 4.03
C ARG E 38 36.51 -31.78 5.41
N LEU E 39 36.09 -30.55 5.69
CA LEU E 39 35.48 -30.19 6.96
C LEU E 39 34.10 -29.60 6.72
N SER E 40 33.21 -29.78 7.68
CA SER E 40 31.85 -29.28 7.54
C SER E 40 31.27 -28.97 8.91
N CYS E 41 30.69 -27.78 9.06
CA CYS E 41 29.95 -27.41 10.26
C CYS E 41 28.54 -26.98 9.90
N ALA E 42 27.56 -27.66 10.48
CA ALA E 42 26.16 -27.31 10.32
C ALA E 42 25.73 -26.35 11.42
N ALA E 43 24.68 -25.57 11.13
CA ALA E 43 24.22 -24.55 12.04
C ALA E 43 22.72 -24.69 12.26
N SER E 44 22.26 -24.19 13.41
CA SER E 44 20.86 -24.31 13.79
C SER E 44 20.50 -23.15 14.72
N GLY E 45 19.19 -22.93 14.84
CA GLY E 45 18.67 -21.95 15.77
C GLY E 45 18.67 -20.51 15.27
N PHE E 46 19.11 -20.27 14.04
CA PHE E 46 19.13 -18.93 13.48
C PHE E 46 19.04 -19.03 11.97
N THR E 47 18.62 -17.93 11.33
CA THR E 47 18.53 -17.92 9.89
C THR E 47 19.92 -17.87 9.27
N PHE E 48 20.17 -18.77 8.31
CA PHE E 48 21.51 -19.07 7.84
C PHE E 48 21.91 -18.26 6.62
N SER E 49 21.03 -18.21 5.61
CA SER E 49 21.40 -17.61 4.33
C SER E 49 21.66 -16.12 4.44
N THR E 50 21.13 -15.47 5.47
CA THR E 50 21.33 -14.02 5.60
C THR E 50 22.76 -13.70 6.04
N TYR E 51 23.30 -14.44 7.00
CA TYR E 51 24.58 -14.10 7.59
C TYR E 51 25.72 -14.76 6.82
N GLY E 52 26.88 -14.11 6.82
CA GLY E 52 28.07 -14.69 6.26
C GLY E 52 28.66 -15.74 7.17
N MET E 53 29.76 -16.34 6.72
CA MET E 53 30.44 -17.36 7.50
C MET E 53 31.94 -17.28 7.24
N HIS E 54 32.73 -17.72 8.23
CA HIS E 54 34.17 -17.60 8.19
C HIS E 54 34.84 -18.93 8.53
N TRP E 55 36.14 -18.98 8.28
CA TRP E 55 37.04 -19.99 8.83
C TRP E 55 38.27 -19.29 9.40
N VAL E 56 38.74 -19.77 10.55
CA VAL E 56 39.89 -19.21 11.23
C VAL E 56 40.53 -20.31 12.06
N ARG E 57 41.86 -20.36 12.05
CA ARG E 57 42.58 -21.50 12.61
C ARG E 57 43.50 -21.07 13.74
N GLN E 58 43.63 -21.96 14.72
CA GLN E 58 44.53 -21.78 15.86
C GLN E 58 45.61 -22.87 15.80
N ALA E 59 46.85 -22.46 15.61
CA ALA E 59 47.96 -23.39 15.63
C ALA E 59 48.12 -23.99 17.03
N PRO E 60 48.80 -25.15 17.13
CA PRO E 60 48.93 -25.81 18.45
C PRO E 60 49.49 -24.92 19.55
N GLY E 61 50.44 -24.04 19.23
CA GLY E 61 50.96 -23.14 20.24
C GLY E 61 51.08 -21.70 19.81
N LYS E 62 50.91 -21.43 18.52
CA LYS E 62 51.16 -20.08 18.01
C LYS E 62 50.01 -19.14 18.34
N GLY E 63 48.82 -19.42 17.83
CA GLY E 63 47.68 -18.56 18.04
C GLY E 63 46.77 -18.58 16.83
N LEU E 64 45.73 -17.75 16.90
CA LEU E 64 44.73 -17.70 15.84
C LEU E 64 45.20 -16.85 14.67
N GLU E 65 44.74 -17.24 13.48
CA GLU E 65 45.00 -16.48 12.25
C GLU E 65 43.90 -16.81 11.25
N TRP E 66 43.55 -15.81 10.44
CA TRP E 66 42.41 -15.90 9.54
C TRP E 66 42.65 -16.87 8.39
N VAL E 67 41.56 -17.42 7.84
CA VAL E 67 41.66 -18.40 6.76
C VAL E 67 40.90 -17.95 5.53
N ALA E 68 39.58 -17.77 5.63
CA ALA E 68 38.76 -17.45 4.47
C ALA E 68 37.42 -16.93 4.94
N VAL E 69 36.60 -16.51 3.97
CA VAL E 69 35.25 -16.02 4.22
C VAL E 69 34.43 -16.22 2.95
N ILE E 70 33.12 -16.42 3.13
CA ILE E 70 32.20 -16.52 2.01
C ILE E 70 31.04 -15.55 2.26
N SER E 71 30.51 -14.98 1.17
CA SER E 71 29.44 -14.02 1.27
C SER E 71 28.14 -14.70 1.68
N TYR E 72 27.08 -13.90 1.84
CA TYR E 72 25.81 -14.45 2.30
C TYR E 72 25.19 -15.36 1.24
N ASP E 73 25.31 -15.01 -0.03
CA ASP E 73 24.76 -15.82 -1.11
C ASP E 73 25.76 -16.82 -1.68
N GLY E 74 27.01 -16.76 -1.27
CA GLY E 74 28.02 -17.69 -1.75
C GLY E 74 28.58 -17.37 -3.12
N ASN E 75 28.23 -16.22 -3.70
CA ASN E 75 28.77 -15.88 -5.01
C ASN E 75 30.23 -15.45 -4.93
N TYR E 76 30.59 -14.70 -3.89
CA TYR E 76 31.93 -14.17 -3.73
C TYR E 76 32.63 -14.93 -2.61
N LYS E 77 33.75 -15.57 -2.94
CA LYS E 77 34.54 -16.35 -2.00
C LYS E 77 35.90 -15.71 -1.86
N TYR E 78 36.32 -15.44 -0.63
CA TYR E 78 37.53 -14.69 -0.37
C TYR E 78 38.47 -15.48 0.54
N TYR E 79 39.77 -15.30 0.34
CA TYR E 79 40.80 -16.11 0.95
C TYR E 79 41.77 -15.25 1.74
N ALA E 80 42.63 -15.91 2.51
CA ALA E 80 43.74 -15.24 3.17
C ALA E 80 44.93 -15.17 2.21
N ASP E 81 46.00 -14.54 2.68
CA ASP E 81 47.21 -14.41 1.86
C ASP E 81 48.13 -15.62 1.96
N SER E 82 47.84 -16.59 2.83
CA SER E 82 48.69 -17.75 3.03
C SER E 82 48.13 -19.01 2.38
N VAL E 83 46.86 -19.30 2.60
CA VAL E 83 46.25 -20.53 2.11
C VAL E 83 45.55 -20.33 0.76
N ARG E 84 45.83 -19.22 0.08
CA ARG E 84 45.23 -18.97 -1.22
C ARG E 84 45.81 -19.92 -2.26
N GLY E 85 44.95 -20.44 -3.12
CA GLY E 85 45.35 -21.40 -4.13
C GLY E 85 45.39 -22.84 -3.65
N ARG E 86 45.13 -23.08 -2.37
CA ARG E 86 45.13 -24.43 -1.82
C ARG E 86 43.81 -24.82 -1.17
N PHE E 87 43.08 -23.88 -0.59
CA PHE E 87 41.83 -24.17 0.10
C PHE E 87 40.65 -23.94 -0.82
N THR E 88 39.47 -24.35 -0.36
CA THR E 88 38.24 -24.16 -1.11
C THR E 88 37.09 -23.97 -0.13
N ILE E 89 36.43 -22.83 -0.19
CA ILE E 89 35.30 -22.52 0.67
C ILE E 89 34.02 -22.72 -0.11
N SER E 90 33.04 -23.36 0.52
CA SER E 90 31.74 -23.58 -0.10
C SER E 90 30.68 -23.67 0.98
N ARG E 91 29.43 -23.49 0.59
CA ARG E 91 28.32 -23.53 1.53
C ARG E 91 27.07 -23.97 0.79
N ASP E 92 26.12 -24.50 1.56
CA ASP E 92 24.83 -24.94 1.03
C ASP E 92 23.75 -24.51 1.99
N ASN E 93 22.99 -23.48 1.60
CA ASN E 93 22.00 -22.91 2.51
C ASN E 93 20.83 -23.86 2.75
N SER E 94 20.56 -24.76 1.80
CA SER E 94 19.43 -25.68 1.97
C SER E 94 19.71 -26.68 3.09
N LYS E 95 20.93 -27.22 3.15
CA LYS E 95 21.30 -28.19 4.17
C LYS E 95 21.84 -27.53 5.43
N ASN E 96 21.90 -26.20 5.47
CA ASN E 96 22.41 -25.45 6.62
C ASN E 96 23.84 -25.86 6.95
N THR E 97 24.64 -26.14 5.91
CA THR E 97 25.95 -26.74 6.09
C THR E 97 27.02 -25.92 5.38
N LEU E 98 28.07 -25.56 6.12
CA LEU E 98 29.27 -24.98 5.56
C LEU E 98 30.27 -26.11 5.25
N ASN E 99 31.18 -25.83 4.33
CA ASN E 99 32.18 -26.82 3.92
C ASN E 99 33.50 -26.13 3.63
N LEU E 100 34.59 -26.92 3.69
CA LEU E 100 35.92 -26.41 3.43
C LEU E 100 36.77 -27.55 2.87
N ASP E 101 36.89 -27.60 1.55
CA ASP E 101 37.72 -28.59 0.88
C ASP E 101 39.19 -28.14 0.87
N MET E 102 40.07 -29.07 0.52
CA MET E 102 41.50 -28.79 0.66
C MET E 102 42.31 -29.54 -0.39
N ASN E 103 43.29 -28.85 -0.96
CA ASN E 103 44.27 -29.43 -1.88
C ASN E 103 45.67 -29.13 -1.37
N SER E 104 46.54 -30.15 -1.41
CA SER E 104 47.98 -29.98 -1.22
C SER E 104 48.32 -29.33 0.13
N LEU E 105 48.03 -30.05 1.21
CA LEU E 105 48.40 -29.58 2.53
C LEU E 105 49.91 -29.64 2.72
N ARG E 106 50.40 -28.84 3.66
CA ARG E 106 51.81 -28.85 4.05
C ARG E 106 51.89 -28.93 5.57
N THR E 107 53.11 -29.06 6.08
CA THR E 107 53.33 -29.39 7.49
C THR E 107 52.89 -28.28 8.44
N GLU E 108 52.72 -27.05 7.95
CA GLU E 108 52.31 -25.93 8.79
C GLU E 108 50.80 -25.76 8.85
N ASP E 109 50.03 -26.76 8.41
CA ASP E 109 48.59 -26.70 8.45
C ASP E 109 47.99 -27.35 9.69
N THR E 110 48.81 -27.82 10.62
CA THR E 110 48.28 -28.34 11.88
C THR E 110 47.66 -27.20 12.66
N ALA E 111 46.40 -27.38 13.06
CA ALA E 111 45.66 -26.34 13.75
C ALA E 111 44.42 -26.94 14.39
N LEU E 112 43.55 -26.08 14.92
CA LEU E 112 42.27 -26.47 15.50
C LEU E 112 41.23 -25.58 14.81
N TYR E 113 40.61 -26.12 13.76
CA TYR E 113 39.86 -25.31 12.80
C TYR E 113 38.54 -24.85 13.41
N TYR E 114 38.31 -23.54 13.36
CA TYR E 114 37.09 -22.92 13.86
C TYR E 114 36.33 -22.31 12.70
N CYS E 115 35.01 -22.54 12.65
CA CYS E 115 34.14 -21.80 11.75
C CYS E 115 33.25 -20.89 12.58
N ALA E 116 33.26 -19.61 12.24
CA ALA E 116 32.53 -18.60 12.99
C ALA E 116 31.50 -17.93 12.08
N LYS E 117 30.71 -17.04 12.68
CA LYS E 117 29.64 -16.33 12.00
C LYS E 117 30.04 -14.87 11.83
N ASP E 118 29.29 -14.16 11.00
CA ASP E 118 29.51 -12.75 10.76
C ASP E 118 28.38 -11.95 11.39
N SER E 119 28.73 -10.87 12.10
CA SER E 119 27.72 -10.08 12.77
C SER E 119 26.91 -9.22 11.81
N GLN E 120 27.52 -8.77 10.72
CA GLN E 120 26.82 -7.91 9.77
C GLN E 120 25.73 -8.71 9.05
N LEU E 121 24.51 -8.18 9.07
CA LEU E 121 23.37 -8.86 8.46
C LEU E 121 23.37 -8.60 6.96
N ARG E 122 23.38 -9.69 6.18
CA ARG E 122 23.33 -9.63 4.71
C ARG E 122 24.44 -8.74 4.16
N SER E 123 25.64 -8.88 4.72
CA SER E 123 26.76 -8.07 4.29
C SER E 123 27.14 -8.39 2.85
N LEU E 124 27.56 -7.36 2.11
CA LEU E 124 27.99 -7.51 0.73
C LEU E 124 29.51 -7.47 0.69
N LEU E 125 30.13 -8.61 0.40
CA LEU E 125 31.59 -8.71 0.32
C LEU E 125 31.97 -8.64 -1.15
N TYR E 126 32.05 -7.41 -1.65
CA TYR E 126 32.26 -7.19 -3.08
C TYR E 126 33.72 -7.19 -3.47
N PHE E 127 34.55 -6.43 -2.75
CA PHE E 127 35.92 -6.16 -3.20
C PHE E 127 36.92 -6.70 -2.19
N ASP E 128 38.20 -6.48 -2.50
CA ASP E 128 39.31 -7.24 -1.97
C ASP E 128 39.78 -6.74 -0.61
N TRP E 129 39.18 -5.68 -0.05
CA TRP E 129 39.64 -5.19 1.24
C TRP E 129 38.52 -4.74 2.18
N LEU E 130 37.26 -5.05 1.87
CA LEU E 130 36.13 -4.56 2.67
C LEU E 130 36.20 -5.09 4.10
N SER E 131 35.44 -4.44 4.97
CA SER E 131 35.47 -4.70 6.40
C SER E 131 34.36 -5.67 6.77
N GLN E 132 34.71 -6.72 7.50
CA GLN E 132 33.74 -7.69 7.98
C GLN E 132 33.12 -7.17 9.27
N GLY E 133 32.35 -8.02 9.94
CA GLY E 133 31.86 -7.76 11.27
C GLY E 133 32.61 -8.59 12.29
N TYR E 134 32.40 -8.26 13.57
CA TYR E 134 33.00 -9.05 14.64
C TYR E 134 32.40 -10.45 14.62
N PHE E 135 33.27 -11.45 14.75
CA PHE E 135 32.84 -12.85 14.67
C PHE E 135 31.87 -13.16 15.81
N ASP E 136 30.58 -13.32 15.46
CA ASP E 136 29.53 -13.33 16.47
C ASP E 136 29.68 -14.51 17.42
N HIS E 137 29.41 -15.71 16.94
CA HIS E 137 29.43 -16.89 17.78
C HIS E 137 30.23 -17.99 17.09
N TRP E 138 30.72 -18.93 17.88
CA TRP E 138 31.86 -19.74 17.50
C TRP E 138 31.54 -21.22 17.63
N GLY E 139 32.27 -22.05 16.87
CA GLY E 139 32.16 -23.47 16.99
C GLY E 139 33.13 -24.05 18.01
N GLN E 140 32.91 -25.32 18.37
CA GLN E 140 33.73 -25.93 19.40
C GLN E 140 35.12 -26.29 18.89
N GLY E 141 35.26 -26.55 17.59
CA GLY E 141 36.56 -26.85 17.04
C GLY E 141 36.85 -28.33 16.88
N THR E 142 37.15 -28.75 15.66
CA THR E 142 37.53 -30.13 15.39
C THR E 142 39.04 -30.21 15.12
N LEU E 143 39.64 -31.30 15.58
CA LEU E 143 41.09 -31.44 15.50
C LEU E 143 41.51 -31.80 14.08
N VAL E 144 42.48 -31.06 13.55
CA VAL E 144 43.05 -31.32 12.24
C VAL E 144 44.56 -31.27 12.34
N THR E 145 45.24 -32.30 11.83
CA THR E 145 46.68 -32.35 11.88
C THR E 145 47.21 -33.04 10.63
N VAL E 146 48.47 -32.72 10.31
CA VAL E 146 49.16 -33.33 9.18
C VAL E 146 50.49 -33.88 9.69
N SER E 147 50.81 -35.12 9.31
CA SER E 147 52.03 -35.78 9.73
C SER E 147 52.27 -36.97 8.82
N SER E 148 53.51 -37.45 8.84
CA SER E 148 53.88 -38.61 8.04
C SER E 148 53.44 -39.90 8.71
N GLY F 1 54.00 15.09 -19.15
CA GLY F 1 53.53 15.56 -17.86
C GLY F 1 52.78 14.50 -17.07
N ASP F 2 52.93 14.54 -15.74
CA ASP F 2 52.24 13.59 -14.89
C ASP F 2 50.74 13.83 -14.96
N THR F 3 49.98 12.73 -14.95
CA THR F 3 48.53 12.80 -15.17
C THR F 3 47.82 11.86 -14.22
N LEU F 4 46.95 12.40 -13.39
CA LEU F 4 46.03 11.63 -12.58
C LEU F 4 44.66 11.62 -13.24
N CYS F 5 43.86 10.61 -12.95
CA CYS F 5 42.56 10.48 -13.56
C CYS F 5 41.54 10.08 -12.49
N ILE F 6 40.28 10.45 -12.72
CA ILE F 6 39.17 10.08 -11.86
C ILE F 6 38.22 9.21 -12.67
N GLY F 7 37.83 8.08 -12.10
CA GLY F 7 36.94 7.18 -12.79
C GLY F 7 36.05 6.37 -11.86
N TYR F 8 35.57 5.23 -12.34
CA TYR F 8 34.72 4.37 -11.54
C TYR F 8 34.83 2.94 -12.05
N HIS F 9 34.38 2.01 -11.22
CA HIS F 9 34.56 0.59 -11.49
C HIS F 9 33.77 0.16 -12.72
N ALA F 10 34.29 -0.85 -13.42
CA ALA F 10 33.64 -1.37 -14.60
C ALA F 10 33.97 -2.86 -14.71
N ASN F 11 32.96 -3.67 -15.02
CA ASN F 11 33.16 -5.11 -15.17
C ASN F 11 32.27 -5.59 -16.31
N ASN F 12 32.09 -6.90 -16.40
CA ASN F 12 31.38 -7.53 -17.51
C ASN F 12 30.11 -8.23 -17.03
N SER F 13 29.50 -7.72 -15.96
CA SER F 13 28.26 -8.30 -15.47
C SER F 13 27.12 -8.02 -16.44
N THR F 14 26.34 -9.05 -16.76
CA THR F 14 25.20 -8.90 -17.64
C THR F 14 23.90 -8.65 -16.89
N ASP F 15 23.97 -8.46 -15.58
CA ASP F 15 22.77 -8.17 -14.79
C ASP F 15 22.23 -6.80 -15.17
N THR F 16 20.91 -6.72 -15.37
CA THR F 16 20.26 -5.48 -15.75
C THR F 16 19.17 -5.13 -14.75
N VAL F 17 18.93 -3.83 -14.59
CA VAL F 17 17.89 -3.33 -13.70
C VAL F 17 17.04 -2.32 -14.48
N ASP F 18 15.82 -2.13 -14.01
CA ASP F 18 14.88 -1.18 -14.59
C ASP F 18 14.62 -0.07 -13.60
N THR F 19 14.77 1.17 -14.05
CA THR F 19 14.50 2.34 -13.24
C THR F 19 13.28 3.09 -13.79
N VAL F 20 12.89 4.15 -13.09
CA VAL F 20 11.77 4.97 -13.56
C VAL F 20 12.16 5.69 -14.85
N LEU F 21 13.33 6.33 -14.86
CA LEU F 21 13.71 7.17 -15.99
C LEU F 21 14.17 6.36 -17.19
N GLU F 22 14.65 5.14 -17.00
CA GLU F 22 15.16 4.36 -18.11
C GLU F 22 14.99 2.88 -17.81
N LYS F 23 14.99 2.08 -18.86
CA LYS F 23 14.79 0.64 -18.74
C LYS F 23 15.96 -0.11 -19.35
N ASN F 24 16.24 -1.29 -18.79
CA ASN F 24 17.29 -2.19 -19.27
C ASN F 24 18.66 -1.51 -19.27
N VAL F 25 19.12 -1.15 -18.07
CA VAL F 25 20.45 -0.62 -17.87
C VAL F 25 21.28 -1.65 -17.11
N THR F 26 22.45 -1.97 -17.63
CA THR F 26 23.32 -2.95 -17.01
C THR F 26 24.03 -2.36 -15.81
N VAL F 27 24.23 -3.17 -14.78
CA VAL F 27 24.87 -2.74 -13.55
C VAL F 27 25.90 -3.76 -13.12
N THR F 28 26.90 -3.30 -12.36
CA THR F 28 28.01 -4.18 -12.01
C THR F 28 27.62 -5.19 -10.94
N HIS F 29 26.85 -4.77 -9.94
CA HIS F 29 26.47 -5.65 -8.85
C HIS F 29 25.00 -5.48 -8.55
N SER F 30 24.35 -6.56 -8.12
CA SER F 30 22.92 -6.53 -7.89
C SER F 30 22.54 -7.57 -6.85
N VAL F 31 21.34 -7.40 -6.29
CA VAL F 31 20.68 -8.40 -5.47
C VAL F 31 19.25 -8.52 -5.95
N ASN F 32 18.74 -9.75 -5.98
CA ASN F 32 17.42 -10.03 -6.53
C ASN F 32 16.42 -10.13 -5.39
N LEU F 33 15.49 -9.18 -5.33
CA LEU F 33 14.50 -9.16 -4.26
C LEU F 33 13.40 -10.20 -4.45
N LEU F 34 13.22 -10.71 -5.65
CA LEU F 34 12.19 -11.69 -5.95
C LEU F 34 12.85 -13.02 -6.25
N GLU F 35 12.52 -14.04 -5.48
CA GLU F 35 13.00 -15.40 -5.76
C GLU F 35 11.88 -16.18 -6.42
N ASP F 36 12.23 -16.88 -7.51
CA ASP F 36 11.27 -17.65 -8.29
C ASP F 36 11.65 -19.13 -8.34
N LYS F 37 12.47 -19.58 -7.40
CA LYS F 37 12.93 -20.95 -7.34
C LYS F 37 12.26 -21.64 -6.17
N HIS F 38 11.56 -22.74 -6.46
CA HIS F 38 10.98 -23.59 -5.42
C HIS F 38 11.55 -24.99 -5.59
N ASN F 39 11.83 -25.64 -4.47
CA ASN F 39 12.51 -26.93 -4.48
C ASN F 39 11.64 -28.07 -4.98
N GLY F 40 10.35 -27.83 -5.23
CA GLY F 40 9.47 -28.90 -5.63
C GLY F 40 9.27 -29.92 -4.55
N LYS F 41 9.20 -29.49 -3.29
CA LYS F 41 9.06 -30.37 -2.14
C LYS F 41 8.02 -29.77 -1.20
N LEU F 42 7.41 -30.64 -0.39
CA LEU F 42 6.60 -30.20 0.74
C LEU F 42 7.42 -30.41 1.99
N CYS F 43 8.24 -29.40 2.32
CA CYS F 43 9.07 -29.46 3.51
C CYS F 43 8.20 -29.47 4.77
N LYS F 44 8.78 -29.97 5.85
CA LYS F 44 8.11 -29.94 7.15
C LYS F 44 8.02 -28.51 7.64
N LEU F 45 6.80 -28.02 7.81
CA LEU F 45 6.57 -26.70 8.38
C LEU F 45 6.68 -26.79 9.89
N ARG F 46 7.48 -25.89 10.48
CA ARG F 46 7.77 -25.91 11.91
C ARG F 46 8.36 -27.24 12.34
N GLY F 47 9.12 -27.87 11.45
CA GLY F 47 9.75 -29.15 11.76
C GLY F 47 8.79 -30.31 11.90
N VAL F 48 7.57 -30.18 11.36
CA VAL F 48 6.54 -31.20 11.50
C VAL F 48 6.11 -31.65 10.12
N ALA F 49 6.14 -32.97 9.89
CA ALA F 49 5.68 -33.50 8.63
C ALA F 49 4.19 -33.27 8.47
N PRO F 50 3.73 -32.92 7.28
CA PRO F 50 2.30 -32.76 7.05
C PRO F 50 1.56 -34.08 7.19
N LEU F 51 0.30 -33.99 7.59
CA LEU F 51 -0.55 -35.18 7.71
C LEU F 51 -1.04 -35.54 6.31
N HIS F 52 -0.16 -36.16 5.53
CA HIS F 52 -0.43 -36.49 4.14
C HIS F 52 -1.42 -37.65 4.11
N LEU F 53 -2.66 -37.36 3.77
CA LEU F 53 -3.72 -38.37 3.76
C LEU F 53 -3.77 -39.14 2.45
N GLY F 54 -2.94 -38.78 1.47
CA GLY F 54 -2.87 -39.51 0.23
C GLY F 54 -4.16 -39.48 -0.57
N LYS F 55 -4.85 -40.61 -0.62
CA LYS F 55 -6.06 -40.77 -1.42
C LYS F 55 -7.33 -40.54 -0.61
N CYS F 56 -7.26 -39.76 0.46
CA CYS F 56 -8.43 -39.47 1.27
C CYS F 56 -8.43 -38.01 1.71
N ASN F 57 -9.62 -37.48 1.95
CA ASN F 57 -9.79 -36.10 2.37
C ASN F 57 -9.91 -36.06 3.90
N ILE F 58 -10.29 -34.89 4.42
CA ILE F 58 -10.46 -34.72 5.87
C ILE F 58 -11.54 -35.66 6.38
N ALA F 59 -12.62 -35.83 5.60
CA ALA F 59 -13.68 -36.74 6.00
C ALA F 59 -13.17 -38.16 6.13
N GLY F 60 -12.29 -38.58 5.22
CA GLY F 60 -11.76 -39.94 5.28
C GLY F 60 -10.93 -40.19 6.52
N TRP F 61 -10.05 -39.26 6.87
CA TRP F 61 -9.20 -39.45 8.04
C TRP F 61 -9.99 -39.34 9.33
N ILE F 62 -10.82 -38.30 9.45
CA ILE F 62 -11.49 -38.05 10.72
C ILE F 62 -12.65 -39.02 10.93
N LEU F 63 -13.47 -39.26 9.91
CA LEU F 63 -14.58 -40.19 10.04
C LEU F 63 -14.13 -41.64 10.03
N GLY F 64 -13.00 -41.96 9.41
CA GLY F 64 -12.53 -43.33 9.37
C GLY F 64 -12.97 -44.10 8.14
N ASN F 65 -12.70 -43.57 6.96
CA ASN F 65 -13.00 -44.27 5.72
C ASN F 65 -12.07 -45.48 5.64
N PRO F 66 -12.60 -46.68 5.42
CA PRO F 66 -11.76 -47.89 5.47
C PRO F 66 -10.64 -47.91 4.43
N GLU F 67 -10.76 -47.16 3.34
CA GLU F 67 -9.71 -47.13 2.33
C GLU F 67 -8.44 -46.48 2.84
N CYS F 68 -8.50 -45.75 3.95
CA CYS F 68 -7.32 -45.07 4.50
C CYS F 68 -7.11 -45.41 5.96
N GLU F 69 -7.53 -46.60 6.38
CA GLU F 69 -7.21 -47.08 7.72
C GLU F 69 -5.73 -47.42 7.85
N SER F 70 -5.06 -47.68 6.72
CA SER F 70 -3.65 -48.07 6.76
C SER F 70 -2.77 -46.95 7.28
N LEU F 71 -3.04 -45.71 6.86
CA LEU F 71 -2.21 -44.59 7.31
C LEU F 71 -2.39 -44.36 8.79
N SER F 72 -1.28 -44.13 9.49
CA SER F 72 -1.28 -44.02 10.94
C SER F 72 -1.57 -42.59 11.37
N THR F 73 -1.62 -42.39 12.68
CA THR F 73 -1.84 -41.08 13.26
C THR F 73 -0.52 -40.48 13.74
N ALA F 74 -0.52 -39.16 13.88
CA ALA F 74 0.63 -38.43 14.40
C ALA F 74 0.21 -37.65 15.63
N SER F 75 1.19 -37.38 16.51
CA SER F 75 0.90 -36.59 17.70
C SER F 75 0.56 -35.15 17.36
N SER F 76 1.07 -34.64 16.24
CA SER F 76 0.80 -33.27 15.85
C SER F 76 1.03 -33.13 14.36
N TRP F 77 0.38 -32.13 13.76
CA TRP F 77 0.69 -31.73 12.41
C TRP F 77 0.52 -30.22 12.29
N SER F 78 1.22 -29.64 11.31
CA SER F 78 1.12 -28.21 11.03
C SER F 78 0.07 -27.89 9.99
N TYR F 79 0.06 -28.61 8.87
CA TYR F 79 -0.95 -28.43 7.84
C TYR F 79 -1.21 -29.78 7.18
N ILE F 80 -2.38 -29.89 6.54
CA ILE F 80 -2.87 -31.14 5.99
C ILE F 80 -2.79 -31.07 4.47
N VAL F 81 -2.27 -32.12 3.86
CA VAL F 81 -2.10 -32.20 2.41
C VAL F 81 -3.09 -33.21 1.85
N GLU F 82 -3.82 -32.81 0.82
CA GLU F 82 -4.68 -33.70 0.05
C GLU F 82 -4.26 -33.67 -1.41
N THR F 83 -4.23 -34.83 -2.05
CA THR F 83 -4.00 -34.86 -3.48
C THR F 83 -5.25 -34.37 -4.21
N PRO F 84 -5.09 -33.75 -5.38
CA PRO F 84 -6.26 -33.39 -6.18
C PRO F 84 -7.10 -34.57 -6.60
N SER F 85 -6.53 -35.77 -6.67
CA SER F 85 -7.26 -36.98 -7.03
C SER F 85 -7.92 -37.65 -5.82
N SER F 86 -7.95 -36.98 -4.67
CA SER F 86 -8.54 -37.55 -3.47
C SER F 86 -10.06 -37.56 -3.59
N ASP F 87 -10.62 -38.73 -3.89
CA ASP F 87 -12.05 -38.90 -4.00
C ASP F 87 -12.64 -39.75 -2.89
N ASN F 88 -11.82 -40.53 -2.18
CA ASN F 88 -12.30 -41.45 -1.15
C ASN F 88 -12.58 -40.66 0.13
N GLY F 89 -13.77 -40.07 0.19
CA GLY F 89 -14.17 -39.29 1.34
C GLY F 89 -15.29 -39.94 2.11
N THR F 90 -16.47 -39.34 2.07
CA THR F 90 -17.66 -39.92 2.69
C THR F 90 -18.22 -40.98 1.75
N CYS F 91 -17.94 -42.24 2.07
CA CYS F 91 -18.33 -43.33 1.18
C CYS F 91 -19.85 -43.51 1.16
N TYR F 92 -20.49 -43.43 2.31
CA TYR F 92 -21.94 -43.42 2.33
C TYR F 92 -22.43 -42.03 1.98
N PRO F 93 -23.31 -41.88 0.99
CA PRO F 93 -23.73 -40.55 0.56
C PRO F 93 -24.51 -39.83 1.65
N GLY F 94 -24.27 -38.54 1.77
CA GLY F 94 -24.90 -37.75 2.80
C GLY F 94 -24.33 -36.35 2.82
N ASP F 95 -24.75 -35.59 3.83
CA ASP F 95 -24.34 -34.19 4.01
C ASP F 95 -23.58 -34.07 5.31
N PHE F 96 -22.25 -34.00 5.20
CA PHE F 96 -21.36 -33.77 6.35
C PHE F 96 -21.34 -32.27 6.60
N ILE F 97 -22.26 -31.78 7.43
CA ILE F 97 -22.44 -30.35 7.57
C ILE F 97 -21.22 -29.74 8.25
N ASP F 98 -20.94 -28.49 7.90
CA ASP F 98 -19.79 -27.75 8.44
C ASP F 98 -18.50 -28.51 8.19
N TYR F 99 -18.39 -29.13 7.02
CA TYR F 99 -17.18 -29.88 6.68
C TYR F 99 -15.96 -28.97 6.61
N GLU F 100 -16.10 -27.85 5.90
CA GLU F 100 -15.02 -26.88 5.83
C GLU F 100 -14.74 -26.25 7.19
N GLU F 101 -15.76 -26.22 8.07
CA GLU F 101 -15.53 -25.77 9.44
C GLU F 101 -14.54 -26.69 10.15
N LEU F 102 -14.71 -28.00 10.01
CA LEU F 102 -13.74 -28.93 10.58
C LEU F 102 -12.40 -28.86 9.85
N ARG F 103 -12.43 -28.57 8.54
CA ARG F 103 -11.19 -28.49 7.77
C ARG F 103 -10.33 -27.34 8.26
N GLU F 104 -10.95 -26.19 8.54
CA GLU F 104 -10.23 -25.07 9.12
C GLU F 104 -10.11 -25.15 10.63
N GLN F 105 -10.78 -26.12 11.26
CA GLN F 105 -10.72 -26.32 12.70
C GLN F 105 -9.67 -27.36 13.09
N LEU F 106 -9.20 -28.15 12.12
CA LEU F 106 -8.31 -29.28 12.37
C LEU F 106 -7.01 -29.17 11.59
N SER F 107 -6.66 -27.97 11.13
CA SER F 107 -5.47 -27.81 10.30
C SER F 107 -4.20 -28.02 11.10
N SER F 108 -4.20 -27.62 12.37
CA SER F 108 -3.00 -27.76 13.21
C SER F 108 -3.42 -28.01 14.65
N VAL F 109 -2.92 -29.11 15.22
CA VAL F 109 -3.17 -29.46 16.61
C VAL F 109 -1.83 -29.81 17.26
N SER F 110 -1.66 -29.40 18.52
CA SER F 110 -0.42 -29.69 19.23
C SER F 110 -0.37 -31.14 19.69
N SER F 111 -1.50 -31.69 20.13
CA SER F 111 -1.54 -33.05 20.67
C SER F 111 -2.81 -33.73 20.21
N PHE F 112 -2.67 -34.81 19.46
CA PHE F 112 -3.80 -35.58 18.95
C PHE F 112 -3.77 -36.97 19.58
N GLU F 113 -4.83 -37.32 20.29
CA GLU F 113 -4.95 -38.63 20.92
C GLU F 113 -6.25 -39.26 20.46
N ARG F 114 -6.17 -40.48 19.95
CA ARG F 114 -7.27 -41.16 19.28
C ARG F 114 -7.74 -42.30 20.18
N PHE F 115 -8.65 -41.98 21.10
CA PHE F 115 -9.14 -42.93 22.09
C PHE F 115 -10.53 -43.41 21.71
N GLU F 116 -11.07 -44.29 22.55
CA GLU F 116 -12.38 -44.88 22.35
C GLU F 116 -13.35 -44.22 23.33
N ILE F 117 -14.23 -43.37 22.81
CA ILE F 117 -15.17 -42.66 23.66
C ILE F 117 -16.15 -43.62 24.31
N PHE F 118 -16.57 -44.65 23.58
CA PHE F 118 -17.45 -45.68 24.08
C PHE F 118 -16.88 -47.02 23.63
N PRO F 119 -16.50 -47.90 24.54
CA PRO F 119 -16.01 -49.23 24.12
C PRO F 119 -17.07 -49.98 23.33
N LYS F 120 -16.64 -50.66 22.27
CA LYS F 120 -17.58 -51.27 21.34
C LYS F 120 -18.30 -52.45 21.96
N THR F 121 -17.59 -53.27 22.75
CA THR F 121 -18.14 -54.54 23.19
C THR F 121 -18.97 -54.44 24.47
N SER F 122 -19.05 -53.27 25.11
CA SER F 122 -19.70 -53.17 26.40
C SER F 122 -20.64 -51.98 26.56
N SER F 123 -20.64 -51.02 25.65
CA SER F 123 -21.43 -49.81 25.84
C SER F 123 -22.89 -49.95 25.42
N TRP F 124 -23.26 -51.02 24.73
CA TRP F 124 -24.63 -51.22 24.27
C TRP F 124 -25.08 -52.64 24.59
N PRO F 125 -25.34 -52.93 25.87
CA PRO F 125 -25.77 -54.29 26.23
C PRO F 125 -27.13 -54.67 25.67
N ASN F 126 -27.97 -53.70 25.29
CA ASN F 126 -29.31 -53.98 24.79
C ASN F 126 -29.41 -53.80 23.28
N HIS F 127 -28.28 -53.82 22.57
CA HIS F 127 -28.29 -53.60 21.14
C HIS F 127 -27.18 -54.40 20.49
N ASP F 128 -27.31 -54.60 19.18
CA ASP F 128 -26.34 -55.34 18.40
C ASP F 128 -25.60 -54.39 17.46
N SER F 129 -24.29 -54.56 17.37
CA SER F 129 -23.44 -53.68 16.57
C SER F 129 -22.59 -54.48 15.60
N ASN F 130 -23.09 -55.61 15.12
CA ASN F 130 -22.34 -56.48 14.22
C ASN F 130 -22.90 -56.50 12.80
N LYS F 131 -24.21 -56.39 12.63
CA LYS F 131 -24.83 -56.40 11.32
C LYS F 131 -24.90 -55.02 10.69
N GLY F 132 -24.36 -54.00 11.35
CA GLY F 132 -24.40 -52.65 10.83
C GLY F 132 -23.31 -52.38 9.80
N VAL F 133 -23.40 -53.06 8.66
CA VAL F 133 -22.48 -52.86 7.54
C VAL F 133 -23.29 -52.77 6.26
N THR F 134 -22.67 -52.18 5.24
CA THR F 134 -23.34 -52.00 3.96
C THR F 134 -22.32 -52.16 2.83
N ALA F 135 -22.84 -52.49 1.65
CA ALA F 135 -22.00 -52.61 0.47
C ALA F 135 -21.55 -51.26 -0.06
N ALA F 136 -22.10 -50.16 0.44
CA ALA F 136 -21.72 -48.85 -0.03
C ALA F 136 -20.30 -48.47 0.35
N CYS F 137 -19.72 -49.13 1.35
CA CYS F 137 -18.37 -48.83 1.83
C CYS F 137 -17.57 -50.12 1.91
N PRO F 138 -17.15 -50.66 0.77
CA PRO F 138 -16.41 -51.94 0.80
C PRO F 138 -15.05 -51.79 1.44
N HIS F 139 -14.64 -52.83 2.17
CA HIS F 139 -13.30 -52.92 2.75
C HIS F 139 -12.40 -53.83 1.93
N ALA F 140 -12.82 -55.08 1.76
CA ALA F 140 -12.10 -56.05 0.93
C ALA F 140 -13.08 -56.85 0.09
N GLY F 141 -14.09 -56.16 -0.46
CA GLY F 141 -15.16 -56.80 -1.19
C GLY F 141 -16.34 -57.20 -0.33
N ALA F 142 -16.23 -57.10 0.99
CA ALA F 142 -17.31 -57.43 1.91
C ALA F 142 -17.92 -56.14 2.45
N LYS F 143 -19.18 -56.24 2.88
CA LYS F 143 -19.87 -55.09 3.45
C LYS F 143 -19.17 -54.62 4.72
N SER F 144 -18.96 -53.31 4.82
CA SER F 144 -18.25 -52.73 5.95
C SER F 144 -18.86 -51.37 6.26
N PHE F 145 -18.32 -50.72 7.29
CA PHE F 145 -18.75 -49.39 7.70
C PHE F 145 -17.53 -48.61 8.14
N TYR F 146 -17.76 -47.41 8.66
CA TYR F 146 -16.66 -46.58 9.13
C TYR F 146 -16.02 -47.17 10.37
N LYS F 147 -14.70 -47.00 10.48
CA LYS F 147 -13.98 -47.48 11.66
C LYS F 147 -14.39 -46.71 12.91
N ASN F 148 -14.57 -45.40 12.79
CA ASN F 148 -14.80 -44.53 13.93
C ASN F 148 -16.28 -44.39 14.28
N LEU F 149 -17.18 -44.99 13.51
CA LEU F 149 -18.61 -44.88 13.74
C LEU F 149 -19.22 -46.28 13.73
N ILE F 150 -20.25 -46.46 14.56
CA ILE F 150 -20.93 -47.75 14.69
C ILE F 150 -22.42 -47.53 14.41
N TRP F 151 -22.90 -48.13 13.33
CA TRP F 151 -24.29 -47.98 12.90
C TRP F 151 -25.14 -48.99 13.66
N LEU F 152 -25.79 -48.54 14.71
CA LEU F 152 -26.59 -49.42 15.54
C LEU F 152 -27.84 -49.91 14.81
N VAL F 153 -28.21 -51.16 15.06
CA VAL F 153 -29.32 -51.83 14.41
C VAL F 153 -30.15 -52.45 15.53
N LYS F 154 -31.43 -52.72 15.22
CA LYS F 154 -32.34 -53.35 16.18
C LYS F 154 -31.77 -54.64 16.73
N LYS F 155 -32.24 -55.02 17.92
CA LYS F 155 -31.86 -56.27 18.56
C LYS F 155 -33.06 -57.22 18.49
N GLY F 156 -32.99 -58.20 17.59
CA GLY F 156 -34.09 -59.12 17.41
C GLY F 156 -35.32 -58.46 16.83
N ASN F 157 -36.40 -58.42 17.60
CA ASN F 157 -37.66 -57.82 17.18
C ASN F 157 -38.03 -56.65 18.07
N SER F 158 -37.03 -55.92 18.56
CA SER F 158 -37.25 -54.73 19.38
C SER F 158 -36.00 -53.87 19.30
N TYR F 159 -36.15 -52.59 19.66
CA TYR F 159 -35.04 -51.65 19.66
C TYR F 159 -35.20 -50.76 20.89
N PRO F 160 -34.46 -51.02 21.96
CA PRO F 160 -34.60 -50.23 23.18
C PRO F 160 -34.10 -48.81 23.00
N LYS F 161 -34.35 -48.00 24.03
CA LYS F 161 -33.97 -46.60 24.03
C LYS F 161 -32.48 -46.43 24.35
N LEU F 162 -31.87 -45.46 23.70
CA LEU F 162 -30.44 -45.17 23.87
C LEU F 162 -30.26 -44.00 24.83
N SER F 163 -29.37 -44.17 25.80
CA SER F 163 -28.98 -43.07 26.68
C SER F 163 -27.56 -43.36 27.15
N LYS F 164 -26.58 -42.71 26.51
CA LYS F 164 -25.18 -42.89 26.87
C LYS F 164 -24.50 -41.53 26.82
N SER F 165 -23.80 -41.19 27.90
CA SER F 165 -23.18 -39.88 28.03
C SER F 165 -21.69 -40.04 28.34
N TYR F 166 -20.89 -39.19 27.71
CA TYR F 166 -19.45 -39.15 27.93
C TYR F 166 -19.08 -37.85 28.63
N ILE F 167 -18.17 -37.93 29.61
CA ILE F 167 -17.70 -36.78 30.35
C ILE F 167 -16.23 -36.58 30.04
N ASN F 168 -15.89 -35.40 29.55
CA ASN F 168 -14.50 -35.10 29.24
C ASN F 168 -13.69 -35.03 30.53
N ASP F 169 -12.56 -35.74 30.56
CA ASP F 169 -11.72 -35.81 31.74
C ASP F 169 -10.24 -35.62 31.49
N LYS F 170 -9.80 -35.60 30.24
CA LYS F 170 -8.38 -35.52 29.93
C LYS F 170 -7.84 -34.10 29.97
N GLY F 171 -8.68 -33.11 30.26
CA GLY F 171 -8.23 -31.74 30.24
C GLY F 171 -7.89 -31.22 28.86
N LYS F 172 -8.29 -31.94 27.82
CA LYS F 172 -8.02 -31.56 26.44
C LYS F 172 -9.32 -31.44 25.68
N GLU F 173 -9.31 -30.57 24.67
CA GLU F 173 -10.49 -30.33 23.85
C GLU F 173 -10.81 -31.58 23.04
N VAL F 174 -11.89 -32.28 23.41
CA VAL F 174 -12.24 -33.55 22.77
C VAL F 174 -13.35 -33.31 21.75
N LEU F 175 -13.24 -34.00 20.61
CA LEU F 175 -14.17 -33.87 19.50
C LEU F 175 -15.02 -35.12 19.41
N VAL F 176 -16.30 -34.94 19.05
CA VAL F 176 -17.25 -36.02 18.97
C VAL F 176 -17.90 -35.99 17.59
N LEU F 177 -17.97 -37.14 16.94
CA LEU F 177 -18.62 -37.29 15.64
C LEU F 177 -19.81 -38.22 15.79
N TRP F 178 -20.87 -37.95 15.02
CA TRP F 178 -22.01 -38.85 14.95
C TRP F 178 -22.75 -38.55 13.64
N GLY F 179 -23.97 -39.06 13.53
CA GLY F 179 -24.77 -38.78 12.35
C GLY F 179 -26.12 -39.46 12.47
N ILE F 180 -26.95 -39.22 11.47
CA ILE F 180 -28.33 -39.72 11.45
C ILE F 180 -28.56 -40.47 10.16
N HIS F 181 -28.92 -41.74 10.27
CA HIS F 181 -29.28 -42.51 9.09
C HIS F 181 -30.65 -42.09 8.57
N HIS F 182 -30.79 -42.07 7.26
CA HIS F 182 -31.96 -41.53 6.59
C HIS F 182 -32.45 -42.58 5.61
N PRO F 183 -33.22 -43.55 6.07
CA PRO F 183 -33.63 -44.67 5.20
C PRO F 183 -34.47 -44.20 4.03
N SER F 184 -34.33 -44.92 2.91
CA SER F 184 -35.02 -44.53 1.68
C SER F 184 -36.52 -44.73 1.78
N THR F 185 -36.97 -45.73 2.53
CA THR F 185 -38.39 -46.07 2.56
C THR F 185 -38.76 -46.44 3.99
N SER F 186 -40.03 -46.21 4.35
CA SER F 186 -40.52 -46.61 5.66
C SER F 186 -40.43 -48.11 5.88
N ALA F 187 -40.43 -48.89 4.79
CA ALA F 187 -40.17 -50.32 4.91
C ALA F 187 -38.76 -50.58 5.43
N ASP F 188 -37.78 -49.83 4.91
CA ASP F 188 -36.42 -49.92 5.43
C ASP F 188 -36.37 -49.48 6.89
N GLN F 189 -37.13 -48.45 7.25
CA GLN F 189 -37.18 -47.98 8.63
C GLN F 189 -37.72 -49.07 9.55
N GLN F 190 -38.78 -49.75 9.13
CA GLN F 190 -39.32 -50.85 9.93
C GLN F 190 -38.32 -52.00 10.01
N SER F 191 -37.64 -52.30 8.90
CA SER F 191 -36.70 -53.41 8.87
C SER F 191 -35.39 -53.10 9.59
N LEU F 192 -35.15 -51.85 9.98
CA LEU F 192 -33.94 -51.50 10.72
C LEU F 192 -34.20 -51.14 12.17
N TYR F 193 -35.32 -50.50 12.50
CA TYR F 193 -35.57 -50.04 13.86
C TYR F 193 -36.95 -50.37 14.40
N GLN F 194 -37.94 -50.63 13.54
CA GLN F 194 -39.33 -50.88 13.94
C GLN F 194 -39.94 -49.73 14.73
N ASN F 195 -39.37 -48.53 14.62
CA ASN F 195 -39.85 -47.34 15.33
C ASN F 195 -39.92 -46.19 14.32
N ALA F 196 -41.07 -46.05 13.66
CA ALA F 196 -41.24 -44.95 12.73
C ALA F 196 -41.27 -43.61 13.45
N ASP F 197 -41.92 -43.55 14.61
CA ASP F 197 -42.03 -42.32 15.39
C ASP F 197 -40.82 -42.17 16.32
N THR F 198 -39.65 -42.08 15.70
CA THR F 198 -38.39 -42.03 16.43
C THR F 198 -37.83 -40.61 16.43
N TYR F 199 -37.12 -40.28 17.51
CA TYR F 199 -36.54 -38.96 17.69
C TYR F 199 -35.11 -39.11 18.19
N VAL F 200 -34.30 -38.10 17.92
CA VAL F 200 -32.87 -38.11 18.24
C VAL F 200 -32.54 -36.81 18.96
N PHE F 201 -31.74 -36.90 20.03
CA PHE F 201 -31.26 -35.73 20.74
C PHE F 201 -29.77 -35.86 21.02
N VAL F 202 -29.04 -34.77 20.80
CA VAL F 202 -27.65 -34.63 21.20
C VAL F 202 -27.51 -33.36 22.01
N GLY F 203 -26.92 -33.46 23.19
CA GLY F 203 -26.86 -32.35 24.10
C GLY F 203 -25.48 -32.18 24.71
N SER F 204 -25.16 -30.92 25.03
CA SER F 204 -23.94 -30.54 25.72
C SER F 204 -24.17 -29.14 26.27
N SER F 205 -23.12 -28.52 26.80
CA SER F 205 -23.26 -27.16 27.32
C SER F 205 -23.42 -26.13 26.20
N ARG F 206 -23.04 -26.47 24.97
CA ARG F 206 -23.19 -25.55 23.85
C ARG F 206 -24.13 -26.07 22.77
N TYR F 207 -23.92 -27.30 22.29
CA TYR F 207 -24.71 -27.84 21.20
C TYR F 207 -25.92 -28.59 21.78
N SER F 208 -27.11 -28.19 21.38
CA SER F 208 -28.33 -28.87 21.80
C SER F 208 -29.37 -28.71 20.70
N LYS F 209 -29.50 -29.73 19.85
CA LYS F 209 -30.44 -29.65 18.73
C LYS F 209 -30.98 -31.05 18.45
N LYS F 210 -32.28 -31.13 18.22
CA LYS F 210 -32.99 -32.39 18.04
C LYS F 210 -33.09 -32.75 16.56
N PHE F 211 -32.82 -34.01 16.25
CA PHE F 211 -32.82 -34.49 14.87
C PHE F 211 -34.03 -35.38 14.67
N LYS F 212 -34.83 -35.09 13.66
CA LYS F 212 -35.92 -35.97 13.27
C LYS F 212 -35.57 -36.61 11.93
N PRO F 213 -35.59 -37.94 11.84
CA PRO F 213 -35.24 -38.58 10.56
C PRO F 213 -36.28 -38.30 9.50
N GLU F 214 -35.82 -38.11 8.28
CA GLU F 214 -36.69 -37.91 7.12
C GLU F 214 -36.49 -39.06 6.14
N ILE F 215 -37.59 -39.74 5.82
CA ILE F 215 -37.55 -40.93 4.97
C ILE F 215 -38.25 -40.60 3.65
N ALA F 216 -37.53 -40.75 2.55
CA ALA F 216 -38.05 -40.49 1.21
C ALA F 216 -37.10 -41.13 0.21
N ILE F 217 -37.59 -41.31 -1.01
CA ILE F 217 -36.79 -41.93 -2.06
C ILE F 217 -35.82 -40.89 -2.62
N ARG F 218 -34.55 -41.14 -2.46
CA ARG F 218 -33.48 -40.27 -2.91
C ARG F 218 -32.84 -40.82 -4.18
N PRO F 219 -32.20 -39.97 -4.99
CA PRO F 219 -31.47 -40.48 -6.15
C PRO F 219 -30.35 -41.41 -5.74
N LYS F 220 -30.11 -42.42 -6.58
CA LYS F 220 -29.14 -43.45 -6.26
C LYS F 220 -27.72 -42.91 -6.36
N VAL F 221 -26.99 -42.95 -5.25
CA VAL F 221 -25.57 -42.61 -5.22
C VAL F 221 -24.84 -43.77 -4.57
N ARG F 222 -23.81 -44.28 -5.25
CA ARG F 222 -23.06 -45.46 -4.82
C ARG F 222 -23.97 -46.65 -4.58
N ASP F 223 -24.97 -46.81 -5.46
CA ASP F 223 -25.96 -47.88 -5.40
C ASP F 223 -26.69 -47.90 -4.05
N GLN F 224 -26.95 -46.71 -3.50
CA GLN F 224 -27.67 -46.58 -2.25
C GLN F 224 -28.79 -45.57 -2.43
N GLU F 225 -30.00 -45.96 -2.05
CA GLU F 225 -31.18 -45.13 -2.25
C GLU F 225 -31.45 -44.17 -1.09
N GLY F 226 -30.65 -44.22 -0.03
CA GLY F 226 -30.84 -43.34 1.09
C GLY F 226 -29.55 -42.60 1.42
N ARG F 227 -29.68 -41.63 2.32
CA ARG F 227 -28.56 -40.84 2.81
C ARG F 227 -28.34 -41.12 4.28
N MET F 228 -27.28 -40.54 4.82
CA MET F 228 -27.06 -40.51 6.26
C MET F 228 -26.09 -39.38 6.57
N ASN F 229 -26.59 -38.35 7.24
CA ASN F 229 -25.81 -37.15 7.52
C ASN F 229 -24.77 -37.44 8.60
N TYR F 230 -23.97 -36.43 8.91
CA TYR F 230 -23.00 -36.51 10.00
C TYR F 230 -22.95 -35.16 10.70
N TYR F 231 -23.13 -35.17 12.01
CA TYR F 231 -23.08 -33.96 12.82
C TYR F 231 -21.95 -34.10 13.83
N TRP F 232 -21.22 -33.01 14.06
CA TRP F 232 -20.09 -33.00 14.97
C TRP F 232 -20.19 -31.83 15.91
N THR F 233 -19.58 -31.98 17.09
CA THR F 233 -19.55 -30.91 18.08
C THR F 233 -18.21 -30.93 18.78
N LEU F 234 -18.02 -29.95 19.66
CA LEU F 234 -16.80 -29.80 20.44
C LEU F 234 -17.13 -29.79 21.92
N VAL F 235 -16.40 -30.58 22.70
CA VAL F 235 -16.67 -30.76 24.13
C VAL F 235 -15.46 -30.27 24.90
N GLU F 236 -15.66 -29.26 25.74
CA GLU F 236 -14.60 -28.68 26.55
C GLU F 236 -14.31 -29.55 27.77
N PRO F 237 -13.14 -29.38 28.39
CA PRO F 237 -12.87 -30.11 29.64
C PRO F 237 -13.91 -29.79 30.71
N GLY F 238 -14.32 -30.84 31.43
CA GLY F 238 -15.35 -30.71 32.43
C GLY F 238 -16.77 -30.71 31.92
N ASP F 239 -16.97 -30.92 30.62
CA ASP F 239 -18.30 -30.92 30.03
C ASP F 239 -18.82 -32.34 29.87
N LYS F 240 -20.14 -32.48 29.93
CA LYS F 240 -20.83 -33.75 29.76
C LYS F 240 -21.67 -33.67 28.50
N ILE F 241 -21.41 -34.56 27.54
CA ILE F 241 -22.16 -34.65 26.30
C ILE F 241 -23.03 -35.91 26.36
N THR F 242 -24.31 -35.75 26.06
CA THR F 242 -25.30 -36.81 26.22
C THR F 242 -25.89 -37.18 24.87
N PHE F 243 -25.92 -38.47 24.57
CA PHE F 243 -26.57 -39.01 23.38
C PHE F 243 -27.83 -39.75 23.81
N GLU F 244 -28.98 -39.14 23.58
CA GLU F 244 -30.27 -39.79 23.80
C GLU F 244 -30.96 -39.98 22.46
N ALA F 245 -31.36 -41.22 22.17
CA ALA F 245 -31.97 -41.52 20.89
C ALA F 245 -32.89 -42.71 21.04
N THR F 246 -33.72 -42.92 20.01
CA THR F 246 -34.55 -44.11 19.94
C THR F 246 -34.58 -44.65 18.50
N GLY F 247 -33.54 -44.38 17.74
CA GLY F 247 -33.43 -44.91 16.40
C GLY F 247 -32.70 -43.94 15.49
N ASN F 248 -32.16 -44.48 14.39
CA ASN F 248 -31.57 -43.70 13.31
C ASN F 248 -30.39 -42.85 13.78
N LEU F 249 -29.61 -43.37 14.73
CA LEU F 249 -28.40 -42.69 15.19
C LEU F 249 -27.22 -43.62 15.02
N VAL F 250 -26.10 -43.05 14.56
CA VAL F 250 -24.83 -43.75 14.49
C VAL F 250 -23.93 -43.20 15.59
N VAL F 251 -23.45 -44.10 16.45
CA VAL F 251 -22.74 -43.70 17.67
C VAL F 251 -21.24 -43.68 17.38
N PRO F 252 -20.50 -42.71 17.92
CA PRO F 252 -19.03 -42.73 17.75
C PRO F 252 -18.41 -43.90 18.48
N ARG F 253 -17.75 -44.78 17.73
CA ARG F 253 -16.85 -45.74 18.35
C ARG F 253 -15.65 -45.04 18.97
N TYR F 254 -14.99 -44.18 18.20
CA TYR F 254 -13.80 -43.47 18.63
C TYR F 254 -14.04 -41.97 18.56
N ALA F 255 -13.46 -41.25 19.52
CA ALA F 255 -13.43 -39.79 19.53
C ALA F 255 -12.01 -39.34 19.23
N PHE F 256 -11.79 -38.03 19.31
CA PHE F 256 -10.47 -37.45 19.02
C PHE F 256 -10.23 -36.27 19.96
N ALA F 257 -9.40 -36.48 20.97
CA ALA F 257 -8.95 -35.40 21.82
C ALA F 257 -7.85 -34.61 21.13
N MET F 258 -7.81 -33.31 21.40
CA MET F 258 -6.93 -32.42 20.67
C MET F 258 -6.71 -31.13 21.46
N GLU F 259 -5.67 -30.39 21.07
CA GLU F 259 -5.41 -29.06 21.56
C GLU F 259 -5.00 -28.19 20.37
N ARG F 260 -5.84 -27.22 20.02
CA ARG F 260 -5.65 -26.45 18.81
C ARG F 260 -4.49 -25.46 18.95
N ASN F 261 -3.82 -25.21 17.83
CA ASN F 261 -2.65 -24.34 17.78
C ASN F 261 -2.94 -23.26 16.73
N ALA F 262 -3.38 -22.09 17.19
CA ALA F 262 -3.66 -20.93 16.34
C ALA F 262 -4.58 -21.29 15.18
N GLY F 263 -4.04 -21.26 13.97
CA GLY F 263 -4.80 -21.64 12.79
C GLY F 263 -3.89 -21.81 11.60
N SER F 264 -4.30 -22.66 10.68
CA SER F 264 -3.53 -22.94 9.47
C SER F 264 -4.51 -23.37 8.38
N GLY F 265 -3.96 -23.75 7.23
CA GLY F 265 -4.80 -24.13 6.12
C GLY F 265 -4.53 -25.52 5.58
N ILE F 266 -5.11 -25.84 4.43
CA ILE F 266 -4.96 -27.12 3.77
C ILE F 266 -4.38 -26.87 2.38
N ILE F 267 -3.28 -27.55 2.07
CA ILE F 267 -2.62 -27.38 0.78
C ILE F 267 -2.97 -28.57 -0.10
N ILE F 268 -3.51 -28.30 -1.28
CA ILE F 268 -3.87 -29.32 -2.25
C ILE F 268 -2.71 -29.47 -3.21
N SER F 269 -2.05 -30.62 -3.19
CA SER F 269 -0.89 -30.83 -4.04
C SER F 269 -0.64 -32.32 -4.23
N ASP F 270 0.07 -32.64 -5.31
CA ASP F 270 0.59 -33.98 -5.55
C ASP F 270 2.06 -34.09 -5.21
N THR F 271 2.66 -33.03 -4.68
CA THR F 271 4.10 -33.03 -4.42
C THR F 271 4.43 -33.93 -3.23
N PRO F 272 5.45 -34.77 -3.33
CA PRO F 272 5.78 -35.67 -2.22
C PRO F 272 6.34 -34.91 -1.02
N VAL F 273 6.37 -35.60 0.12
CA VAL F 273 6.80 -35.03 1.39
C VAL F 273 8.18 -35.56 1.73
N HIS F 274 9.12 -34.66 2.00
CA HIS F 274 10.48 -35.01 2.39
C HIS F 274 10.78 -34.47 3.78
N ASP F 275 12.02 -34.62 4.20
CA ASP F 275 12.50 -34.12 5.48
C ASP F 275 13.25 -32.82 5.25
N CYS F 276 12.74 -31.73 5.83
CA CYS F 276 13.16 -30.40 5.42
C CYS F 276 12.58 -29.36 6.37
N ASN F 277 13.36 -28.34 6.69
CA ASN F 277 12.88 -27.17 7.42
C ASN F 277 12.67 -26.02 6.44
N THR F 278 11.46 -25.46 6.44
CA THR F 278 11.16 -24.30 5.61
C THR F 278 10.06 -23.48 6.30
N THR F 279 10.19 -22.16 6.23
CA THR F 279 9.31 -21.28 6.98
C THR F 279 7.92 -21.18 6.35
N CYS F 280 7.80 -21.36 5.03
CA CYS F 280 6.51 -21.28 4.37
C CYS F 280 6.38 -22.37 3.32
N GLN F 281 5.14 -22.78 3.07
CA GLN F 281 4.84 -23.84 2.11
C GLN F 281 3.80 -23.36 1.12
N THR F 282 4.01 -23.70 -0.14
CA THR F 282 3.06 -23.49 -1.23
C THR F 282 2.86 -24.82 -1.93
N PRO F 283 1.72 -25.00 -2.62
CA PRO F 283 1.51 -26.28 -3.34
C PRO F 283 2.59 -26.59 -4.36
N LYS F 284 3.18 -25.57 -4.98
CA LYS F 284 4.23 -25.84 -5.96
C LYS F 284 5.54 -26.24 -5.30
N GLY F 285 5.77 -25.82 -4.06
CA GLY F 285 6.99 -26.20 -3.38
C GLY F 285 7.26 -25.31 -2.18
N ALA F 286 8.54 -25.24 -1.81
CA ALA F 286 8.99 -24.46 -0.67
C ALA F 286 9.82 -23.27 -1.15
N ILE F 287 9.84 -22.21 -0.35
CA ILE F 287 10.47 -20.95 -0.70
C ILE F 287 11.43 -20.55 0.41
N ASN F 288 12.05 -19.38 0.24
CA ASN F 288 13.18 -18.97 1.08
C ASN F 288 12.76 -18.18 2.31
N THR F 289 12.00 -17.09 2.12
CA THR F 289 11.68 -16.03 3.07
C THR F 289 12.89 -15.12 3.29
N SER F 290 14.06 -15.46 2.73
CA SER F 290 15.21 -14.57 2.80
C SER F 290 14.96 -13.29 2.03
N LEU F 291 14.24 -13.36 0.92
CA LEU F 291 13.93 -12.21 0.11
C LEU F 291 12.42 -11.97 0.13
N PRO F 292 11.96 -10.75 0.39
CA PRO F 292 10.55 -10.54 0.73
C PRO F 292 9.62 -10.35 -0.46
N PHE F 293 9.77 -11.14 -1.51
CA PHE F 293 8.88 -11.06 -2.69
C PHE F 293 8.91 -12.41 -3.39
N GLN F 294 7.76 -13.07 -3.45
CA GLN F 294 7.67 -14.37 -4.09
C GLN F 294 6.57 -14.34 -5.16
N ASN F 295 6.81 -15.05 -6.25
CA ASN F 295 5.86 -15.16 -7.35
C ASN F 295 5.55 -16.61 -7.68
N ILE F 296 5.52 -17.46 -6.66
CA ILE F 296 5.34 -18.90 -6.86
C ILE F 296 3.86 -19.25 -6.86
N HIS F 297 3.17 -18.97 -5.77
CA HIS F 297 1.76 -19.31 -5.64
C HIS F 297 1.09 -18.41 -4.62
N PRO F 298 -0.07 -17.82 -4.96
CA PRO F 298 -0.76 -16.95 -4.00
C PRO F 298 -1.17 -17.67 -2.72
N ILE F 299 -1.53 -18.94 -2.79
CA ILE F 299 -1.95 -19.69 -1.62
C ILE F 299 -0.70 -20.13 -0.87
N THR F 300 -0.42 -19.50 0.27
CA THR F 300 0.76 -19.78 1.06
C THR F 300 0.37 -20.04 2.50
N ILE F 301 1.18 -20.84 3.19
CA ILE F 301 1.01 -21.12 4.62
C ILE F 301 2.36 -20.98 5.29
N GLY F 302 2.51 -19.98 6.15
CA GLY F 302 3.72 -19.76 6.89
C GLY F 302 4.12 -18.30 6.90
N LYS F 303 5.23 -18.02 7.60
CA LYS F 303 5.81 -16.69 7.66
C LYS F 303 6.63 -16.46 6.39
N CYS F 304 5.94 -16.05 5.33
CA CYS F 304 6.54 -15.96 4.02
C CYS F 304 6.11 -14.68 3.33
N PRO F 305 6.85 -14.22 2.31
CA PRO F 305 6.50 -12.97 1.62
C PRO F 305 5.14 -12.97 0.96
N LYS F 306 4.75 -11.83 0.43
CA LYS F 306 3.47 -11.68 -0.25
C LYS F 306 3.63 -11.99 -1.74
N TYR F 307 2.59 -12.58 -2.32
CA TYR F 307 2.64 -12.97 -3.71
C TYR F 307 2.45 -11.75 -4.62
N VAL F 308 3.26 -11.70 -5.67
CA VAL F 308 3.17 -10.65 -6.69
C VAL F 308 3.27 -11.31 -8.05
N LYS F 309 2.47 -10.82 -9.00
CA LYS F 309 2.50 -11.34 -10.37
C LYS F 309 3.59 -10.70 -11.21
N SER F 310 4.46 -9.91 -10.59
CA SER F 310 5.59 -9.32 -11.29
C SER F 310 6.59 -10.39 -11.71
N THR F 311 7.49 -10.00 -12.61
CA THR F 311 8.47 -10.92 -13.19
C THR F 311 9.88 -10.69 -12.68
N LYS F 312 10.30 -9.44 -12.51
CA LYS F 312 11.68 -9.14 -12.15
C LYS F 312 11.72 -7.95 -11.21
N LEU F 313 12.35 -8.13 -10.04
CA LEU F 313 12.58 -7.07 -9.06
C LEU F 313 14.05 -7.13 -8.69
N ARG F 314 14.90 -6.45 -9.48
CA ARG F 314 16.33 -6.45 -9.24
C ARG F 314 16.72 -5.08 -8.69
N LEU F 315 17.02 -5.04 -7.39
CA LEU F 315 17.41 -3.80 -6.74
C LEU F 315 18.89 -3.54 -7.02
N ALA F 316 19.16 -2.52 -7.81
CA ALA F 316 20.52 -2.22 -8.23
C ALA F 316 21.39 -1.85 -7.04
N THR F 317 22.66 -2.22 -7.14
CA THR F 317 23.61 -2.04 -6.05
C THR F 317 24.90 -1.45 -6.60
N GLY F 318 25.14 -1.65 -7.90
CA GLY F 318 26.36 -1.24 -8.54
C GLY F 318 26.19 -0.05 -9.46
N LEU F 319 27.30 0.34 -10.08
CA LEU F 319 27.35 1.49 -10.97
C LEU F 319 26.58 1.20 -12.26
N ARG F 320 26.53 2.20 -13.13
CA ARG F 320 26.03 1.99 -14.48
C ARG F 320 27.16 1.34 -15.28
N ASN F 321 26.95 0.08 -15.66
CA ASN F 321 28.00 -0.74 -16.27
C ASN F 321 28.27 -0.22 -17.68
N ILE F 322 29.33 0.56 -17.83
CA ILE F 322 29.72 1.11 -19.12
C ILE F 322 31.17 0.75 -19.38
N PRO F 323 31.45 -0.39 -20.03
CA PRO F 323 32.81 -0.83 -20.34
C PRO F 323 33.55 0.12 -21.27
N ASP G 20 12.11 44.70 14.94
CA ASP G 20 10.88 44.43 14.20
C ASP G 20 10.77 45.31 12.96
N ILE G 21 9.89 44.91 12.04
CA ILE G 21 9.66 45.66 10.81
C ILE G 21 8.62 46.72 11.12
N VAL G 22 9.06 47.96 11.36
CA VAL G 22 8.12 49.03 11.68
C VAL G 22 7.23 49.29 10.48
N MET G 23 5.96 49.58 10.75
CA MET G 23 4.95 49.61 9.69
C MET G 23 3.84 50.56 10.10
N THR G 24 3.60 51.58 9.27
CA THR G 24 2.59 52.59 9.55
C THR G 24 1.80 52.90 8.29
N GLN G 25 0.57 53.36 8.47
CA GLN G 25 -0.28 53.79 7.37
C GLN G 25 -0.55 55.28 7.50
N SER G 26 -0.55 55.97 6.35
CA SER G 26 -0.64 57.44 6.38
C SER G 26 -2.05 57.93 6.68
N PRO G 27 -3.08 57.59 5.90
CA PRO G 27 -4.39 58.23 6.12
C PRO G 27 -5.07 57.68 7.36
N ASP G 28 -5.53 58.59 8.21
CA ASP G 28 -6.18 58.21 9.46
C ASP G 28 -7.37 59.11 9.72
N SER G 29 -8.34 58.57 10.47
CA SER G 29 -9.54 59.30 10.88
C SER G 29 -10.29 59.88 9.70
N LEU G 30 -10.32 59.14 8.59
CA LEU G 30 -11.03 59.60 7.40
C LEU G 30 -12.54 59.55 7.63
N ALA G 31 -13.24 60.53 7.08
CA ALA G 31 -14.68 60.65 7.21
C ALA G 31 -15.28 60.91 5.84
N VAL G 32 -16.09 59.96 5.36
CA VAL G 32 -16.82 60.11 4.11
C VAL G 32 -18.26 59.66 4.36
N SER G 33 -19.16 60.16 3.52
CA SER G 33 -20.57 59.82 3.63
C SER G 33 -20.83 58.51 2.88
N LEU G 34 -22.11 58.17 2.72
CA LEU G 34 -22.48 56.88 2.15
C LEU G 34 -22.31 56.88 0.63
N GLY G 35 -21.76 55.78 0.11
CA GLY G 35 -21.75 55.52 -1.31
C GLY G 35 -20.46 55.84 -2.04
N GLU G 36 -19.59 56.66 -1.45
CA GLU G 36 -18.36 57.03 -2.14
C GLU G 36 -17.23 56.08 -1.77
N ARG G 37 -16.01 56.42 -2.16
CA ARG G 37 -14.85 55.57 -1.99
C ARG G 37 -13.98 56.09 -0.85
N ALA G 38 -13.38 55.17 -0.10
CA ALA G 38 -12.44 55.49 0.97
C ALA G 38 -11.22 54.59 0.81
N THR G 39 -10.08 55.19 0.51
CA THR G 39 -8.84 54.46 0.30
C THR G 39 -7.90 54.66 1.48
N ILE G 40 -7.21 53.58 1.87
CA ILE G 40 -6.28 53.59 2.99
C ILE G 40 -5.02 52.86 2.52
N ASN G 41 -4.01 53.62 2.09
CA ASN G 41 -2.75 52.99 1.72
C ASN G 41 -1.88 52.80 2.96
N CYS G 42 -1.04 51.78 2.92
CA CYS G 42 -0.31 51.30 4.09
C CYS G 42 1.11 51.00 3.66
N ARG G 43 2.08 51.52 4.42
CA ARG G 43 3.49 51.44 4.04
C ARG G 43 4.26 50.64 5.07
N SER G 44 5.28 49.91 4.60
CA SER G 44 6.19 49.17 5.46
C SER G 44 7.61 49.61 5.17
N SER G 45 8.42 49.73 6.23
CA SER G 45 9.79 50.21 6.05
C SER G 45 10.65 49.25 5.25
N GLN G 46 10.33 47.96 5.28
CA GLN G 46 11.08 46.94 4.58
C GLN G 46 10.11 46.11 3.74
N SER G 47 10.63 45.54 2.66
CA SER G 47 9.82 44.68 1.80
C SER G 47 9.22 43.53 2.59
N VAL G 48 7.92 43.29 2.39
CA VAL G 48 7.20 42.28 3.15
C VAL G 48 6.96 41.06 2.28
N SER G 49 6.33 41.27 1.12
CA SER G 49 6.00 40.15 0.24
C SER G 49 7.25 39.62 -0.45
N SER G 50 7.24 38.31 -0.69
CA SER G 50 8.32 37.65 -1.41
C SER G 50 7.80 36.35 -2.00
N ASN G 51 8.25 36.05 -3.22
CA ASN G 51 7.84 34.85 -3.95
C ASN G 51 6.32 34.82 -4.15
N ASN G 52 5.77 35.97 -4.53
CA ASN G 52 4.33 36.14 -4.76
C ASN G 52 3.52 35.72 -3.53
N LYS G 53 4.03 36.07 -2.35
CA LYS G 53 3.40 35.77 -1.07
C LYS G 53 3.20 37.09 -0.33
N ASN G 54 2.06 37.73 -0.57
CA ASN G 54 1.77 39.04 -0.01
C ASN G 54 1.31 38.86 1.44
N PHE G 55 2.19 39.17 2.38
CA PHE G 55 1.98 38.85 3.80
C PHE G 55 1.39 40.06 4.50
N LEU G 56 0.07 40.21 4.37
CA LEU G 56 -0.62 41.31 5.04
C LEU G 56 -2.09 40.96 5.21
N ALA G 57 -2.68 41.50 6.28
CA ALA G 57 -4.10 41.33 6.53
C ALA G 57 -4.67 42.63 7.09
N TRP G 58 -5.98 42.80 6.88
CA TRP G 58 -6.73 43.94 7.41
C TRP G 58 -7.74 43.45 8.42
N TYR G 59 -7.89 44.17 9.53
CA TYR G 59 -8.80 43.76 10.59
C TYR G 59 -9.77 44.89 10.90
N GLN G 60 -11.02 44.51 11.16
CA GLN G 60 -12.11 45.44 11.37
C GLN G 60 -12.80 45.10 12.69
N GLU G 61 -13.02 46.11 13.53
CA GLU G 61 -13.84 45.93 14.71
C GLU G 61 -14.69 47.17 14.94
N LYS G 62 -15.88 46.96 15.43
CA LYS G 62 -16.77 47.98 15.94
C LYS G 62 -16.59 48.10 17.44
N PRO G 63 -16.98 49.24 18.03
CA PRO G 63 -16.85 49.37 19.49
C PRO G 63 -17.65 48.30 20.23
N GLY G 64 -16.97 47.62 21.15
CA GLY G 64 -17.56 46.51 21.86
C GLY G 64 -17.55 45.19 21.12
N GLN G 65 -16.77 45.07 20.05
CA GLN G 65 -16.75 43.86 19.24
C GLN G 65 -15.33 43.38 19.03
N PRO G 66 -15.13 42.06 18.94
CA PRO G 66 -13.78 41.55 18.69
C PRO G 66 -13.32 41.88 17.28
N PRO G 67 -12.02 42.07 17.07
CA PRO G 67 -11.53 42.35 15.73
C PRO G 67 -11.55 41.12 14.84
N LYS G 68 -12.48 41.09 13.89
CA LYS G 68 -12.54 39.99 12.93
C LYS G 68 -11.68 40.32 11.73
N VAL G 69 -11.22 39.26 11.04
CA VAL G 69 -10.42 39.45 9.84
C VAL G 69 -11.31 39.96 8.71
N LEU G 70 -10.80 40.92 7.96
CA LEU G 70 -11.50 41.52 6.83
C LEU G 70 -10.96 41.04 5.50
N ILE G 71 -9.68 41.25 5.25
CA ILE G 71 -9.01 40.76 4.05
C ILE G 71 -7.72 40.08 4.46
N TYR G 72 -7.59 38.81 4.09
CA TYR G 72 -6.38 38.03 4.34
C TYR G 72 -5.54 37.98 3.07
N TRP G 73 -4.22 37.88 3.24
CA TRP G 73 -3.25 37.83 2.14
C TRP G 73 -3.22 39.12 1.32
N ALA G 74 -3.93 40.16 1.74
CA ALA G 74 -3.99 41.50 1.15
C ALA G 74 -4.62 41.52 -0.24
N SER G 75 -5.07 40.39 -0.77
CA SER G 75 -5.75 40.34 -2.05
C SER G 75 -6.99 39.47 -2.06
N ALA G 76 -7.13 38.52 -1.14
CA ALA G 76 -8.24 37.60 -1.14
C ALA G 76 -9.37 38.13 -0.25
N ARG G 77 -10.39 37.30 -0.03
CA ARG G 77 -11.56 37.68 0.74
C ARG G 77 -11.94 36.54 1.66
N GLU G 78 -11.98 36.80 2.97
CA GLU G 78 -12.48 35.81 3.90
C GLU G 78 -14.00 35.70 3.72
N SER G 79 -14.50 34.47 3.67
CA SER G 79 -15.91 34.26 3.39
C SER G 79 -16.77 34.80 4.53
N GLY G 80 -17.64 35.74 4.20
CA GLY G 80 -18.51 36.34 5.20
C GLY G 80 -18.54 37.86 5.13
N VAL G 81 -17.41 38.47 4.77
CA VAL G 81 -17.33 39.93 4.65
C VAL G 81 -18.02 40.32 3.35
N PRO G 82 -18.59 41.53 3.26
CA PRO G 82 -19.27 41.93 2.02
C PRO G 82 -18.31 42.02 0.84
N ASP G 83 -18.84 41.73 -0.35
CA ASP G 83 -18.04 41.77 -1.57
C ASP G 83 -17.56 43.18 -1.91
N ARG G 84 -18.25 44.20 -1.41
CA ARG G 84 -17.88 45.58 -1.68
C ARG G 84 -16.55 45.98 -1.06
N PHE G 85 -16.01 45.18 -0.16
CA PHE G 85 -14.72 45.45 0.46
C PHE G 85 -13.63 44.74 -0.32
N SER G 86 -12.63 45.49 -0.78
CA SER G 86 -11.58 44.90 -1.59
C SER G 86 -10.28 45.66 -1.35
N GLY G 87 -9.17 44.99 -1.65
CA GLY G 87 -7.87 45.60 -1.48
C GLY G 87 -6.85 44.93 -2.38
N SER G 88 -5.79 45.67 -2.68
CA SER G 88 -4.74 45.19 -3.57
C SER G 88 -3.45 45.93 -3.24
N GLY G 89 -2.42 45.64 -4.02
CA GLY G 89 -1.11 46.24 -3.81
C GLY G 89 -0.04 45.21 -3.57
N SER G 90 1.22 45.57 -3.84
CA SER G 90 2.33 44.64 -3.66
C SER G 90 3.59 45.43 -3.35
N GLY G 91 4.56 44.74 -2.77
CA GLY G 91 5.83 45.37 -2.42
C GLY G 91 5.82 46.01 -1.06
N THR G 92 5.64 47.33 -1.02
CA THR G 92 5.55 48.06 0.23
C THR G 92 4.31 48.93 0.35
N ASP G 93 3.49 49.03 -0.69
CA ASP G 93 2.26 49.82 -0.66
C ASP G 93 1.07 48.88 -0.77
N PHE G 94 0.14 48.99 0.18
CA PHE G 94 -0.99 48.07 0.28
C PHE G 94 -2.22 48.88 0.65
N THR G 95 -3.26 48.81 -0.19
CA THR G 95 -4.40 49.72 -0.09
C THR G 95 -5.67 48.95 0.20
N LEU G 96 -6.50 49.53 1.07
CA LEU G 96 -7.87 49.06 1.31
C LEU G 96 -8.84 50.06 0.69
N THR G 97 -9.70 49.56 -0.20
CA THR G 97 -10.65 50.39 -0.91
C THR G 97 -12.07 49.92 -0.60
N ILE G 98 -12.92 50.87 -0.22
CA ILE G 98 -14.33 50.60 0.09
C ILE G 98 -15.18 51.29 -0.97
N SER G 99 -15.94 50.51 -1.73
CA SER G 99 -16.86 51.03 -2.73
C SER G 99 -18.28 50.79 -2.26
N GLY G 100 -19.11 51.82 -2.35
CA GLY G 100 -20.48 51.71 -1.87
C GLY G 100 -20.56 51.50 -0.37
N LEU G 101 -19.81 52.32 0.38
CA LEU G 101 -19.78 52.21 1.83
C LEU G 101 -21.18 52.34 2.41
N GLN G 102 -21.52 51.44 3.32
CA GLN G 102 -22.86 51.34 3.87
C GLN G 102 -22.80 51.67 5.36
N ALA G 103 -23.95 52.05 5.92
CA ALA G 103 -23.98 52.73 7.21
C ALA G 103 -23.39 51.87 8.34
N GLU G 104 -23.71 50.58 8.37
CA GLU G 104 -23.21 49.70 9.42
C GLU G 104 -21.80 49.18 9.15
N ASP G 105 -21.03 49.84 8.28
CA ASP G 105 -19.64 49.47 8.06
C ASP G 105 -18.67 50.50 8.67
N VAL G 106 -19.15 51.34 9.58
CA VAL G 106 -18.27 52.26 10.30
C VAL G 106 -17.53 51.50 11.38
N ALA G 107 -16.21 51.58 11.37
CA ALA G 107 -15.37 50.75 12.24
C ALA G 107 -13.94 51.32 12.22
N VAL G 108 -13.02 50.55 12.79
CA VAL G 108 -11.60 50.89 12.83
C VAL G 108 -10.83 49.81 12.09
N TYR G 109 -9.92 50.22 11.21
CA TYR G 109 -9.18 49.30 10.35
C TYR G 109 -7.71 49.28 10.74
N TYR G 110 -7.16 48.09 10.92
CA TYR G 110 -5.77 47.91 11.34
C TYR G 110 -4.98 47.18 10.26
N CYS G 111 -3.80 47.70 9.94
CA CYS G 111 -2.86 46.98 9.11
C CYS G 111 -2.21 45.87 9.92
N GLN G 112 -1.45 45.02 9.23
CA GLN G 112 -0.84 43.85 9.84
C GLN G 112 0.25 43.31 8.91
N GLN G 113 1.44 43.07 9.44
CA GLN G 113 2.48 42.40 8.68
C GLN G 113 2.93 41.18 9.48
N HIS G 114 2.61 40.00 8.96
CA HIS G 114 3.11 38.75 9.53
C HIS G 114 4.26 38.20 8.69
N TYR G 115 5.35 38.95 8.66
CA TYR G 115 6.56 38.54 7.98
C TYR G 115 7.65 38.11 8.96
N ARG G 116 7.92 38.90 9.98
CA ARG G 116 8.75 38.50 11.10
C ARG G 116 7.85 38.04 12.24
N THR G 117 8.44 37.35 13.22
CA THR G 117 7.64 36.90 14.37
C THR G 117 6.93 38.02 15.13
N PRO G 118 7.47 39.23 15.28
CA PRO G 118 6.66 40.28 15.89
C PRO G 118 5.72 40.89 14.87
N PRO G 119 4.41 40.67 14.99
CA PRO G 119 3.46 41.29 14.07
C PRO G 119 3.21 42.73 14.50
N THR G 120 3.78 43.67 13.75
CA THR G 120 3.65 45.08 14.05
C THR G 120 2.40 45.58 13.34
N PHE G 121 1.34 45.86 14.11
CA PHE G 121 0.15 46.43 13.50
C PHE G 121 0.37 47.90 13.23
N GLY G 122 -0.41 48.45 12.31
CA GLY G 122 -0.43 49.88 12.12
C GLY G 122 -1.00 50.58 13.32
N GLN G 123 -0.65 51.87 13.46
CA GLN G 123 -1.13 52.64 14.59
C GLN G 123 -2.65 52.83 14.55
N GLY G 124 -3.26 52.61 13.39
CA GLY G 124 -4.71 52.54 13.30
C GLY G 124 -5.29 53.66 12.47
N THR G 125 -6.23 53.29 11.60
CA THR G 125 -7.03 54.25 10.86
C THR G 125 -8.50 54.01 11.19
N LYS G 126 -9.30 55.07 11.04
CA LYS G 126 -10.70 55.01 11.44
C LYS G 126 -11.56 55.62 10.36
N VAL G 127 -12.70 54.99 10.09
CA VAL G 127 -13.70 55.53 9.17
C VAL G 127 -14.91 55.94 9.99
N GLU G 128 -15.62 56.96 9.51
CA GLU G 128 -16.79 57.47 10.19
C GLU G 128 -17.67 58.19 9.17
N ILE G 129 -18.98 58.03 9.30
CA ILE G 129 -19.90 58.64 8.35
C ILE G 129 -19.83 60.15 8.43
N LYS G 130 -20.11 60.81 7.30
CA LYS G 130 -20.06 62.26 7.21
C LYS G 130 -21.41 62.89 7.51
N GLN H 20 -18.02 25.67 13.93
CA GLN H 20 -17.71 27.08 14.16
C GLN H 20 -16.66 27.26 15.23
N VAL H 21 -15.67 28.09 14.93
CA VAL H 21 -14.63 28.42 15.90
C VAL H 21 -15.22 29.26 17.02
N GLN H 22 -14.75 29.01 18.25
CA GLN H 22 -15.13 29.81 19.42
C GLN H 22 -13.93 29.90 20.34
N LEU H 23 -13.52 31.12 20.67
CA LEU H 23 -12.43 31.35 21.61
C LEU H 23 -13.02 32.15 22.77
N VAL H 24 -13.59 31.44 23.74
CA VAL H 24 -14.12 32.05 24.94
C VAL H 24 -13.02 32.16 25.97
N GLN H 25 -13.00 33.27 26.72
CA GLN H 25 -11.96 33.48 27.71
C GLN H 25 -12.51 34.28 28.88
N SER H 26 -11.97 33.98 30.07
CA SER H 26 -12.37 34.65 31.29
C SER H 26 -11.25 34.51 32.30
N GLY H 27 -11.29 35.35 33.33
CA GLY H 27 -10.27 35.33 34.35
C GLY H 27 -9.66 36.69 34.63
N GLY H 28 -9.96 37.65 33.77
CA GLY H 28 -9.45 38.99 33.95
C GLY H 28 -10.18 39.75 35.05
N GLY H 29 -9.62 40.91 35.39
CA GLY H 29 -10.22 41.72 36.43
C GLY H 29 -9.27 42.82 36.86
N VAL H 30 -9.50 43.34 38.05
CA VAL H 30 -8.70 44.42 38.61
C VAL H 30 -7.57 43.80 39.44
N VAL H 31 -6.40 44.44 39.38
CA VAL H 31 -5.23 43.94 40.09
C VAL H 31 -4.29 45.11 40.39
N PRO H 32 -3.66 45.15 41.55
CA PRO H 32 -2.64 46.16 41.81
C PRO H 32 -1.29 45.70 41.28
N PRO H 33 -0.36 46.61 41.05
CA PRO H 33 0.96 46.21 40.53
C PRO H 33 1.71 45.34 41.53
N GLY H 34 2.53 44.44 40.99
CA GLY H 34 3.42 43.63 41.79
C GLY H 34 2.93 42.26 42.19
N ARG H 35 1.84 41.76 41.60
CA ARG H 35 1.36 40.43 41.91
C ARG H 35 0.86 39.76 40.64
N SER H 36 0.76 38.43 40.70
CA SER H 36 0.50 37.60 39.53
C SER H 36 -0.97 37.67 39.11
N LEU H 37 -1.24 37.11 37.94
CA LEU H 37 -2.60 37.04 37.40
C LEU H 37 -2.66 35.89 36.40
N ARG H 38 -3.76 35.14 36.43
CA ARG H 38 -3.96 33.99 35.56
C ARG H 38 -5.07 34.26 34.56
N LEU H 39 -4.84 33.88 33.31
CA LEU H 39 -5.79 34.04 32.23
C LEU H 39 -5.94 32.72 31.49
N SER H 40 -7.12 32.48 30.95
CA SER H 40 -7.40 31.24 30.22
C SER H 40 -8.32 31.54 29.05
N CYS H 41 -8.03 30.92 27.91
CA CYS H 41 -8.83 31.05 26.69
C CYS H 41 -9.12 29.65 26.15
N ALA H 42 -10.29 29.13 26.49
CA ALA H 42 -10.72 27.83 25.99
C ALA H 42 -11.05 27.91 24.50
N ALA H 43 -10.81 26.81 23.80
CA ALA H 43 -11.09 26.70 22.38
C ALA H 43 -12.02 25.52 22.13
N SER H 44 -12.85 25.64 21.09
CA SER H 44 -13.82 24.61 20.77
C SER H 44 -14.17 24.68 19.29
N GLY H 45 -14.81 23.62 18.81
CA GLY H 45 -15.34 23.60 17.46
C GLY H 45 -14.35 23.27 16.37
N PHE H 46 -13.08 23.05 16.71
CA PHE H 46 -12.08 22.70 15.71
C PHE H 46 -10.95 21.95 16.41
N THR H 47 -10.15 21.26 15.60
CA THR H 47 -9.03 20.52 16.15
C THR H 47 -7.95 21.48 16.65
N PHE H 48 -7.52 21.27 17.89
CA PHE H 48 -6.74 22.25 18.64
C PHE H 48 -5.24 22.03 18.50
N SER H 49 -4.79 20.79 18.65
CA SER H 49 -3.37 20.47 18.74
C SER H 49 -2.63 20.63 17.42
N THR H 50 -3.25 21.12 16.36
CA THR H 50 -2.56 21.34 15.10
C THR H 50 -2.30 22.81 14.80
N TYR H 51 -3.00 23.72 15.46
CA TYR H 51 -2.89 25.15 15.20
C TYR H 51 -2.20 25.83 16.38
N GLY H 52 -1.14 26.58 16.09
CA GLY H 52 -0.56 27.43 17.10
C GLY H 52 -1.49 28.57 17.45
N MET H 53 -1.31 29.13 18.64
CA MET H 53 -2.19 30.19 19.11
C MET H 53 -1.37 31.40 19.57
N HIS H 54 -2.04 32.54 19.59
CA HIS H 54 -1.38 33.84 19.68
C HIS H 54 -2.03 34.67 20.78
N TRP H 55 -1.28 35.65 21.28
CA TRP H 55 -1.77 36.59 22.28
C TRP H 55 -1.57 38.01 21.76
N VAL H 56 -2.57 38.85 21.96
CA VAL H 56 -2.55 40.23 21.47
C VAL H 56 -3.44 41.06 22.38
N ARG H 57 -3.03 42.31 22.63
CA ARG H 57 -3.68 43.13 23.65
C ARG H 57 -3.96 44.53 23.13
N GLN H 58 -4.94 45.17 23.76
CA GLN H 58 -5.47 46.47 23.34
C GLN H 58 -5.33 47.45 24.51
N ALA H 59 -4.25 48.22 24.52
CA ALA H 59 -4.10 49.24 25.54
C ALA H 59 -5.19 50.30 25.37
N PRO H 60 -5.74 50.84 26.46
CA PRO H 60 -6.88 51.75 26.35
C PRO H 60 -6.48 53.04 25.64
N GLY H 61 -7.26 53.39 24.61
CA GLY H 61 -6.93 54.56 23.81
C GLY H 61 -5.78 54.37 22.86
N LYS H 62 -5.30 53.15 22.69
CA LYS H 62 -4.14 52.84 21.87
C LYS H 62 -4.53 51.80 20.82
N GLY H 63 -3.54 51.31 20.08
CA GLY H 63 -3.74 50.24 19.13
C GLY H 63 -3.31 48.89 19.68
N LEU H 64 -3.62 47.85 18.92
CA LEU H 64 -3.24 46.50 19.32
C LEU H 64 -1.72 46.33 19.21
N GLU H 65 -1.18 45.40 19.99
CA GLU H 65 0.23 45.10 19.92
C GLU H 65 0.47 43.66 20.37
N TRP H 66 1.68 43.19 20.10
CA TRP H 66 2.03 41.79 20.19
C TRP H 66 2.42 41.39 21.61
N VAL H 67 2.09 40.14 21.98
CA VAL H 67 2.36 39.65 23.33
C VAL H 67 3.24 38.40 23.31
N ALA H 68 2.73 37.30 22.77
CA ALA H 68 3.43 36.02 22.83
C ALA H 68 2.73 35.01 21.92
N VAL H 69 3.47 33.95 21.56
CA VAL H 69 2.97 32.88 20.71
C VAL H 69 3.49 31.55 21.24
N ILE H 70 2.79 30.48 20.93
CA ILE H 70 3.23 29.12 21.24
C ILE H 70 2.78 28.21 20.11
N SER H 71 3.63 27.22 19.80
CA SER H 71 3.43 26.40 18.61
C SER H 71 2.30 25.38 18.83
N TYR H 72 2.11 24.49 17.87
CA TYR H 72 1.08 23.46 18.00
C TYR H 72 1.44 22.45 19.09
N ASP H 73 2.70 22.05 19.16
CA ASP H 73 3.15 21.08 20.14
C ASP H 73 3.57 21.71 21.46
N GLY H 74 3.66 23.03 21.53
CA GLY H 74 4.09 23.69 22.75
C GLY H 74 5.57 23.60 23.03
N ASN H 75 6.36 23.10 22.08
CA ASN H 75 7.79 22.92 22.33
C ASN H 75 8.55 24.23 22.28
N TYR H 76 8.13 25.16 21.41
CA TYR H 76 8.84 26.41 21.21
C TYR H 76 7.93 27.57 21.59
N LYS H 77 8.51 28.56 22.28
CA LYS H 77 7.74 29.60 22.96
C LYS H 77 8.43 30.93 22.73
N TYR H 78 7.75 31.85 22.05
CA TYR H 78 8.35 33.10 21.62
C TYR H 78 7.63 34.27 22.29
N TYR H 79 8.35 35.37 22.48
CA TYR H 79 7.86 36.48 23.28
C TYR H 79 8.04 37.79 22.53
N ALA H 80 7.21 38.77 22.91
CA ALA H 80 7.40 40.13 22.42
C ALA H 80 8.62 40.76 23.08
N ASP H 81 9.20 41.75 22.41
CA ASP H 81 10.35 42.44 22.98
C ASP H 81 9.97 43.22 24.22
N SER H 82 8.76 43.77 24.25
CA SER H 82 8.36 44.65 25.36
C SER H 82 8.15 43.87 26.65
N VAL H 83 7.58 42.67 26.57
CA VAL H 83 7.19 41.94 27.78
C VAL H 83 8.03 40.68 27.94
N ARG H 84 9.26 40.71 27.42
CA ARG H 84 10.16 39.58 27.54
C ARG H 84 10.58 39.38 29.00
N GLY H 85 10.54 38.14 29.46
CA GLY H 85 10.97 37.79 30.80
C GLY H 85 9.95 38.07 31.89
N ARG H 86 8.79 38.61 31.54
CA ARG H 86 7.73 38.87 32.52
C ARG H 86 6.47 38.08 32.26
N PHE H 87 6.21 37.65 31.02
CA PHE H 87 5.03 36.90 30.66
C PHE H 87 5.43 35.45 30.39
N THR H 88 4.66 34.52 30.93
CA THR H 88 4.96 33.10 30.77
C THR H 88 3.80 32.42 30.05
N ILE H 89 4.00 32.12 28.78
CA ILE H 89 2.97 31.49 27.95
C ILE H 89 3.06 29.98 28.11
N SER H 90 1.91 29.32 28.05
CA SER H 90 1.82 27.87 28.00
C SER H 90 0.52 27.49 27.33
N ARG H 91 0.45 26.23 26.91
CA ARG H 91 -0.81 25.67 26.42
C ARG H 91 -0.92 24.23 26.90
N ASP H 92 -2.16 23.73 26.91
CA ASP H 92 -2.43 22.32 27.12
C ASP H 92 -3.43 21.85 26.07
N ASN H 93 -3.28 20.59 25.66
CA ASN H 93 -4.11 20.03 24.61
C ASN H 93 -5.17 19.08 25.12
N SER H 94 -5.07 18.63 26.38
CA SER H 94 -6.08 17.73 26.92
C SER H 94 -7.42 18.44 27.07
N LYS H 95 -7.41 19.68 27.55
CA LYS H 95 -8.63 20.46 27.72
C LYS H 95 -8.70 21.67 26.80
N ASN H 96 -7.71 21.86 25.93
CA ASN H 96 -7.71 22.89 24.89
C ASN H 96 -7.84 24.30 25.49
N THR H 97 -6.81 24.67 26.25
CA THR H 97 -6.78 25.98 26.90
C THR H 97 -5.43 26.63 26.67
N LEU H 98 -5.46 27.90 26.27
CA LEU H 98 -4.26 28.72 26.16
C LEU H 98 -4.21 29.67 27.35
N ASN H 99 -3.16 29.55 28.16
CA ASN H 99 -3.07 30.31 29.40
C ASN H 99 -1.79 31.14 29.41
N LEU H 100 -1.89 32.32 30.03
CA LEU H 100 -0.78 33.25 30.15
C LEU H 100 -0.56 33.59 31.61
N ASP H 101 0.70 33.53 32.05
CA ASP H 101 1.08 33.82 33.42
C ASP H 101 1.65 35.22 33.51
N MET H 102 1.52 35.83 34.68
CA MET H 102 1.80 37.25 34.86
C MET H 102 2.80 37.43 35.98
N ASN H 103 3.96 38.00 35.66
CA ASN H 103 5.01 38.26 36.63
C ASN H 103 5.44 39.73 36.53
N SER H 104 5.49 40.41 37.67
CA SER H 104 6.02 41.76 37.80
C SER H 104 5.28 42.74 36.88
N LEU H 105 3.99 42.94 37.18
CA LEU H 105 3.17 43.81 36.37
C LEU H 105 3.47 45.28 36.66
N ARG H 106 3.21 46.12 35.66
CA ARG H 106 3.28 47.57 35.81
C ARG H 106 2.00 48.17 35.26
N THR H 107 1.81 49.46 35.54
CA THR H 107 0.61 50.15 35.08
C THR H 107 0.50 50.18 33.57
N GLU H 108 1.63 50.04 32.85
CA GLU H 108 1.59 49.98 31.40
C GLU H 108 0.85 48.75 30.90
N ASP H 109 0.81 47.68 31.68
CA ASP H 109 0.22 46.41 31.24
C ASP H 109 -1.30 46.45 31.19
N THR H 110 -1.93 47.54 31.65
CA THR H 110 -3.38 47.66 31.56
C THR H 110 -3.80 47.68 30.10
N ALA H 111 -4.70 46.78 29.73
CA ALA H 111 -5.11 46.63 28.33
C ALA H 111 -6.37 45.77 28.30
N LEU H 112 -6.74 45.34 27.09
CA LEU H 112 -7.84 44.40 26.85
C LEU H 112 -7.28 43.22 26.07
N TYR H 113 -7.30 42.04 26.69
CA TYR H 113 -6.59 40.89 26.15
C TYR H 113 -7.45 40.07 25.20
N TYR H 114 -6.82 39.66 24.09
CA TYR H 114 -7.44 38.95 22.99
C TYR H 114 -6.62 37.71 22.70
N CYS H 115 -7.25 36.53 22.71
CA CYS H 115 -6.58 35.30 22.33
C CYS H 115 -6.89 35.00 20.87
N ALA H 116 -5.85 34.84 20.07
CA ALA H 116 -5.97 34.65 18.64
C ALA H 116 -5.49 33.27 18.24
N LYS H 117 -5.79 32.90 16.99
CA LYS H 117 -5.37 31.64 16.42
C LYS H 117 -4.55 31.88 15.16
N ASP H 118 -3.45 31.17 15.03
CA ASP H 118 -2.64 31.29 13.83
C ASP H 118 -3.33 30.58 12.66
N SER H 119 -2.87 30.87 11.44
CA SER H 119 -3.48 30.34 10.23
C SER H 119 -2.73 29.17 9.62
N GLN H 120 -1.40 29.20 9.63
CA GLN H 120 -0.62 28.14 9.01
C GLN H 120 -0.77 26.85 9.81
N LEU H 121 -1.25 25.79 9.16
CA LEU H 121 -1.47 24.53 9.83
C LEU H 121 -0.14 23.88 10.21
N ARG H 122 -0.01 23.51 11.48
CA ARG H 122 1.19 22.85 12.00
C ARG H 122 2.44 23.66 11.71
N SER H 123 2.35 24.98 11.90
CA SER H 123 3.45 25.86 11.58
C SER H 123 4.64 25.57 12.48
N LEU H 124 5.81 25.43 11.88
CA LEU H 124 7.03 25.12 12.62
C LEU H 124 7.77 26.42 12.94
N LEU H 125 8.06 26.63 14.21
CA LEU H 125 8.77 27.81 14.69
C LEU H 125 10.06 27.35 15.35
N TYR H 126 11.13 27.28 14.57
CA TYR H 126 12.41 26.84 15.12
C TYR H 126 13.42 27.98 15.28
N PHE H 127 13.11 29.17 14.77
CA PHE H 127 13.97 30.33 14.96
C PHE H 127 13.11 31.55 15.27
N ASP H 128 13.70 32.51 15.99
CA ASP H 128 12.97 33.54 16.70
C ASP H 128 12.53 34.70 15.80
N TRP H 129 12.53 34.52 14.48
CA TRP H 129 12.09 35.58 13.58
C TRP H 129 11.25 35.06 12.41
N LEU H 130 10.92 33.77 12.37
CA LEU H 130 10.33 33.14 11.20
C LEU H 130 8.96 33.73 10.88
N SER H 131 8.50 33.44 9.67
CA SER H 131 7.27 34.03 9.13
C SER H 131 6.07 33.27 9.66
N GLN H 132 5.48 33.77 10.73
CA GLN H 132 4.28 33.19 11.28
C GLN H 132 3.07 33.60 10.45
N GLY H 133 2.02 32.77 10.52
CA GLY H 133 0.82 33.02 9.75
C GLY H 133 0.00 34.15 10.32
N TYR H 134 -1.05 34.50 9.59
CA TYR H 134 -1.95 35.57 9.99
C TYR H 134 -2.99 35.03 10.97
N PHE H 135 -3.78 35.95 11.53
CA PHE H 135 -4.75 35.61 12.55
C PHE H 135 -6.09 35.28 11.91
N ASP H 136 -6.54 34.03 12.09
CA ASP H 136 -7.85 33.65 11.57
C ASP H 136 -8.98 34.16 12.45
N HIS H 137 -9.00 33.73 13.71
CA HIS H 137 -10.16 33.92 14.57
C HIS H 137 -9.72 34.49 15.91
N TRP H 138 -10.57 35.33 16.48
CA TRP H 138 -10.22 36.14 17.64
C TRP H 138 -11.20 35.89 18.78
N GLY H 139 -10.70 36.02 20.01
CA GLY H 139 -11.52 35.78 21.17
C GLY H 139 -12.43 36.94 21.49
N GLN H 140 -13.35 36.69 22.44
CA GLN H 140 -14.33 37.71 22.81
C GLN H 140 -13.72 38.84 23.61
N GLY H 141 -12.56 38.63 24.24
CA GLY H 141 -11.92 39.68 24.99
C GLY H 141 -12.16 39.64 26.48
N THR H 142 -11.09 39.86 27.25
CA THR H 142 -11.18 39.94 28.71
C THR H 142 -10.51 41.21 29.18
N LEU H 143 -11.09 41.85 30.19
CA LEU H 143 -10.63 43.15 30.67
C LEU H 143 -9.68 42.99 31.84
N VAL H 144 -8.52 43.62 31.75
CA VAL H 144 -7.53 43.61 32.82
C VAL H 144 -7.13 45.05 33.12
N THR H 145 -7.08 45.40 34.40
CA THR H 145 -6.66 46.73 34.84
C THR H 145 -5.58 46.58 35.90
N VAL H 146 -4.50 47.34 35.74
CA VAL H 146 -3.42 47.41 36.71
C VAL H 146 -3.50 48.78 37.36
N SER H 147 -4.19 48.86 38.50
CA SER H 147 -4.38 50.13 39.18
C SER H 147 -4.44 49.88 40.68
N SER H 148 -4.21 50.95 41.44
CA SER H 148 -4.24 50.87 42.89
C SER H 148 -5.63 51.19 43.43
N GLY I 1 43.72 39.78 7.31
CA GLY I 1 42.76 39.60 6.24
C GLY I 1 41.36 39.27 6.72
N ASP I 2 40.38 40.02 6.24
CA ASP I 2 39.00 39.77 6.61
C ASP I 2 38.51 38.46 6.02
N THR I 3 37.72 37.72 6.80
CA THR I 3 37.21 36.41 6.39
C THR I 3 35.70 36.39 6.51
N LEU I 4 35.04 35.82 5.50
CA LEU I 4 33.61 35.55 5.52
C LEU I 4 33.40 34.08 5.18
N CYS I 5 32.76 33.35 6.08
CA CYS I 5 32.63 31.91 5.93
C CYS I 5 31.17 31.52 6.11
N ILE I 6 30.79 30.42 5.45
CA ILE I 6 29.40 29.97 5.39
C ILE I 6 29.27 28.67 6.18
N GLY I 7 28.20 28.57 6.95
CA GLY I 7 27.95 27.37 7.72
C GLY I 7 26.47 27.05 7.88
N TYR I 8 26.13 26.26 8.89
CA TYR I 8 24.75 25.85 9.10
C TYR I 8 24.53 25.59 10.58
N HIS I 9 23.25 25.57 10.95
CA HIS I 9 22.86 25.50 12.36
C HIS I 9 23.27 24.18 12.98
N ALA I 10 23.56 24.22 14.27
CA ALA I 10 23.86 23.03 15.06
C ALA I 10 23.46 23.29 16.50
N ASN I 11 22.79 22.32 17.11
CA ASN I 11 22.35 22.46 18.49
C ASN I 11 22.65 21.15 19.22
N ASN I 12 22.10 21.02 20.42
CA ASN I 12 22.39 19.89 21.31
C ASN I 12 21.16 19.01 21.54
N SER I 13 20.29 18.91 20.55
CA SER I 13 19.13 18.03 20.66
C SER I 13 19.54 16.59 20.36
N THR I 14 19.05 15.67 21.20
CA THR I 14 19.39 14.26 21.10
C THR I 14 18.38 13.46 20.30
N ASP I 15 17.41 14.12 19.68
CA ASP I 15 16.38 13.42 18.90
C ASP I 15 17.02 12.86 17.64
N THR I 16 17.23 11.54 17.64
CA THR I 16 17.85 10.85 16.51
C THR I 16 16.78 10.15 15.69
N VAL I 17 17.11 9.89 14.42
CA VAL I 17 16.14 9.40 13.45
C VAL I 17 16.87 8.57 12.40
N ASP I 18 16.23 7.50 11.94
CA ASP I 18 16.80 6.62 10.94
C ASP I 18 16.49 7.11 9.54
N THR I 19 17.42 6.88 8.63
CA THR I 19 17.26 7.16 7.21
C THR I 19 17.46 5.87 6.42
N VAL I 20 17.42 5.99 5.09
CA VAL I 20 17.63 4.82 4.24
C VAL I 20 19.08 4.37 4.29
N LEU I 21 20.01 5.33 4.22
CA LEU I 21 21.43 5.02 4.08
C LEU I 21 22.20 5.02 5.39
N GLU I 22 21.77 5.81 6.38
CA GLU I 22 22.33 5.76 7.72
C GLU I 22 21.27 5.38 8.73
N LYS I 23 21.73 4.89 9.87
CA LYS I 23 20.89 4.64 11.03
C LYS I 23 21.40 5.46 12.19
N ASN I 24 20.48 5.87 13.07
CA ASN I 24 20.79 6.61 14.29
C ASN I 24 21.58 7.87 14.00
N VAL I 25 21.19 8.60 12.97
CA VAL I 25 21.77 9.91 12.69
C VAL I 25 20.99 10.95 13.47
N THR I 26 21.71 11.92 14.03
CA THR I 26 21.09 12.96 14.81
C THR I 26 20.68 14.12 13.93
N VAL I 27 19.58 14.77 14.29
CA VAL I 27 19.08 15.92 13.56
C VAL I 27 18.89 17.07 14.52
N THR I 28 18.99 18.29 13.99
CA THR I 28 18.81 19.48 14.80
C THR I 28 17.40 19.58 15.34
N HIS I 29 16.41 19.22 14.53
CA HIS I 29 15.01 19.29 14.95
C HIS I 29 14.26 18.14 14.31
N SER I 30 13.12 17.78 14.92
CA SER I 30 12.35 16.66 14.42
C SER I 30 10.91 16.76 14.91
N VAL I 31 10.04 15.97 14.27
CA VAL I 31 8.64 15.82 14.67
C VAL I 31 8.32 14.33 14.73
N ASN I 32 7.58 13.92 15.76
CA ASN I 32 7.26 12.52 15.99
C ASN I 32 5.95 12.20 15.30
N LEU I 33 6.01 11.48 14.17
CA LEU I 33 4.80 11.10 13.46
C LEU I 33 4.00 10.03 14.18
N LEU I 34 4.62 9.27 15.06
CA LEU I 34 4.00 8.09 15.65
C LEU I 34 3.38 8.47 17.00
N GLU I 35 2.08 8.26 17.12
CA GLU I 35 1.33 8.60 18.33
C GLU I 35 1.24 7.34 19.20
N ASP I 36 2.00 7.33 20.29
CA ASP I 36 2.09 6.16 21.17
C ASP I 36 1.95 6.58 22.63
N LYS I 37 0.97 7.43 22.91
CA LYS I 37 0.71 7.89 24.28
C LYS I 37 -0.79 7.81 24.53
N HIS I 38 -1.21 6.78 25.26
CA HIS I 38 -2.61 6.58 25.62
C HIS I 38 -2.92 7.30 26.92
N ASN I 39 -4.08 7.95 26.97
CA ASN I 39 -4.50 8.64 28.19
C ASN I 39 -5.06 7.70 29.24
N GLY I 40 -5.40 6.46 28.85
CA GLY I 40 -5.85 5.48 29.81
C GLY I 40 -7.23 5.69 30.37
N LYS I 41 -8.11 6.38 29.65
CA LYS I 41 -9.49 6.57 30.08
C LYS I 41 -10.44 6.27 28.93
N LEU I 42 -11.55 5.59 29.23
CA LEU I 42 -12.60 5.39 28.25
C LEU I 42 -13.37 6.69 28.07
N CYS I 43 -13.18 7.33 26.93
CA CYS I 43 -13.66 8.69 26.71
C CYS I 43 -14.93 8.65 25.86
N LYS I 44 -15.39 9.83 25.42
CA LYS I 44 -16.63 9.95 24.66
C LYS I 44 -16.30 10.05 23.18
N LEU I 45 -16.88 9.16 22.38
CA LEU I 45 -16.69 9.17 20.94
C LEU I 45 -17.89 9.84 20.28
N ARG I 46 -17.62 10.68 19.28
CA ARG I 46 -18.64 11.46 18.59
C ARG I 46 -19.42 12.33 19.58
N GLY I 47 -18.72 12.82 20.59
CA GLY I 47 -19.28 13.76 21.55
C GLY I 47 -20.51 13.26 22.31
N VAL I 48 -20.65 11.94 22.45
CA VAL I 48 -21.72 11.37 23.24
C VAL I 48 -21.15 10.34 24.19
N ALA I 49 -21.87 10.09 25.27
CA ALA I 49 -21.37 9.25 26.34
C ALA I 49 -21.56 7.77 26.00
N PRO I 50 -20.51 6.96 26.04
CA PRO I 50 -20.69 5.51 25.93
C PRO I 50 -21.40 4.96 27.15
N LEU I 51 -21.96 3.76 26.97
CA LEU I 51 -22.79 3.11 27.99
C LEU I 51 -22.01 1.93 28.55
N HIS I 52 -21.69 1.98 29.84
CA HIS I 52 -20.83 0.98 30.47
C HIS I 52 -21.67 -0.02 31.25
N LEU I 53 -21.84 -1.21 30.67
CA LEU I 53 -22.61 -2.28 31.31
C LEU I 53 -21.99 -2.68 32.65
N GLY I 54 -20.68 -2.89 32.68
CA GLY I 54 -20.03 -3.35 33.88
C GLY I 54 -20.00 -4.87 33.96
N LYS I 55 -20.64 -5.42 34.99
CA LYS I 55 -20.67 -6.87 35.16
C LYS I 55 -21.51 -7.56 34.10
N CYS I 56 -22.36 -6.84 33.39
CA CYS I 56 -23.31 -7.42 32.46
C CYS I 56 -22.79 -7.32 31.03
N ASN I 57 -23.48 -8.00 30.12
CA ASN I 57 -23.16 -7.93 28.70
C ASN I 57 -24.41 -7.51 27.94
N ILE I 58 -24.38 -7.62 26.60
CA ILE I 58 -25.53 -7.24 25.80
C ILE I 58 -26.73 -8.11 26.14
N ALA I 59 -26.48 -9.39 26.40
CA ALA I 59 -27.58 -10.29 26.78
C ALA I 59 -28.23 -9.82 28.09
N GLY I 60 -27.42 -9.42 29.07
CA GLY I 60 -27.97 -8.99 30.33
C GLY I 60 -28.77 -7.70 30.22
N TRP I 61 -28.28 -6.75 29.44
CA TRP I 61 -28.93 -5.45 29.35
C TRP I 61 -30.12 -5.44 28.39
N ILE I 62 -30.13 -6.31 27.39
CA ILE I 62 -31.20 -6.35 26.40
C ILE I 62 -32.29 -7.35 26.79
N LEU I 63 -31.91 -8.57 27.17
CA LEU I 63 -32.90 -9.53 27.63
C LEU I 63 -33.44 -9.16 29.01
N GLY I 64 -32.64 -8.50 29.84
CA GLY I 64 -33.10 -8.08 31.15
C GLY I 64 -32.69 -8.99 32.29
N ASN I 65 -31.41 -9.35 32.35
CA ASN I 65 -30.91 -10.15 33.45
C ASN I 65 -31.15 -9.42 34.76
N PRO I 66 -31.50 -10.14 35.84
CA PRO I 66 -31.96 -9.47 37.08
C PRO I 66 -31.04 -8.39 37.62
N GLU I 67 -29.78 -8.72 37.89
CA GLU I 67 -28.85 -7.74 38.44
C GLU I 67 -28.07 -7.04 37.32
N CYS I 68 -28.86 -6.48 36.39
CA CYS I 68 -28.34 -5.58 35.37
C CYS I 68 -29.11 -4.26 35.33
N GLU I 69 -30.08 -4.06 36.23
CA GLU I 69 -30.86 -2.84 36.29
C GLU I 69 -30.14 -1.74 37.07
N SER I 70 -28.94 -2.02 37.57
CA SER I 70 -28.13 -1.04 38.29
C SER I 70 -27.51 0.00 37.36
N LEU I 71 -27.96 0.07 36.12
CA LEU I 71 -27.52 1.05 35.16
C LEU I 71 -28.73 1.76 34.56
N SER I 72 -28.53 3.02 34.17
CA SER I 72 -29.59 3.80 33.55
C SER I 72 -29.46 3.74 32.03
N THR I 73 -30.57 3.45 31.37
CA THR I 73 -30.58 3.25 29.92
C THR I 73 -30.58 4.62 29.25
N ALA I 74 -29.38 5.09 28.91
CA ALA I 74 -29.25 6.34 28.17
C ALA I 74 -29.84 6.19 26.77
N SER I 75 -30.42 7.28 26.27
CA SER I 75 -31.06 7.23 24.95
C SER I 75 -30.04 7.00 23.83
N SER I 76 -28.85 7.56 23.96
CA SER I 76 -27.85 7.46 22.90
C SER I 76 -26.51 7.02 23.47
N TRP I 77 -25.77 6.26 22.68
CA TRP I 77 -24.41 5.87 23.03
C TRP I 77 -23.63 5.65 21.74
N SER I 78 -22.31 5.73 21.83
CA SER I 78 -21.46 5.60 20.66
C SER I 78 -20.76 4.25 20.57
N TYR I 79 -20.47 3.61 21.70
CA TYR I 79 -19.90 2.27 21.66
C TYR I 79 -20.26 1.57 22.95
N ILE I 80 -20.64 0.31 22.86
CA ILE I 80 -20.94 -0.49 24.03
C ILE I 80 -19.66 -1.16 24.50
N VAL I 81 -19.47 -1.23 25.81
CA VAL I 81 -18.24 -1.74 26.40
C VAL I 81 -18.57 -2.91 27.32
N GLU I 82 -17.63 -3.86 27.40
CA GLU I 82 -17.79 -5.07 28.17
C GLU I 82 -16.57 -5.25 29.08
N THR I 83 -16.81 -5.70 30.29
CA THR I 83 -15.70 -6.03 31.18
C THR I 83 -15.15 -7.41 30.82
N PRO I 84 -13.82 -7.60 30.85
CA PRO I 84 -13.27 -8.94 30.60
C PRO I 84 -13.80 -9.98 31.58
N SER I 85 -14.01 -9.61 32.84
CA SER I 85 -14.61 -10.53 33.79
C SER I 85 -16.12 -10.60 33.68
N SER I 86 -16.72 -9.78 32.84
CA SER I 86 -18.16 -9.84 32.61
C SER I 86 -18.49 -10.99 31.67
N ASP I 87 -19.25 -11.95 32.16
CA ASP I 87 -19.72 -13.07 31.35
C ASP I 87 -21.18 -13.42 31.59
N ASN I 88 -21.89 -12.63 32.38
CA ASN I 88 -23.13 -13.06 33.01
C ASN I 88 -24.30 -12.34 32.35
N GLY I 89 -24.89 -12.98 31.35
CA GLY I 89 -25.98 -12.37 30.62
C GLY I 89 -27.26 -13.17 30.58
N THR I 90 -27.16 -14.49 30.74
CA THR I 90 -28.32 -15.36 30.62
C THR I 90 -28.28 -16.45 31.67
N CYS I 91 -29.40 -16.65 32.35
CA CYS I 91 -29.69 -17.92 32.99
C CYS I 91 -30.56 -18.74 32.05
N TYR I 92 -30.82 -19.99 32.42
CA TYR I 92 -31.43 -20.96 31.52
C TYR I 92 -30.63 -21.00 30.23
N PRO I 93 -29.37 -21.42 30.28
CA PRO I 93 -28.47 -21.23 29.13
C PRO I 93 -28.90 -22.06 27.94
N GLY I 94 -28.45 -21.61 26.77
CA GLY I 94 -28.79 -22.27 25.53
C GLY I 94 -28.23 -21.49 24.34
N ASP I 95 -29.00 -21.41 23.27
CA ASP I 95 -28.59 -20.67 22.07
C ASP I 95 -29.44 -19.42 21.92
N PHE I 96 -28.78 -18.27 21.91
CA PHE I 96 -29.36 -17.01 21.46
C PHE I 96 -28.84 -16.81 20.04
N ILE I 97 -29.64 -17.21 19.05
CA ILE I 97 -29.16 -17.17 17.68
C ILE I 97 -28.93 -15.72 17.28
N ASP I 98 -27.98 -15.52 16.37
CA ASP I 98 -27.63 -14.20 15.87
C ASP I 98 -27.22 -13.27 17.00
N TYR I 99 -26.57 -13.84 18.03
CA TYR I 99 -26.08 -13.04 19.14
C TYR I 99 -25.09 -11.98 18.66
N GLU I 100 -24.19 -12.36 17.77
CA GLU I 100 -23.25 -11.41 17.22
C GLU I 100 -23.93 -10.46 16.24
N GLU I 101 -24.96 -10.93 15.54
CA GLU I 101 -25.75 -10.02 14.71
C GLU I 101 -26.39 -8.93 15.54
N LEU I 102 -26.93 -9.27 16.71
CA LEU I 102 -27.52 -8.27 17.59
C LEU I 102 -26.43 -7.39 18.21
N ARG I 103 -25.25 -7.95 18.49
CA ARG I 103 -24.16 -7.13 19.00
C ARG I 103 -23.77 -6.05 17.99
N GLU I 104 -23.65 -6.42 16.72
CA GLU I 104 -23.29 -5.44 15.71
C GLU I 104 -24.48 -4.57 15.33
N GLN I 105 -25.70 -5.02 15.59
CA GLN I 105 -26.91 -4.27 15.25
C GLN I 105 -27.28 -3.23 16.29
N LEU I 106 -26.89 -3.44 17.55
CA LEU I 106 -27.17 -2.50 18.63
C LEU I 106 -25.90 -1.85 19.15
N SER I 107 -24.89 -1.73 18.28
CA SER I 107 -23.62 -1.16 18.71
C SER I 107 -23.74 0.33 19.01
N SER I 108 -24.54 1.05 18.23
CA SER I 108 -24.65 2.50 18.40
C SER I 108 -26.07 2.92 18.01
N VAL I 109 -26.85 3.32 19.01
CA VAL I 109 -28.21 3.78 18.80
C VAL I 109 -28.27 5.25 19.18
N SER I 110 -28.98 6.05 18.38
CA SER I 110 -29.13 7.46 18.64
C SER I 110 -30.35 7.82 19.48
N SER I 111 -31.33 6.91 19.59
CA SER I 111 -32.53 7.17 20.37
C SER I 111 -33.09 5.83 20.83
N PHE I 112 -32.99 5.54 22.12
CA PHE I 112 -33.37 4.26 22.69
C PHE I 112 -34.47 4.48 23.73
N GLU I 113 -35.53 3.69 23.63
CA GLU I 113 -36.68 3.81 24.51
C GLU I 113 -37.14 2.43 24.94
N ARG I 114 -37.20 2.19 26.24
CA ARG I 114 -37.68 0.92 26.78
C ARG I 114 -39.16 1.03 27.11
N PHE I 115 -39.98 1.10 26.07
CA PHE I 115 -41.42 1.15 26.28
C PHE I 115 -41.93 -0.27 26.49
N GLU I 116 -42.90 -0.42 27.39
CA GLU I 116 -43.49 -1.72 27.64
C GLU I 116 -44.44 -2.05 26.49
N ILE I 117 -44.02 -2.98 25.62
CA ILE I 117 -44.81 -3.31 24.44
C ILE I 117 -46.17 -3.88 24.83
N PHE I 118 -46.21 -4.70 25.87
CA PHE I 118 -47.47 -5.17 26.38
C PHE I 118 -47.55 -4.91 27.88
N PRO I 119 -48.70 -4.49 28.38
CA PRO I 119 -48.82 -4.20 29.82
C PRO I 119 -48.94 -5.49 30.63
N LYS I 120 -48.13 -5.60 31.67
CA LYS I 120 -48.11 -6.81 32.48
C LYS I 120 -49.41 -7.01 33.23
N THR I 121 -50.11 -5.93 33.57
CA THR I 121 -51.32 -6.00 34.36
C THR I 121 -52.59 -5.99 33.53
N SER I 122 -52.50 -5.75 32.22
CA SER I 122 -53.67 -5.70 31.36
C SER I 122 -53.67 -6.80 30.31
N SER I 123 -52.57 -6.94 29.56
CA SER I 123 -52.50 -7.97 28.54
C SER I 123 -52.29 -9.34 29.16
N TRP I 124 -52.47 -10.36 28.33
CA TRP I 124 -52.46 -11.76 28.75
C TRP I 124 -53.41 -12.01 29.92
N PRO I 125 -54.71 -11.74 29.76
CA PRO I 125 -55.63 -11.84 30.89
C PRO I 125 -56.13 -13.26 31.15
N ASN I 126 -56.07 -14.15 30.17
CA ASN I 126 -56.52 -15.52 30.32
C ASN I 126 -55.38 -16.46 30.70
N HIS I 127 -54.31 -15.93 31.28
CA HIS I 127 -53.14 -16.74 31.61
C HIS I 127 -52.52 -16.20 32.89
N ASP I 128 -51.69 -17.02 33.51
CA ASP I 128 -51.05 -16.69 34.77
C ASP I 128 -49.60 -16.30 34.49
N SER I 129 -49.21 -15.11 34.96
CA SER I 129 -47.86 -14.59 34.77
C SER I 129 -47.23 -14.23 36.11
N ASN I 130 -47.47 -15.06 37.13
CA ASN I 130 -46.88 -14.85 38.45
C ASN I 130 -45.92 -15.95 38.85
N LYS I 131 -46.19 -17.20 38.47
CA LYS I 131 -45.29 -18.32 38.76
C LYS I 131 -44.10 -18.36 37.83
N GLY I 132 -43.91 -17.36 36.98
CA GLY I 132 -42.77 -17.34 36.09
C GLY I 132 -41.49 -16.89 36.77
N VAL I 133 -41.03 -17.67 37.74
CA VAL I 133 -39.78 -17.41 38.45
C VAL I 133 -39.00 -18.72 38.50
N THR I 134 -37.70 -18.59 38.75
CA THR I 134 -36.83 -19.75 38.76
C THR I 134 -35.62 -19.48 39.63
N ALA I 135 -34.96 -20.57 40.05
CA ALA I 135 -33.70 -20.47 40.74
C ALA I 135 -32.54 -20.19 39.79
N ALA I 136 -32.75 -20.32 38.48
CA ALA I 136 -31.70 -20.03 37.52
C ALA I 136 -31.32 -18.55 37.54
N CYS I 137 -32.31 -17.66 37.63
CA CYS I 137 -32.04 -16.24 37.84
C CYS I 137 -32.46 -15.83 39.24
N PRO I 138 -31.57 -16.00 40.24
CA PRO I 138 -31.90 -15.68 41.64
C PRO I 138 -31.62 -14.23 42.04
N HIS I 139 -32.54 -13.34 41.69
CA HIS I 139 -32.41 -11.94 42.06
C HIS I 139 -32.49 -11.77 43.56
N ALA I 140 -31.41 -11.26 44.16
CA ALA I 140 -31.30 -11.03 45.60
C ALA I 140 -31.56 -12.32 46.38
N GLY I 141 -31.15 -13.46 45.81
CA GLY I 141 -31.34 -14.74 46.45
C GLY I 141 -32.72 -15.35 46.30
N ALA I 142 -33.69 -14.60 45.79
CA ALA I 142 -35.04 -15.10 45.59
C ALA I 142 -35.26 -15.45 44.12
N LYS I 143 -36.16 -16.40 43.88
CA LYS I 143 -36.45 -16.86 42.54
C LYS I 143 -37.02 -15.73 41.69
N SER I 144 -36.52 -15.60 40.46
CA SER I 144 -36.88 -14.50 39.60
C SER I 144 -36.60 -14.89 38.15
N PHE I 145 -37.17 -14.13 37.23
CA PHE I 145 -36.98 -14.30 35.80
C PHE I 145 -36.30 -13.04 35.28
N TYR I 146 -36.18 -12.90 33.97
CA TYR I 146 -35.80 -11.61 33.42
C TYR I 146 -36.95 -10.62 33.58
N LYS I 147 -36.58 -9.34 33.58
CA LYS I 147 -37.59 -8.28 33.68
C LYS I 147 -38.32 -8.08 32.37
N ASN I 148 -37.61 -8.20 31.24
CA ASN I 148 -38.22 -7.90 29.95
C ASN I 148 -39.09 -9.04 29.44
N LEU I 149 -38.82 -10.27 29.85
CA LEU I 149 -39.50 -11.45 29.32
C LEU I 149 -40.30 -12.15 30.41
N ILE I 150 -41.35 -12.84 29.99
CA ILE I 150 -42.22 -13.57 30.91
C ILE I 150 -42.50 -14.95 30.34
N TRP I 151 -42.43 -15.98 31.20
CA TRP I 151 -42.83 -17.32 30.79
C TRP I 151 -44.30 -17.40 30.42
N LEU I 152 -45.17 -17.02 31.37
CA LEU I 152 -46.56 -17.46 31.47
C LEU I 152 -46.60 -18.94 31.80
N VAL I 153 -47.64 -19.36 32.53
CA VAL I 153 -47.75 -20.72 33.03
C VAL I 153 -49.20 -21.14 32.89
N LYS I 154 -49.46 -22.42 33.09
CA LYS I 154 -50.80 -22.98 32.97
C LYS I 154 -51.68 -22.39 34.07
N LYS I 155 -52.56 -21.47 33.69
CA LYS I 155 -53.46 -20.87 34.66
C LYS I 155 -54.61 -21.82 34.96
N GLY I 156 -54.88 -22.00 36.25
CA GLY I 156 -55.92 -22.94 36.68
C GLY I 156 -55.56 -24.37 36.30
N ASN I 157 -56.25 -24.92 35.32
CA ASN I 157 -55.98 -26.28 34.86
C ASN I 157 -55.92 -26.35 33.34
N SER I 158 -55.54 -25.24 32.69
CA SER I 158 -55.42 -25.21 31.24
C SER I 158 -54.47 -24.09 30.83
N TYR I 159 -53.96 -24.18 29.61
CA TYR I 159 -53.20 -23.12 28.97
C TYR I 159 -53.85 -22.85 27.63
N PRO I 160 -54.87 -22.00 27.59
CA PRO I 160 -55.62 -21.78 26.34
C PRO I 160 -54.75 -21.17 25.25
N LYS I 161 -55.31 -21.15 24.04
CA LYS I 161 -54.62 -20.60 22.90
C LYS I 161 -54.39 -19.10 23.08
N LEU I 162 -53.18 -18.65 22.75
CA LEU I 162 -52.78 -17.27 22.92
C LEU I 162 -52.55 -16.66 21.54
N SER I 163 -53.07 -15.46 21.34
CA SER I 163 -52.89 -14.74 20.08
C SER I 163 -53.06 -13.25 20.34
N LYS I 164 -51.99 -12.49 20.08
CA LYS I 164 -52.04 -11.04 20.27
C LYS I 164 -50.89 -10.44 19.47
N SER I 165 -51.05 -9.17 19.09
CA SER I 165 -50.14 -8.53 18.15
C SER I 165 -49.79 -7.13 18.65
N TYR I 166 -48.82 -6.53 17.97
CA TYR I 166 -48.42 -5.14 18.20
C TYR I 166 -48.17 -4.48 16.85
N ILE I 167 -48.66 -3.26 16.70
CA ILE I 167 -48.50 -2.50 15.47
C ILE I 167 -47.48 -1.39 15.73
N ASN I 168 -46.36 -1.43 15.01
CA ASN I 168 -45.34 -0.42 15.17
C ASN I 168 -45.86 0.91 14.65
N ASP I 169 -45.84 1.93 15.51
CA ASP I 169 -46.28 3.27 15.14
C ASP I 169 -45.36 4.37 15.63
N LYS I 170 -44.30 4.05 16.36
CA LYS I 170 -43.46 5.07 16.97
C LYS I 170 -42.36 5.54 16.02
N GLY I 171 -42.72 5.82 14.78
CA GLY I 171 -41.86 6.40 13.76
C GLY I 171 -40.42 5.92 13.64
N LYS I 172 -40.16 4.66 13.98
CA LYS I 172 -38.80 4.12 13.96
C LYS I 172 -38.88 2.61 14.13
N GLU I 173 -37.72 1.96 14.03
CA GLU I 173 -37.63 0.53 14.18
C GLU I 173 -37.69 0.14 15.64
N VAL I 174 -38.04 -1.13 15.90
CA VAL I 174 -38.15 -1.63 17.26
C VAL I 174 -37.78 -3.10 17.34
N LEU I 175 -36.83 -3.43 18.21
CA LEU I 175 -36.56 -4.82 18.54
C LEU I 175 -37.62 -5.35 19.50
N VAL I 176 -38.05 -6.57 19.28
CA VAL I 176 -39.04 -7.24 20.12
C VAL I 176 -38.46 -8.62 20.43
N LEU I 177 -37.86 -8.77 21.62
CA LEU I 177 -37.13 -9.97 21.98
C LEU I 177 -38.00 -10.91 22.82
N TRP I 178 -37.99 -12.18 22.46
CA TRP I 178 -38.80 -13.20 23.11
C TRP I 178 -38.00 -14.48 23.19
N GLY I 179 -38.62 -15.53 23.75
CA GLY I 179 -37.97 -16.81 23.87
C GLY I 179 -38.97 -17.95 23.74
N ILE I 180 -38.43 -19.16 23.74
CA ILE I 180 -39.22 -20.39 23.74
C ILE I 180 -38.62 -21.32 24.78
N HIS I 181 -39.39 -21.64 25.81
CA HIS I 181 -38.90 -22.54 26.84
C HIS I 181 -39.03 -23.98 26.38
N HIS I 182 -38.05 -24.80 26.77
CA HIS I 182 -37.96 -26.20 26.36
C HIS I 182 -37.84 -27.05 27.62
N PRO I 183 -38.96 -27.46 28.21
CA PRO I 183 -38.91 -28.27 29.43
C PRO I 183 -38.26 -29.63 29.20
N SER I 184 -37.67 -30.17 30.27
CA SER I 184 -36.84 -31.37 30.14
C SER I 184 -37.69 -32.63 29.93
N THR I 185 -38.78 -32.78 30.68
CA THR I 185 -39.53 -34.02 30.69
C THR I 185 -41.00 -33.75 30.43
N SER I 186 -41.74 -34.80 30.08
CA SER I 186 -43.16 -34.67 29.80
C SER I 186 -43.94 -34.28 31.05
N ALA I 187 -43.43 -34.63 32.23
CA ALA I 187 -44.04 -34.14 33.47
C ALA I 187 -43.92 -32.62 33.55
N ASP I 188 -42.80 -32.07 33.11
CA ASP I 188 -42.66 -30.63 33.04
C ASP I 188 -43.60 -30.02 32.00
N GLN I 189 -43.85 -30.73 30.90
CA GLN I 189 -44.90 -30.32 29.97
C GLN I 189 -46.26 -30.26 30.65
N GLN I 190 -46.59 -31.29 31.44
CA GLN I 190 -47.90 -31.36 32.06
C GLN I 190 -48.07 -30.38 33.21
N SER I 191 -46.97 -29.96 33.85
CA SER I 191 -47.05 -29.04 34.97
C SER I 191 -46.88 -27.59 34.54
N LEU I 192 -45.76 -27.27 33.87
CA LEU I 192 -45.51 -25.90 33.43
C LEU I 192 -46.45 -25.46 32.32
N TYR I 193 -47.06 -26.41 31.61
CA TYR I 193 -48.03 -26.13 30.56
C TYR I 193 -49.16 -27.14 30.71
N GLN I 194 -50.04 -27.22 29.72
CA GLN I 194 -51.14 -28.17 29.81
C GLN I 194 -51.19 -29.17 28.68
N ASN I 195 -50.94 -28.75 27.44
CA ASN I 195 -51.04 -29.62 26.29
C ASN I 195 -49.68 -30.20 25.92
N ALA I 196 -49.65 -31.50 25.62
CA ALA I 196 -48.41 -32.14 25.20
C ALA I 196 -47.96 -31.61 23.85
N ASP I 197 -48.79 -31.78 22.82
CA ASP I 197 -48.52 -31.17 21.54
C ASP I 197 -48.82 -29.67 21.60
N THR I 198 -47.94 -28.88 21.00
CA THR I 198 -48.04 -27.43 21.04
C THR I 198 -47.13 -26.83 19.99
N TYR I 199 -47.48 -25.64 19.54
CA TYR I 199 -46.72 -24.94 18.52
C TYR I 199 -46.56 -23.47 18.90
N VAL I 200 -45.41 -22.90 18.57
CA VAL I 200 -45.11 -21.50 18.82
C VAL I 200 -44.99 -20.82 17.47
N PHE I 201 -45.59 -19.63 17.35
CA PHE I 201 -45.57 -18.91 16.08
C PHE I 201 -45.33 -17.43 16.34
N VAL I 202 -44.50 -16.82 15.49
CA VAL I 202 -44.36 -15.38 15.41
C VAL I 202 -44.34 -14.98 13.94
N GLY I 203 -44.99 -13.86 13.63
CA GLY I 203 -45.10 -13.43 12.25
C GLY I 203 -45.05 -11.92 12.14
N SER I 204 -44.58 -11.45 10.99
CA SER I 204 -44.55 -10.04 10.66
C SER I 204 -44.50 -9.92 9.15
N SER I 205 -44.20 -8.71 8.66
CA SER I 205 -43.99 -8.53 7.23
C SER I 205 -42.66 -9.08 6.75
N ARG I 206 -41.74 -9.39 7.67
CA ARG I 206 -40.42 -9.90 7.31
C ARG I 206 -40.15 -11.27 7.90
N TYR I 207 -40.41 -11.46 9.19
CA TYR I 207 -40.13 -12.72 9.87
C TYR I 207 -41.34 -13.63 9.86
N SER I 208 -41.12 -14.90 9.52
CA SER I 208 -42.20 -15.88 9.54
C SER I 208 -41.57 -17.27 9.63
N LYS I 209 -41.71 -17.92 10.78
CA LYS I 209 -41.18 -19.27 10.95
C LYS I 209 -41.84 -19.90 12.17
N LYS I 210 -42.29 -21.13 12.03
CA LYS I 210 -42.90 -21.87 13.14
C LYS I 210 -41.83 -22.43 14.04
N PHE I 211 -42.18 -22.57 15.31
CA PHE I 211 -41.24 -22.97 16.36
C PHE I 211 -41.73 -24.28 16.97
N LYS I 212 -40.80 -25.16 17.31
CA LYS I 212 -41.15 -26.47 17.78
C LYS I 212 -40.53 -26.72 19.16
N PRO I 213 -41.23 -27.39 20.06
CA PRO I 213 -40.63 -27.72 21.36
C PRO I 213 -39.47 -28.68 21.20
N GLU I 214 -38.69 -28.79 22.27
CA GLU I 214 -37.41 -29.49 22.25
C GLU I 214 -37.33 -30.45 23.44
N ILE I 215 -38.38 -31.26 23.61
CA ILE I 215 -38.55 -32.10 24.78
C ILE I 215 -37.46 -33.17 24.87
N ALA I 216 -36.53 -32.98 25.81
CA ALA I 216 -35.43 -33.91 26.02
C ALA I 216 -34.76 -33.54 27.34
N ILE I 217 -33.97 -34.49 27.85
CA ILE I 217 -33.26 -34.31 29.12
C ILE I 217 -31.83 -33.86 28.79
N ARG I 218 -31.60 -32.56 28.92
CA ARG I 218 -30.30 -31.97 28.67
C ARG I 218 -29.36 -32.22 29.84
N PRO I 219 -28.05 -32.14 29.61
CA PRO I 219 -27.10 -32.18 30.73
C PRO I 219 -27.33 -31.03 31.69
N LYS I 220 -27.13 -31.29 32.98
CA LYS I 220 -27.37 -30.27 33.99
C LYS I 220 -26.33 -29.16 33.88
N VAL I 221 -26.81 -27.93 33.84
CA VAL I 221 -25.94 -26.75 33.81
C VAL I 221 -26.67 -25.60 34.49
N ARG I 222 -25.95 -24.83 35.30
CA ARG I 222 -26.52 -23.78 36.13
C ARG I 222 -27.65 -24.33 36.99
N ASP I 223 -27.44 -25.54 37.51
CA ASP I 223 -28.31 -26.29 38.43
C ASP I 223 -29.58 -26.75 37.70
N GLN I 224 -29.75 -26.40 36.43
CA GLN I 224 -31.00 -26.63 35.72
C GLN I 224 -30.81 -27.61 34.56
N GLU I 225 -31.79 -28.48 34.37
CA GLU I 225 -31.85 -29.38 33.22
C GLU I 225 -32.81 -28.79 32.20
N GLY I 226 -32.30 -28.51 31.01
CA GLY I 226 -33.11 -27.95 29.94
C GLY I 226 -32.56 -26.62 29.47
N ARG I 227 -32.65 -26.38 28.16
CA ARG I 227 -32.13 -25.16 27.55
C ARG I 227 -33.26 -24.50 26.78
N MET I 228 -33.44 -23.20 26.97
CA MET I 228 -34.44 -22.46 26.20
C MET I 228 -33.73 -21.45 25.30
N ASN I 229 -34.19 -21.35 24.06
CA ASN I 229 -33.58 -20.49 23.07
C ASN I 229 -34.35 -19.18 22.98
N TYR I 230 -33.62 -18.08 22.95
CA TYR I 230 -34.22 -16.75 22.78
C TYR I 230 -34.05 -16.31 21.34
N TYR I 231 -34.95 -15.44 20.89
CA TYR I 231 -35.03 -15.04 19.50
C TYR I 231 -35.31 -13.54 19.41
N TRP I 232 -34.60 -12.86 18.51
CA TRP I 232 -34.70 -11.42 18.33
C TRP I 232 -34.96 -11.07 16.87
N THR I 233 -35.85 -10.11 16.65
CA THR I 233 -36.22 -9.65 15.32
C THR I 233 -36.52 -8.15 15.34
N LEU I 234 -36.15 -7.46 14.26
CA LEU I 234 -36.64 -6.11 14.05
C LEU I 234 -38.12 -6.14 13.65
N VAL I 235 -38.77 -5.00 13.85
CA VAL I 235 -40.08 -4.72 13.28
C VAL I 235 -39.99 -3.34 12.62
N GLU I 236 -40.11 -3.31 11.30
CA GLU I 236 -40.06 -2.05 10.58
C GLU I 236 -41.30 -1.22 10.91
N PRO I 237 -41.23 0.11 10.81
CA PRO I 237 -42.42 0.93 11.06
C PRO I 237 -43.58 0.57 10.15
N GLY I 238 -44.78 0.64 10.70
CA GLY I 238 -45.97 0.27 9.96
C GLY I 238 -46.13 -1.21 9.72
N ASP I 239 -45.61 -2.05 10.61
CA ASP I 239 -45.74 -3.50 10.51
C ASP I 239 -46.54 -4.02 11.70
N LYS I 240 -46.64 -5.34 11.79
CA LYS I 240 -47.41 -5.98 12.84
C LYS I 240 -46.74 -7.30 13.21
N ILE I 241 -46.29 -7.42 14.45
CA ILE I 241 -45.70 -8.66 14.95
C ILE I 241 -46.73 -9.34 15.85
N THR I 242 -46.99 -10.62 15.58
CA THR I 242 -48.25 -11.26 15.94
C THR I 242 -48.02 -12.60 16.65
N PHE I 243 -47.22 -12.59 17.72
CA PHE I 243 -47.00 -13.74 18.59
C PHE I 243 -48.29 -14.52 18.85
N GLU I 244 -48.26 -15.82 18.53
CA GLU I 244 -49.42 -16.68 18.67
C GLU I 244 -48.94 -18.09 18.97
N ALA I 245 -49.28 -18.60 20.16
CA ALA I 245 -48.83 -19.92 20.54
C ALA I 245 -49.81 -20.51 21.55
N THR I 246 -49.80 -21.84 21.64
CA THR I 246 -50.60 -22.56 22.62
C THR I 246 -49.72 -23.23 23.67
N GLY I 247 -48.46 -22.86 23.75
CA GLY I 247 -47.57 -23.36 24.79
C GLY I 247 -46.15 -22.96 24.47
N ASN I 248 -45.28 -23.12 25.46
CA ASN I 248 -43.83 -22.95 25.32
C ASN I 248 -43.44 -21.56 24.81
N LEU I 249 -44.27 -20.54 25.05
CA LEU I 249 -44.03 -19.21 24.51
C LEU I 249 -43.56 -18.30 25.64
N VAL I 250 -42.29 -17.91 25.59
CA VAL I 250 -41.78 -16.88 26.47
C VAL I 250 -42.02 -15.53 25.79
N VAL I 251 -43.02 -14.80 26.28
CA VAL I 251 -43.53 -13.61 25.60
C VAL I 251 -42.58 -12.43 25.78
N PRO I 252 -42.65 -11.43 24.91
CA PRO I 252 -41.99 -10.15 25.20
C PRO I 252 -42.91 -9.22 25.98
N ARG I 253 -42.40 -8.64 27.06
CA ARG I 253 -43.12 -7.59 27.78
C ARG I 253 -42.57 -6.20 27.49
N TYR I 254 -41.25 -6.07 27.38
CA TYR I 254 -40.61 -4.81 27.05
C TYR I 254 -39.99 -4.89 25.66
N ALA I 255 -40.16 -3.84 24.88
CA ALA I 255 -39.56 -3.71 23.56
C ALA I 255 -38.53 -2.59 23.59
N PHE I 256 -37.97 -2.28 22.43
CA PHE I 256 -36.86 -1.33 22.34
C PHE I 256 -37.02 -0.47 21.10
N ALA I 257 -37.64 0.71 21.25
CA ALA I 257 -37.66 1.68 20.16
C ALA I 257 -36.25 2.21 19.94
N MET I 258 -35.79 2.19 18.71
CA MET I 258 -34.38 2.45 18.44
C MET I 258 -34.20 2.83 16.97
N GLU I 259 -33.00 3.33 16.66
CA GLU I 259 -32.67 3.79 15.31
C GLU I 259 -31.17 3.69 15.12
N ARG I 260 -30.74 3.02 14.05
CA ARG I 260 -29.32 2.87 13.76
C ARG I 260 -28.70 4.21 13.39
N ASN I 261 -27.37 4.27 13.53
CA ASN I 261 -26.57 5.33 12.93
C ASN I 261 -25.14 4.82 12.71
N ALA I 262 -24.84 4.50 11.45
CA ALA I 262 -23.55 3.97 11.03
C ALA I 262 -23.15 2.70 11.78
N GLY I 263 -21.91 2.26 11.60
CA GLY I 263 -21.41 1.09 12.30
C GLY I 263 -20.27 1.42 13.23
N SER I 264 -20.51 1.30 14.53
CA SER I 264 -19.52 1.65 15.55
C SER I 264 -18.81 0.43 16.12
N GLY I 265 -19.55 -0.57 16.55
CA GLY I 265 -18.97 -1.81 17.02
C GLY I 265 -19.01 -1.93 18.53
N ILE I 266 -18.14 -2.79 19.04
CA ILE I 266 -18.05 -3.10 20.46
C ILE I 266 -16.59 -3.08 20.88
N ILE I 267 -16.33 -2.55 22.07
CA ILE I 267 -15.04 -2.67 22.72
C ILE I 267 -15.22 -3.50 23.99
N ILE I 268 -14.12 -4.09 24.46
CA ILE I 268 -14.11 -4.90 25.67
C ILE I 268 -12.85 -4.60 26.47
N SER I 269 -13.02 -3.93 27.61
CA SER I 269 -11.90 -3.57 28.47
C SER I 269 -12.42 -3.33 29.88
N ASP I 270 -11.49 -3.20 30.82
CA ASP I 270 -11.81 -2.84 32.20
C ASP I 270 -11.37 -1.43 32.55
N THR I 271 -10.90 -0.66 31.57
CA THR I 271 -10.46 0.70 31.81
C THR I 271 -11.63 1.56 32.27
N PRO I 272 -11.48 2.35 33.33
CA PRO I 272 -12.60 3.14 33.84
C PRO I 272 -13.01 4.24 32.87
N VAL I 273 -14.24 4.72 33.06
CA VAL I 273 -14.85 5.69 32.17
C VAL I 273 -14.69 7.07 32.81
N HIS I 274 -13.72 7.84 32.32
CA HIS I 274 -13.58 9.24 32.68
C HIS I 274 -14.33 10.09 31.66
N ASP I 275 -14.11 11.40 31.70
CA ASP I 275 -14.81 12.34 30.82
C ASP I 275 -13.85 12.89 29.77
N CYS I 276 -14.26 12.81 28.51
CA CYS I 276 -13.48 13.34 27.40
C CYS I 276 -14.43 13.71 26.28
N ASN I 277 -13.87 14.29 25.22
CA ASN I 277 -14.52 14.31 23.91
C ASN I 277 -13.45 14.12 22.83
N THR I 278 -13.17 12.85 22.52
CA THR I 278 -12.12 12.50 21.57
C THR I 278 -12.60 11.43 20.60
N THR I 279 -12.09 11.50 19.39
CA THR I 279 -12.52 10.59 18.32
C THR I 279 -11.61 9.37 18.18
N CYS I 280 -11.32 8.69 19.27
CA CYS I 280 -10.55 7.45 19.21
C CYS I 280 -10.75 6.69 20.51
N GLN I 281 -10.98 5.39 20.40
CA GLN I 281 -11.28 4.57 21.56
C GLN I 281 -10.55 3.24 21.49
N THR I 282 -9.22 3.29 21.37
CA THR I 282 -8.45 2.07 21.53
C THR I 282 -8.71 1.46 22.91
N PRO I 283 -8.68 0.13 23.04
CA PRO I 283 -9.05 -0.49 24.33
C PRO I 283 -8.13 -0.17 25.49
N LYS I 284 -6.96 0.44 25.25
CA LYS I 284 -6.04 0.78 26.32
C LYS I 284 -5.87 2.29 26.47
N GLY I 285 -6.84 3.07 26.02
CA GLY I 285 -6.77 4.52 26.21
C GLY I 285 -7.50 5.25 25.09
N ALA I 286 -6.89 6.35 24.64
CA ALA I 286 -7.44 7.17 23.57
C ALA I 286 -6.29 7.88 22.88
N ILE I 287 -6.59 8.47 21.72
CA ILE I 287 -5.58 9.06 20.86
C ILE I 287 -6.10 10.38 20.31
N ASN I 288 -5.20 11.37 20.18
CA ASN I 288 -5.58 12.69 19.68
C ASN I 288 -6.09 12.68 18.24
N THR I 289 -5.86 11.60 17.49
CA THR I 289 -6.24 11.46 16.08
C THR I 289 -5.76 12.63 15.22
N SER I 290 -4.59 13.18 15.56
CA SER I 290 -3.94 14.19 14.73
C SER I 290 -2.72 13.64 14.03
N LEU I 291 -1.96 12.77 14.67
CA LEU I 291 -0.81 12.17 14.04
C LEU I 291 -1.28 11.08 13.07
N PRO I 292 -0.48 10.76 12.04
CA PRO I 292 -1.00 9.90 10.96
C PRO I 292 -1.44 8.51 11.40
N PHE I 293 -0.56 7.77 12.07
CA PHE I 293 -0.83 6.36 12.35
C PHE I 293 -0.20 5.94 13.67
N GLN I 294 -0.90 5.05 14.38
CA GLN I 294 -0.69 4.79 15.80
C GLN I 294 0.28 3.65 16.03
N ASN I 295 0.49 3.31 17.31
CA ASN I 295 1.34 2.18 17.69
C ASN I 295 0.78 1.40 18.87
N ILE I 296 -0.48 1.61 19.24
CA ILE I 296 -0.97 1.10 20.52
C ILE I 296 -1.64 -0.26 20.37
N HIS I 297 -2.74 -0.32 19.61
CA HIS I 297 -3.53 -1.53 19.61
C HIS I 297 -4.28 -1.69 18.29
N PRO I 298 -4.24 -2.87 17.67
CA PRO I 298 -4.90 -3.03 16.37
C PRO I 298 -6.39 -2.79 16.39
N ILE I 299 -7.08 -3.14 17.47
CA ILE I 299 -8.52 -2.94 17.56
C ILE I 299 -8.79 -1.49 17.90
N THR I 300 -9.54 -0.80 17.06
CA THR I 300 -9.91 0.60 17.29
C THR I 300 -11.36 0.81 16.92
N ILE I 301 -11.98 1.81 17.55
CA ILE I 301 -13.32 2.26 17.21
C ILE I 301 -13.28 3.78 17.08
N GLY I 302 -13.69 4.29 15.93
CA GLY I 302 -13.68 5.70 15.64
C GLY I 302 -12.73 6.02 14.51
N LYS I 303 -12.46 7.32 14.33
CA LYS I 303 -11.53 7.77 13.31
C LYS I 303 -10.10 7.66 13.81
N CYS I 304 -9.72 6.51 14.36
CA CYS I 304 -8.41 6.36 14.94
C CYS I 304 -7.35 6.27 13.85
N PRO I 305 -6.14 6.76 14.12
CA PRO I 305 -5.02 6.49 13.21
C PRO I 305 -4.78 4.99 13.10
N LYS I 306 -4.41 4.55 11.91
CA LYS I 306 -4.38 3.12 11.62
C LYS I 306 -3.14 2.45 12.19
N TYR I 307 -3.32 1.21 12.65
CA TYR I 307 -2.31 0.52 13.44
C TYR I 307 -1.11 0.12 12.59
N VAL I 308 0.08 0.25 13.19
CA VAL I 308 1.30 -0.38 12.69
C VAL I 308 1.98 -1.06 13.87
N LYS I 309 3.09 -1.75 13.59
CA LYS I 309 3.80 -2.45 14.63
C LYS I 309 5.23 -1.94 14.82
N SER I 310 5.74 -1.10 13.91
CA SER I 310 7.01 -0.44 14.14
C SER I 310 6.91 0.49 15.35
N THR I 311 8.02 0.63 16.06
CA THR I 311 8.01 1.31 17.36
C THR I 311 8.54 2.73 17.31
N LYS I 312 9.37 3.08 16.32
CA LYS I 312 9.99 4.40 16.25
C LYS I 312 9.90 4.92 14.82
N LEU I 313 8.92 5.80 14.57
CA LEU I 313 8.73 6.43 13.26
C LEU I 313 8.70 7.94 13.46
N ARG I 314 9.87 8.55 13.37
CA ARG I 314 10.06 9.98 13.49
C ARG I 314 10.45 10.54 12.14
N LEU I 315 9.94 11.73 11.81
CA LEU I 315 10.23 12.36 10.53
C LEU I 315 11.29 13.43 10.77
N ALA I 316 12.47 13.24 10.17
CA ALA I 316 13.56 14.20 10.30
C ALA I 316 13.15 15.54 9.70
N THR I 317 13.36 16.60 10.48
CA THR I 317 12.91 17.93 10.09
C THR I 317 14.07 18.88 9.85
N GLY I 318 15.08 18.86 10.73
CA GLY I 318 16.25 19.70 10.57
C GLY I 318 17.32 19.03 9.74
N LEU I 319 18.51 19.62 9.79
CA LEU I 319 19.65 19.10 9.06
C LEU I 319 20.42 18.11 9.95
N ARG I 320 21.58 17.66 9.49
CA ARG I 320 22.38 16.69 10.24
C ARG I 320 23.04 17.37 11.43
N ASN I 321 22.62 17.01 12.63
CA ASN I 321 23.19 17.55 13.85
C ASN I 321 24.64 17.09 13.99
N ILE I 322 25.58 18.01 13.77
CA ILE I 322 27.00 17.68 13.91
C ILE I 322 27.65 18.74 14.79
N PRO I 323 27.57 18.62 16.12
CA PRO I 323 28.26 19.56 16.99
C PRO I 323 29.76 19.41 16.88
N SER I 324 30.47 20.52 17.08
CA SER I 324 31.92 20.51 17.01
C SER I 324 32.54 20.11 18.35
N GLY J 329 14.52 24.82 -7.00
CA GLY J 329 15.23 23.64 -7.44
C GLY J 329 16.42 23.32 -6.56
N LEU J 330 16.83 22.05 -6.56
CA LEU J 330 17.93 21.58 -5.73
C LEU J 330 19.28 21.77 -6.39
N PHE J 331 19.32 22.19 -7.65
CA PHE J 331 20.57 22.47 -8.33
C PHE J 331 20.81 23.95 -8.57
N GLY J 332 19.82 24.79 -8.32
CA GLY J 332 19.96 26.22 -8.55
C GLY J 332 20.08 26.61 -10.01
N ALA J 333 19.37 25.93 -10.90
CA ALA J 333 19.31 26.33 -12.30
C ALA J 333 17.91 26.62 -12.79
N ILE J 334 16.88 26.22 -12.05
CA ILE J 334 15.51 26.68 -12.28
C ILE J 334 15.20 27.67 -11.18
N ALA J 335 15.06 28.95 -11.55
CA ALA J 335 14.99 30.05 -10.59
C ALA J 335 16.19 30.05 -9.66
N GLY J 336 17.36 29.70 -10.21
CA GLY J 336 18.60 29.72 -9.47
C GLY J 336 19.53 30.80 -9.97
N PHE J 337 20.73 30.42 -10.42
CA PHE J 337 21.59 31.41 -11.06
C PHE J 337 21.06 31.83 -12.43
N ILE J 338 20.10 31.09 -12.98
CA ILE J 338 19.31 31.52 -14.12
C ILE J 338 17.91 31.82 -13.59
N GLU J 339 17.46 33.06 -13.78
CA GLU J 339 16.31 33.54 -13.04
C GLU J 339 15.00 33.07 -13.67
N GLY J 340 14.74 33.46 -14.91
CA GLY J 340 13.45 33.21 -15.51
C GLY J 340 13.59 32.43 -16.81
N GLY J 341 12.48 31.78 -17.18
CA GLY J 341 12.46 30.99 -18.38
C GLY J 341 12.35 31.85 -19.62
N TRP J 342 12.43 31.18 -20.78
CA TRP J 342 12.33 31.83 -22.07
C TRP J 342 11.06 31.36 -22.76
N THR J 343 10.17 32.29 -23.06
CA THR J 343 9.02 32.01 -23.92
C THR J 343 9.36 32.17 -25.39
N GLY J 344 10.54 32.70 -25.70
CA GLY J 344 10.89 33.02 -27.07
C GLY J 344 11.19 31.81 -27.94
N MET J 345 11.54 30.69 -27.34
CA MET J 345 11.82 29.47 -28.11
C MET J 345 10.68 28.48 -27.95
N VAL J 346 10.45 27.71 -29.00
CA VAL J 346 9.37 26.73 -29.04
C VAL J 346 9.89 25.32 -29.29
N ASP J 347 11.12 25.18 -29.77
CA ASP J 347 11.62 23.92 -30.32
C ASP J 347 12.34 23.06 -29.28
N GLY J 348 11.92 23.08 -28.03
CA GLY J 348 12.44 22.15 -27.06
C GLY J 348 12.45 22.72 -25.66
N TRP J 349 12.72 21.85 -24.69
CA TRP J 349 12.80 22.28 -23.30
C TRP J 349 14.09 23.03 -23.01
N TYR J 350 15.20 22.57 -23.55
CA TYR J 350 16.51 23.12 -23.24
C TYR J 350 17.09 23.77 -24.49
N GLY J 351 17.47 25.03 -24.38
CA GLY J 351 17.94 25.73 -25.56
C GLY J 351 18.96 26.82 -25.29
N TYR J 352 19.13 27.71 -26.25
CA TYR J 352 20.08 28.81 -26.15
C TYR J 352 19.47 30.07 -26.75
N HIS J 353 19.95 31.21 -26.27
CA HIS J 353 19.66 32.51 -26.86
C HIS J 353 20.99 33.21 -27.08
N HIS J 354 21.37 33.40 -28.34
CA HIS J 354 22.67 33.94 -28.67
C HIS J 354 22.52 35.12 -29.60
N GLN J 355 23.44 36.08 -29.47
CA GLN J 355 23.52 37.20 -30.38
C GLN J 355 24.98 37.48 -30.68
N ASN J 356 25.27 37.72 -31.96
CA ASN J 356 26.61 38.11 -32.39
C ASN J 356 26.47 39.18 -33.46
N GLU J 357 27.60 39.56 -34.05
CA GLU J 357 27.63 40.67 -35.00
C GLU J 357 26.86 40.37 -36.28
N GLN J 358 26.58 39.10 -36.57
CA GLN J 358 26.01 38.71 -37.86
C GLN J 358 24.57 38.25 -37.75
N GLY J 359 24.10 37.89 -36.55
CA GLY J 359 22.75 37.43 -36.40
C GLY J 359 22.41 37.21 -34.93
N SER J 360 21.21 36.70 -34.71
CA SER J 360 20.67 36.51 -33.37
C SER J 360 19.56 35.47 -33.45
N GLY J 361 18.91 35.23 -32.32
CA GLY J 361 17.75 34.35 -32.26
C GLY J 361 17.97 33.16 -31.33
N TYR J 362 16.87 32.46 -31.08
CA TYR J 362 16.89 31.28 -30.24
C TYR J 362 17.34 30.06 -31.05
N ALA J 363 18.00 29.13 -30.36
CA ALA J 363 18.49 27.91 -31.00
C ALA J 363 18.40 26.79 -29.97
N ALA J 364 17.33 26.02 -30.00
CA ALA J 364 17.11 24.98 -29.02
C ALA J 364 18.11 23.83 -29.21
N ASP J 365 18.64 23.34 -28.09
CA ASP J 365 19.47 22.16 -28.12
C ASP J 365 18.62 20.94 -28.44
N LEU J 366 19.24 19.93 -29.07
CA LEU J 366 18.50 18.77 -29.57
C LEU J 366 18.66 17.55 -28.67
N LYS J 367 19.90 17.10 -28.47
CA LYS J 367 20.13 15.78 -27.88
C LYS J 367 19.68 15.71 -26.42
N SER J 368 19.99 16.74 -25.64
CA SER J 368 19.69 16.70 -24.21
C SER J 368 18.19 16.63 -23.96
N THR J 369 17.43 17.50 -24.62
CA THR J 369 15.98 17.46 -24.45
C THR J 369 15.34 16.25 -25.14
N GLN J 370 15.97 15.69 -26.18
CA GLN J 370 15.47 14.44 -26.73
C GLN J 370 15.58 13.32 -25.72
N ASN J 371 16.75 13.21 -25.07
CA ASN J 371 16.92 12.23 -24.00
C ASN J 371 15.96 12.51 -22.84
N ALA J 372 15.71 13.80 -22.57
CA ALA J 372 14.74 14.16 -21.55
C ALA J 372 13.35 13.66 -21.89
N ILE J 373 12.92 13.85 -23.14
CA ILE J 373 11.61 13.35 -23.57
C ILE J 373 11.55 11.85 -23.46
N ASP J 374 12.62 11.16 -23.85
CA ASP J 374 12.65 9.70 -23.75
C ASP J 374 12.50 9.24 -22.30
N LYS J 375 13.25 9.86 -21.38
CA LYS J 375 13.18 9.41 -20.01
C LYS J 375 11.84 9.78 -19.37
N ILE J 376 11.28 10.93 -19.73
CA ILE J 376 9.97 11.31 -19.17
C ILE J 376 8.87 10.40 -19.70
N THR J 377 8.92 10.01 -20.98
CA THR J 377 7.89 9.12 -21.47
C THR J 377 8.03 7.74 -20.86
N ASN J 378 9.27 7.28 -20.61
CA ASN J 378 9.43 6.04 -19.87
C ASN J 378 8.93 6.18 -18.43
N LYS J 379 9.12 7.35 -17.83
CA LYS J 379 8.66 7.59 -16.47
C LYS J 379 7.14 7.52 -16.38
N VAL J 380 6.44 8.21 -17.28
CA VAL J 380 4.99 8.18 -17.25
C VAL J 380 4.47 6.80 -17.63
N ASN J 381 5.15 6.10 -18.56
CA ASN J 381 4.75 4.74 -18.88
C ASN J 381 4.88 3.83 -17.67
N SER J 382 5.96 3.96 -16.92
CA SER J 382 6.14 3.14 -15.72
C SER J 382 5.10 3.48 -14.66
N VAL J 383 4.78 4.77 -14.49
CA VAL J 383 3.81 5.15 -13.48
C VAL J 383 2.42 4.64 -13.83
N ILE J 384 2.05 4.70 -15.11
CA ILE J 384 0.69 4.32 -15.51
C ILE J 384 0.56 2.80 -15.65
N GLU J 385 1.45 2.17 -16.41
CA GLU J 385 1.24 0.81 -16.86
C GLU J 385 1.69 -0.26 -15.85
N LYS J 386 2.57 0.08 -14.90
CA LYS J 386 3.05 -0.93 -13.98
C LYS J 386 1.96 -1.42 -13.03
N MET J 387 0.86 -0.67 -12.90
CA MET J 387 -0.29 -1.11 -12.12
C MET J 387 -1.15 -1.97 -13.03
N ASN J 388 -1.10 -3.28 -12.85
CA ASN J 388 -1.94 -4.21 -13.59
C ASN J 388 -3.14 -4.58 -12.75
N THR J 389 -4.28 -4.77 -13.41
CA THR J 389 -5.53 -5.03 -12.71
C THR J 389 -6.33 -6.07 -13.48
N GLN J 390 -6.87 -7.04 -12.75
CA GLN J 390 -7.68 -8.10 -13.34
C GLN J 390 -9.16 -7.81 -13.14
N PHE J 391 -9.98 -8.68 -13.73
CA PHE J 391 -11.42 -8.56 -13.58
C PHE J 391 -11.83 -8.80 -12.14
N THR J 392 -12.76 -7.99 -11.66
CA THR J 392 -13.26 -8.12 -10.29
C THR J 392 -14.64 -7.50 -10.22
N ALA J 393 -15.35 -7.82 -9.14
CA ALA J 393 -16.69 -7.29 -8.90
C ALA J 393 -16.76 -6.84 -7.45
N VAL J 394 -16.41 -5.58 -7.20
CA VAL J 394 -16.34 -5.07 -5.83
C VAL J 394 -17.71 -4.83 -5.23
N GLY J 395 -18.78 -5.00 -5.99
CA GLY J 395 -20.11 -4.82 -5.46
C GLY J 395 -20.68 -6.08 -4.85
N LYS J 396 -20.92 -6.06 -3.55
CA LYS J 396 -21.47 -7.21 -2.84
C LYS J 396 -22.82 -6.84 -2.24
N GLU J 397 -23.69 -7.84 -2.10
CA GLU J 397 -25.02 -7.65 -1.55
C GLU J 397 -25.22 -8.60 -0.38
N PHE J 398 -25.86 -8.08 0.67
CA PHE J 398 -26.11 -8.86 1.88
C PHE J 398 -27.51 -8.54 2.39
N ASN J 399 -28.06 -9.45 3.19
CA ASN J 399 -29.40 -9.33 3.71
C ASN J 399 -29.35 -8.79 5.14
N HIS J 400 -30.51 -8.76 5.80
CA HIS J 400 -30.62 -8.10 7.10
C HIS J 400 -30.02 -8.93 8.23
N LEU J 401 -29.98 -10.25 8.09
CA LEU J 401 -29.50 -11.11 9.16
C LEU J 401 -27.99 -11.30 9.15
N GLU J 402 -27.27 -10.62 8.28
CA GLU J 402 -25.83 -10.79 8.12
C GLU J 402 -25.12 -9.44 8.05
N LYS J 403 -25.46 -8.56 8.99
CA LYS J 403 -24.84 -7.24 9.00
C LYS J 403 -23.34 -7.31 9.25
N ARG J 404 -22.87 -8.33 9.96
CA ARG J 404 -21.44 -8.43 10.27
C ARG J 404 -20.61 -8.59 9.02
N ILE J 405 -21.02 -9.47 8.11
CA ILE J 405 -20.23 -9.67 6.91
C ILE J 405 -20.34 -8.45 5.99
N GLU J 406 -21.49 -7.76 6.02
CA GLU J 406 -21.60 -6.52 5.27
C GLU J 406 -20.62 -5.47 5.77
N ASN J 407 -20.51 -5.34 7.10
CA ASN J 407 -19.55 -4.39 7.66
C ASN J 407 -18.12 -4.83 7.40
N LEU J 408 -17.86 -6.14 7.35
CA LEU J 408 -16.53 -6.61 7.01
C LEU J 408 -16.18 -6.24 5.57
N ASN J 409 -17.12 -6.41 4.65
CA ASN J 409 -16.89 -6.00 3.26
C ASN J 409 -16.67 -4.50 3.17
N LYS J 410 -17.46 -3.72 3.92
CA LYS J 410 -17.29 -2.27 3.92
C LYS J 410 -15.91 -1.89 4.45
N LYS J 411 -15.45 -2.55 5.51
CA LYS J 411 -14.12 -2.29 6.04
C LYS J 411 -13.04 -2.63 5.02
N VAL J 412 -13.21 -3.75 4.31
CA VAL J 412 -12.22 -4.15 3.31
C VAL J 412 -12.13 -3.10 2.21
N ASP J 413 -13.29 -2.69 1.69
CA ASP J 413 -13.30 -1.69 0.62
C ASP J 413 -12.76 -0.35 1.10
N ASP J 414 -13.12 0.06 2.32
CA ASP J 414 -12.64 1.32 2.86
C ASP J 414 -11.13 1.29 3.05
N GLY J 415 -10.60 0.19 3.59
CA GLY J 415 -9.16 0.08 3.77
C GLY J 415 -8.42 0.12 2.46
N PHE J 416 -8.96 -0.56 1.44
CA PHE J 416 -8.38 -0.43 0.11
C PHE J 416 -8.42 1.01 -0.38
N LEU J 417 -9.50 1.72 -0.05
CA LEU J 417 -9.62 3.12 -0.43
C LEU J 417 -8.51 3.96 0.20
N ASP J 418 -8.27 3.77 1.50
CA ASP J 418 -7.22 4.56 2.16
C ASP J 418 -5.84 4.20 1.62
N ILE J 419 -5.55 2.90 1.45
CA ILE J 419 -4.25 2.50 0.91
C ILE J 419 -4.02 3.13 -0.45
N TRP J 420 -5.02 3.04 -1.33
CA TRP J 420 -4.85 3.56 -2.68
C TRP J 420 -4.73 5.08 -2.69
N THR J 421 -5.55 5.77 -1.89
CA THR J 421 -5.48 7.23 -1.84
C THR J 421 -4.11 7.72 -1.36
N TYR J 422 -3.62 7.17 -0.25
CA TYR J 422 -2.31 7.60 0.26
C TYR J 422 -1.18 7.22 -0.69
N ASN J 423 -1.14 5.96 -1.16
CA ASN J 423 -0.04 5.55 -2.02
C ASN J 423 -0.03 6.38 -3.30
N ALA J 424 -1.20 6.60 -3.90
CA ALA J 424 -1.28 7.40 -5.11
C ALA J 424 -0.85 8.86 -4.86
N GLU J 425 -1.34 9.47 -3.77
CA GLU J 425 -1.02 10.87 -3.52
C GLU J 425 0.48 11.07 -3.29
N LEU J 426 1.07 10.22 -2.44
CA LEU J 426 2.50 10.35 -2.18
C LEU J 426 3.33 10.00 -3.40
N LEU J 427 2.86 9.05 -4.21
CA LEU J 427 3.53 8.77 -5.46
C LEU J 427 3.51 9.98 -6.38
N VAL J 428 2.36 10.64 -6.50
CA VAL J 428 2.24 11.81 -7.36
C VAL J 428 3.16 12.92 -6.87
N LEU J 429 3.14 13.20 -5.57
CA LEU J 429 3.95 14.29 -5.05
C LEU J 429 5.44 14.00 -5.17
N LEU J 430 5.86 12.79 -4.80
CA LEU J 430 7.27 12.44 -4.89
C LEU J 430 7.75 12.44 -6.34
N GLU J 431 6.93 11.94 -7.26
CA GLU J 431 7.33 11.93 -8.67
C GLU J 431 7.33 13.33 -9.26
N ASN J 432 6.44 14.21 -8.79
CA ASN J 432 6.48 15.61 -9.20
C ASN J 432 7.80 16.24 -8.81
N GLU J 433 8.18 16.09 -7.54
CA GLU J 433 9.47 16.62 -7.10
C GLU J 433 10.62 15.98 -7.86
N ARG J 434 10.51 14.68 -8.14
CA ARG J 434 11.56 13.97 -8.84
C ARG J 434 11.75 14.49 -10.26
N THR J 435 10.66 14.72 -10.97
CA THR J 435 10.80 15.18 -12.35
C THR J 435 11.20 16.64 -12.43
N LEU J 436 10.77 17.47 -11.47
CA LEU J 436 11.28 18.84 -11.44
C LEU J 436 12.77 18.85 -11.15
N ASP J 437 13.22 18.00 -10.23
CA ASP J 437 14.64 17.86 -9.96
C ASP J 437 15.38 17.34 -11.19
N TYR J 438 14.75 16.44 -11.94
CA TYR J 438 15.36 15.96 -13.19
C TYR J 438 15.57 17.11 -14.16
N HIS J 439 14.55 17.95 -14.35
CA HIS J 439 14.69 19.06 -15.29
C HIS J 439 15.78 20.03 -14.84
N ASP J 440 15.80 20.34 -13.53
CA ASP J 440 16.85 21.20 -13.00
C ASP J 440 18.23 20.58 -13.21
N SER J 441 18.33 19.27 -13.00
CA SER J 441 19.58 18.57 -13.25
C SER J 441 20.01 18.69 -14.70
N ASN J 442 19.06 18.50 -15.62
CA ASN J 442 19.40 18.55 -17.04
C ASN J 442 19.91 19.93 -17.44
N VAL J 443 19.23 20.99 -17.00
CA VAL J 443 19.67 22.33 -17.41
C VAL J 443 21.01 22.67 -16.76
N LYS J 444 21.22 22.23 -15.51
CA LYS J 444 22.53 22.47 -14.89
C LYS J 444 23.63 21.67 -15.58
N ASN J 445 23.34 20.44 -16.01
CA ASN J 445 24.34 19.67 -16.74
C ASN J 445 24.67 20.30 -18.07
N LEU J 446 23.68 20.86 -18.75
CA LEU J 446 23.95 21.57 -20.00
C LEU J 446 24.86 22.78 -19.73
N TYR J 447 24.56 23.52 -18.67
CA TYR J 447 25.41 24.67 -18.33
C TYR J 447 26.81 24.23 -17.96
N GLU J 448 26.95 23.13 -17.23
CA GLU J 448 28.27 22.65 -16.86
C GLU J 448 29.03 22.15 -18.08
N LYS J 449 28.34 21.52 -19.03
CA LYS J 449 28.98 21.09 -20.26
C LYS J 449 29.53 22.27 -21.04
N VAL J 450 28.71 23.32 -21.22
CA VAL J 450 29.20 24.49 -21.96
C VAL J 450 30.30 25.20 -21.18
N ARG J 451 30.21 25.23 -19.84
CA ARG J 451 31.24 25.90 -19.06
C ARG J 451 32.57 25.16 -19.12
N SER J 452 32.55 23.82 -19.03
CA SER J 452 33.78 23.07 -19.15
C SER J 452 34.32 23.10 -20.56
N GLN J 453 33.45 23.17 -21.56
CA GLN J 453 33.89 23.21 -22.95
C GLN J 453 34.56 24.54 -23.28
N LEU J 454 34.02 25.64 -22.78
CA LEU J 454 34.56 26.95 -23.10
C LEU J 454 35.68 27.39 -22.16
N LYS J 455 35.50 27.16 -20.85
CA LYS J 455 36.40 27.57 -19.77
C LYS J 455 36.95 28.99 -19.95
N ASN J 456 38.26 29.19 -19.86
CA ASN J 456 38.84 30.52 -19.74
C ASN J 456 38.60 31.40 -20.96
N ASN J 457 38.20 30.82 -22.10
CA ASN J 457 37.94 31.63 -23.28
C ASN J 457 36.69 32.48 -23.16
N ALA J 458 35.86 32.25 -22.15
CA ALA J 458 34.62 32.99 -21.97
C ALA J 458 34.52 33.48 -20.53
N LYS J 459 33.74 34.53 -20.35
CA LYS J 459 33.51 35.13 -19.03
C LYS J 459 32.08 34.84 -18.61
N GLU J 460 31.92 34.18 -17.47
CA GLU J 460 30.60 33.96 -16.89
C GLU J 460 30.08 35.28 -16.33
N ILE J 461 29.08 35.85 -16.99
CA ILE J 461 28.52 37.14 -16.58
C ILE J 461 27.25 36.95 -15.74
N GLY J 462 27.06 35.76 -15.17
CA GLY J 462 25.82 35.46 -14.48
C GLY J 462 24.71 35.15 -15.46
N ASN J 463 23.53 34.90 -14.90
CA ASN J 463 22.31 34.47 -15.58
C ASN J 463 22.56 33.54 -16.77
N GLY J 464 23.45 32.57 -16.57
CA GLY J 464 23.72 31.55 -17.57
C GLY J 464 24.18 32.07 -18.92
N CYS J 465 25.02 33.10 -18.93
CA CYS J 465 25.46 33.70 -20.18
C CYS J 465 26.97 33.80 -20.21
N PHE J 466 27.55 33.47 -21.37
CA PHE J 466 28.98 33.54 -21.60
C PHE J 466 29.28 34.64 -22.60
N GLU J 467 30.24 35.50 -22.25
CA GLU J 467 30.73 36.52 -23.17
C GLU J 467 32.12 36.10 -23.64
N PHE J 468 32.25 35.84 -24.93
CA PHE J 468 33.51 35.37 -25.47
C PHE J 468 34.58 36.45 -25.37
N TYR J 469 35.82 36.02 -25.11
CA TYR J 469 36.97 36.90 -25.16
C TYR J 469 37.52 37.06 -26.57
N HIS J 470 36.70 36.77 -27.58
CA HIS J 470 37.09 36.91 -28.97
C HIS J 470 35.81 37.03 -29.79
N LYS J 471 35.97 37.23 -31.09
CA LYS J 471 34.85 37.28 -32.02
C LYS J 471 34.83 35.95 -32.76
N CYS J 472 34.01 35.01 -32.28
CA CYS J 472 33.93 33.70 -32.91
C CYS J 472 33.02 33.81 -34.12
N ASP J 473 33.55 33.44 -35.28
CA ASP J 473 32.73 33.27 -36.48
C ASP J 473 32.03 31.92 -36.38
N ASN J 474 31.45 31.46 -37.47
CA ASN J 474 30.52 30.34 -37.38
C ASN J 474 31.24 29.04 -37.02
N THR J 475 30.41 28.03 -36.81
CA THR J 475 30.63 26.72 -36.20
C THR J 475 30.93 26.87 -34.70
N CYS J 476 31.07 28.10 -34.20
CA CYS J 476 31.29 28.26 -32.76
C CYS J 476 30.01 27.98 -31.98
N MET J 477 28.90 28.62 -32.35
CA MET J 477 27.60 28.27 -31.79
C MET J 477 27.28 26.79 -32.02
N GLU J 478 27.50 26.32 -33.25
CA GLU J 478 27.12 24.94 -33.58
C GLU J 478 27.91 23.93 -32.77
N SER J 479 29.20 24.16 -32.59
CA SER J 479 30.04 23.22 -31.86
C SER J 479 29.77 23.30 -30.36
N VAL J 480 29.40 24.48 -29.86
CA VAL J 480 28.95 24.56 -28.48
C VAL J 480 27.65 23.77 -28.28
N LYS J 481 26.72 23.89 -29.22
CA LYS J 481 25.41 23.25 -29.05
C LYS J 481 25.46 21.74 -29.24
N ASN J 482 26.55 21.19 -29.77
CA ASN J 482 26.68 19.73 -29.86
C ASN J 482 27.97 19.21 -29.20
N GLY J 483 28.60 20.03 -28.36
CA GLY J 483 29.67 19.56 -27.51
C GLY J 483 30.98 19.24 -28.18
N THR J 484 31.24 19.80 -29.35
CA THR J 484 32.49 19.56 -30.07
C THR J 484 33.20 20.88 -30.40
N TYR J 485 33.25 21.79 -29.44
CA TYR J 485 33.89 23.08 -29.66
C TYR J 485 35.40 22.92 -29.59
N ASP J 486 36.09 23.44 -30.61
CA ASP J 486 37.53 23.32 -30.71
C ASP J 486 38.13 24.44 -29.86
N TYR J 487 38.71 24.08 -28.71
CA TYR J 487 39.25 25.09 -27.80
C TYR J 487 40.54 25.72 -28.31
N PRO J 488 41.63 24.97 -28.55
CA PRO J 488 42.94 25.64 -28.73
C PRO J 488 43.06 26.49 -29.98
N LYS J 489 42.22 26.28 -31.00
CA LYS J 489 42.34 27.07 -32.22
C LYS J 489 41.90 28.51 -31.99
N TYR J 490 40.87 28.72 -31.18
CA TYR J 490 40.44 30.06 -30.82
C TYR J 490 41.21 30.64 -29.65
N SER J 491 42.00 29.82 -28.95
CA SER J 491 42.63 30.25 -27.71
C SER J 491 43.65 31.34 -27.92
N GLU J 492 44.36 31.33 -29.05
CA GLU J 492 45.39 32.34 -29.30
C GLU J 492 44.78 33.74 -29.40
N GLU J 493 43.75 33.89 -30.24
CA GLU J 493 43.08 35.18 -30.33
C GLU J 493 42.32 35.51 -29.06
N ALA J 494 41.82 34.49 -28.35
CA ALA J 494 41.13 34.73 -27.08
C ALA J 494 42.07 35.35 -26.06
N LYS J 495 43.28 34.82 -25.94
CA LYS J 495 44.23 35.37 -24.99
C LYS J 495 44.84 36.68 -25.49
N LEU J 496 44.93 36.87 -26.81
CA LEU J 496 45.40 38.14 -27.34
C LEU J 496 44.42 39.27 -27.01
N ASN J 497 43.12 39.02 -27.19
CA ASN J 497 42.12 40.01 -26.81
C ASN J 497 41.99 40.09 -25.30
N ARG J 498 42.33 39.01 -24.59
CA ARG J 498 42.25 38.98 -23.13
C ARG J 498 43.16 40.02 -22.50
N GLU J 499 44.37 40.17 -23.03
CA GLU J 499 45.34 41.12 -22.46
C GLU J 499 44.78 42.54 -22.50
N GLU J 500 44.00 42.88 -23.52
CA GLU J 500 43.36 44.20 -23.57
C GLU J 500 42.37 44.37 -22.43
N ILE J 501 41.73 43.30 -21.99
CA ILE J 501 40.67 43.37 -20.98
C ILE J 501 41.26 43.39 -19.58
N ASP J 502 41.92 42.30 -19.18
CA ASP J 502 42.44 42.18 -17.82
C ASP J 502 43.91 42.58 -17.76
N SER J 503 44.19 43.80 -18.20
CA SER J 503 45.53 44.39 -18.18
C SER J 503 46.58 43.50 -18.88
N GLY K 329 22.37 9.38 -13.68
CA GLY K 329 23.31 10.36 -14.19
C GLY K 329 22.86 11.80 -13.97
N LEU K 330 22.25 12.06 -12.81
CA LEU K 330 21.78 13.40 -12.50
C LEU K 330 22.95 14.34 -12.23
N PHE K 331 23.78 14.02 -11.23
CA PHE K 331 24.85 14.93 -10.86
C PHE K 331 25.92 15.04 -11.93
N GLY K 332 25.91 14.16 -12.93
CA GLY K 332 26.69 14.37 -14.14
C GLY K 332 28.06 13.75 -14.16
N ALA K 333 28.45 13.00 -13.13
CA ALA K 333 29.77 12.39 -13.13
C ALA K 333 29.79 11.13 -13.99
N ILE K 334 29.03 10.10 -13.60
CA ILE K 334 28.99 8.87 -14.37
C ILE K 334 28.13 9.09 -15.61
N ALA K 335 28.63 8.66 -16.77
CA ALA K 335 28.00 8.85 -18.07
C ALA K 335 27.72 10.32 -18.38
N GLY K 336 28.42 11.23 -17.71
CA GLY K 336 28.27 12.65 -17.96
C GLY K 336 29.53 13.24 -18.57
N PHE K 337 30.34 13.90 -17.75
CA PHE K 337 31.64 14.36 -18.20
C PHE K 337 32.72 13.29 -18.06
N ILE K 338 32.36 12.11 -17.56
CA ILE K 338 33.22 10.93 -17.62
C ILE K 338 32.71 10.07 -18.76
N GLU K 339 33.59 9.77 -19.72
CA GLU K 339 33.17 9.00 -20.89
C GLU K 339 32.73 7.59 -20.49
N GLY K 340 33.49 6.96 -19.62
CA GLY K 340 33.15 5.62 -19.16
C GLY K 340 34.11 5.16 -18.09
N GLY K 341 33.73 4.09 -17.42
CA GLY K 341 34.54 3.55 -16.35
C GLY K 341 35.74 2.78 -16.86
N TRP K 342 36.65 2.46 -15.94
CA TRP K 342 37.83 1.67 -16.25
C TRP K 342 37.57 0.23 -15.84
N THR K 343 37.63 -0.68 -16.80
CA THR K 343 37.47 -2.10 -16.51
C THR K 343 38.75 -2.75 -16.04
N GLY K 344 39.89 -2.09 -16.17
CA GLY K 344 41.15 -2.65 -15.74
C GLY K 344 41.38 -2.66 -14.24
N MET K 345 40.51 -2.01 -13.48
CA MET K 345 40.62 -1.96 -12.03
C MET K 345 39.40 -2.62 -11.40
N VAL K 346 39.63 -3.27 -10.26
CA VAL K 346 38.58 -4.06 -9.60
C VAL K 346 38.55 -3.69 -8.12
N ASP K 347 39.54 -2.91 -7.68
CA ASP K 347 39.76 -2.68 -6.26
C ASP K 347 38.58 -1.96 -5.60
N GLY K 348 38.04 -0.94 -6.26
CA GLY K 348 36.98 -0.16 -5.64
C GLY K 348 36.00 0.40 -6.67
N TRP K 349 34.84 0.81 -6.16
CA TRP K 349 33.88 1.48 -7.02
C TRP K 349 34.39 2.82 -7.54
N TYR K 350 35.21 3.51 -6.76
CA TYR K 350 35.61 4.89 -7.06
C TYR K 350 37.14 4.93 -7.06
N GLY K 351 37.74 4.58 -8.20
CA GLY K 351 39.16 4.40 -8.30
C GLY K 351 39.87 5.52 -9.03
N TYR K 352 41.21 5.45 -8.99
CA TYR K 352 42.08 6.42 -9.62
C TYR K 352 42.91 5.76 -10.70
N HIS K 353 43.60 6.59 -11.48
CA HIS K 353 44.58 6.11 -12.46
C HIS K 353 45.76 7.07 -12.39
N HIS K 354 46.73 6.74 -11.55
CA HIS K 354 47.89 7.59 -11.41
C HIS K 354 48.87 7.33 -12.55
N GLN K 355 49.70 8.32 -12.83
CA GLN K 355 50.75 8.17 -13.83
C GLN K 355 51.81 9.24 -13.61
N ASN K 356 53.05 8.80 -13.44
CA ASN K 356 54.18 9.69 -13.23
C ASN K 356 55.38 9.15 -14.01
N GLU K 357 56.55 9.73 -13.76
CA GLU K 357 57.73 9.39 -14.56
C GLU K 357 58.16 7.95 -14.37
N GLN K 358 57.82 7.35 -13.23
CA GLN K 358 58.08 5.91 -13.06
C GLN K 358 57.13 5.08 -13.91
N GLY K 359 55.84 5.33 -13.82
CA GLY K 359 54.87 4.52 -14.52
C GLY K 359 53.46 4.81 -14.01
N SER K 360 52.55 3.93 -14.39
CA SER K 360 51.13 4.09 -14.10
C SER K 360 50.60 2.86 -13.37
N GLY K 361 49.34 2.95 -12.97
CA GLY K 361 48.69 1.84 -12.30
C GLY K 361 47.27 2.22 -11.93
N TYR K 362 46.61 1.30 -11.23
CA TYR K 362 45.24 1.49 -10.77
C TYR K 362 45.18 1.31 -9.26
N ALA K 363 44.31 2.09 -8.62
CA ALA K 363 44.07 1.99 -7.19
C ALA K 363 42.65 2.44 -6.91
N ALA K 364 42.26 2.41 -5.64
CA ALA K 364 40.90 2.74 -5.25
C ALA K 364 40.91 3.65 -4.04
N ASP K 365 39.93 4.57 -3.99
CA ASP K 365 39.74 5.41 -2.82
C ASP K 365 39.05 4.59 -1.74
N LEU K 366 39.81 4.22 -0.71
CA LEU K 366 39.32 3.28 0.30
C LEU K 366 38.12 3.84 1.05
N LYS K 367 38.25 5.07 1.56
CA LYS K 367 37.23 5.62 2.44
C LYS K 367 35.89 5.77 1.72
N SER K 368 35.92 6.32 0.49
CA SER K 368 34.68 6.64 -0.20
C SER K 368 33.88 5.40 -0.52
N THR K 369 34.52 4.40 -1.15
CA THR K 369 33.76 3.21 -1.51
C THR K 369 33.47 2.33 -0.31
N GLN K 370 34.32 2.35 0.73
CA GLN K 370 33.96 1.67 1.97
C GLN K 370 32.66 2.25 2.53
N ASN K 371 32.57 3.57 2.56
CA ASN K 371 31.34 4.24 2.96
C ASN K 371 30.18 3.86 2.04
N ALA K 372 30.46 3.71 0.74
CA ALA K 372 29.42 3.41 -0.23
C ALA K 372 28.80 2.03 0.02
N ILE K 373 29.64 1.00 0.12
CA ILE K 373 29.10 -0.33 0.42
C ILE K 373 28.46 -0.37 1.80
N ASP K 374 28.99 0.38 2.78
CA ASP K 374 28.33 0.40 4.08
C ASP K 374 26.91 0.94 3.98
N LYS K 375 26.74 2.09 3.32
CA LYS K 375 25.41 2.67 3.19
C LYS K 375 24.50 1.79 2.34
N ILE K 376 25.05 1.13 1.33
CA ILE K 376 24.19 0.35 0.45
C ILE K 376 23.75 -0.95 1.11
N THR K 377 24.63 -1.58 1.90
CA THR K 377 24.19 -2.71 2.71
C THR K 377 23.14 -2.28 3.71
N ASN K 378 23.26 -1.06 4.25
CA ASN K 378 22.19 -0.53 5.09
C ASN K 378 20.89 -0.40 4.29
N LYS K 379 20.99 0.05 3.03
CA LYS K 379 19.82 0.12 2.16
C LYS K 379 19.17 -1.25 1.97
N VAL K 380 20.01 -2.27 1.72
CA VAL K 380 19.51 -3.61 1.49
C VAL K 380 18.81 -4.15 2.74
N ASN K 381 19.41 -3.96 3.91
CA ASN K 381 18.76 -4.39 5.14
C ASN K 381 17.47 -3.61 5.39
N SER K 382 17.48 -2.30 5.10
CA SER K 382 16.29 -1.50 5.35
C SER K 382 15.17 -1.78 4.37
N VAL K 383 15.47 -2.40 3.23
CA VAL K 383 14.42 -2.76 2.28
C VAL K 383 13.93 -4.18 2.56
N ILE K 384 14.83 -5.15 2.56
CA ILE K 384 14.43 -6.54 2.73
C ILE K 384 14.04 -6.83 4.18
N GLU K 385 14.96 -6.62 5.13
CA GLU K 385 14.75 -7.06 6.50
C GLU K 385 13.57 -6.35 7.15
N LYS K 386 13.26 -5.14 6.69
CA LYS K 386 12.20 -4.36 7.32
C LYS K 386 10.81 -4.89 7.00
N MET K 387 10.66 -5.72 5.98
CA MET K 387 9.36 -6.26 5.60
C MET K 387 8.86 -7.15 6.73
N ASN K 388 7.86 -6.67 7.46
CA ASN K 388 7.50 -7.21 8.77
C ASN K 388 6.26 -8.10 8.62
N THR K 389 6.44 -9.40 8.81
CA THR K 389 5.38 -10.38 8.66
C THR K 389 5.35 -11.33 9.85
N GLN K 390 4.15 -11.78 10.20
CA GLN K 390 3.98 -12.90 11.11
C GLN K 390 3.07 -13.92 10.45
N PHE K 391 2.65 -14.93 11.22
CA PHE K 391 1.95 -16.09 10.64
C PHE K 391 0.68 -15.68 9.92
N THR K 392 0.51 -16.22 8.70
CA THR K 392 -0.68 -16.03 7.90
C THR K 392 -1.13 -17.35 7.31
N ALA K 393 -2.43 -17.46 7.04
CA ALA K 393 -3.02 -18.63 6.39
C ALA K 393 -3.94 -18.11 5.28
N VAL K 394 -3.49 -18.22 4.04
CA VAL K 394 -4.18 -17.56 2.94
C VAL K 394 -5.35 -18.38 2.45
N GLY K 395 -5.11 -19.64 2.11
CA GLY K 395 -6.14 -20.45 1.47
C GLY K 395 -7.32 -20.70 2.39
N LYS K 396 -8.52 -20.61 1.82
CA LYS K 396 -9.76 -20.85 2.55
C LYS K 396 -10.67 -21.74 1.72
N GLU K 397 -11.45 -22.57 2.41
CA GLU K 397 -12.34 -23.54 1.78
C GLU K 397 -13.79 -23.11 1.97
N PHE K 398 -14.56 -23.14 0.89
CA PHE K 398 -15.98 -22.80 0.93
C PHE K 398 -16.74 -23.71 -0.02
N ASN K 399 -18.01 -23.94 0.30
CA ASN K 399 -18.85 -24.79 -0.53
C ASN K 399 -19.63 -23.94 -1.54
N HIS K 400 -20.50 -24.60 -2.31
CA HIS K 400 -21.27 -23.91 -3.34
C HIS K 400 -22.36 -23.02 -2.74
N LEU K 401 -22.72 -23.23 -1.48
CA LEU K 401 -23.76 -22.44 -0.83
C LEU K 401 -23.20 -21.20 -0.14
N GLU K 402 -21.89 -20.97 -0.23
CA GLU K 402 -21.22 -19.82 0.37
C GLU K 402 -20.42 -19.07 -0.68
N LYS K 403 -21.06 -18.80 -1.82
CA LYS K 403 -20.36 -18.19 -2.95
C LYS K 403 -19.96 -16.75 -2.64
N ARG K 404 -20.82 -16.00 -1.94
CA ARG K 404 -20.53 -14.60 -1.65
C ARG K 404 -19.28 -14.46 -0.78
N ILE K 405 -19.14 -15.31 0.23
CA ILE K 405 -17.98 -15.23 1.11
C ILE K 405 -16.70 -15.57 0.35
N GLU K 406 -16.79 -16.59 -0.52
CA GLU K 406 -15.63 -16.95 -1.34
C GLU K 406 -15.26 -15.83 -2.30
N ASN K 407 -16.25 -15.17 -2.88
CA ASN K 407 -15.98 -14.04 -3.76
C ASN K 407 -15.34 -12.88 -3.00
N LEU K 408 -15.79 -12.64 -1.76
CA LEU K 408 -15.17 -11.61 -0.94
C LEU K 408 -13.72 -11.96 -0.63
N ASN K 409 -13.45 -13.24 -0.34
CA ASN K 409 -12.08 -13.68 -0.12
C ASN K 409 -11.23 -13.49 -1.38
N LYS K 410 -11.81 -13.81 -2.54
CA LYS K 410 -11.10 -13.63 -3.80
C LYS K 410 -10.79 -12.15 -4.05
N LYS K 411 -11.75 -11.27 -3.74
CA LYS K 411 -11.52 -9.84 -3.88
C LYS K 411 -10.41 -9.37 -2.93
N VAL K 412 -10.40 -9.91 -1.71
CA VAL K 412 -9.34 -9.56 -0.76
C VAL K 412 -7.99 -9.98 -1.30
N ASP K 413 -7.90 -11.22 -1.78
CA ASP K 413 -6.63 -11.72 -2.32
C ASP K 413 -6.18 -10.88 -3.51
N ASP K 414 -7.09 -10.54 -4.41
CA ASP K 414 -6.73 -9.72 -5.56
C ASP K 414 -6.32 -8.31 -5.13
N GLY K 415 -6.99 -7.76 -4.12
CA GLY K 415 -6.63 -6.42 -3.66
C GLY K 415 -5.24 -6.35 -3.08
N PHE K 416 -4.91 -7.31 -2.20
CA PHE K 416 -3.55 -7.32 -1.66
C PHE K 416 -2.52 -7.67 -2.73
N LEU K 417 -2.89 -8.51 -3.69
CA LEU K 417 -2.03 -8.75 -4.85
C LEU K 417 -1.72 -7.45 -5.58
N ASP K 418 -2.75 -6.67 -5.88
CA ASP K 418 -2.57 -5.45 -6.65
C ASP K 418 -1.74 -4.45 -5.88
N ILE K 419 -2.05 -4.27 -4.59
CA ILE K 419 -1.29 -3.33 -3.77
C ILE K 419 0.17 -3.73 -3.70
N TRP K 420 0.44 -5.02 -3.47
CA TRP K 420 1.81 -5.44 -3.29
C TRP K 420 2.61 -5.35 -4.59
N THR K 421 2.01 -5.73 -5.72
CA THR K 421 2.75 -5.61 -6.97
C THR K 421 3.00 -4.14 -7.32
N TYR K 422 2.02 -3.27 -7.11
CA TYR K 422 2.22 -1.86 -7.43
C TYR K 422 3.32 -1.25 -6.57
N ASN K 423 3.21 -1.40 -5.25
CA ASN K 423 4.20 -0.82 -4.37
C ASN K 423 5.57 -1.43 -4.57
N ALA K 424 5.63 -2.75 -4.79
CA ALA K 424 6.91 -3.40 -5.01
C ALA K 424 7.59 -2.86 -6.26
N GLU K 425 6.86 -2.77 -7.36
CA GLU K 425 7.46 -2.30 -8.61
C GLU K 425 7.91 -0.85 -8.49
N LEU K 426 7.02 0.04 -8.03
CA LEU K 426 7.39 1.44 -7.94
C LEU K 426 8.53 1.66 -6.95
N LEU K 427 8.51 0.96 -5.82
CA LEU K 427 9.53 1.12 -4.82
C LEU K 427 10.88 0.63 -5.33
N VAL K 428 10.92 -0.51 -6.02
CA VAL K 428 12.21 -0.99 -6.51
C VAL K 428 12.72 -0.06 -7.61
N LEU K 429 11.82 0.48 -8.45
CA LEU K 429 12.25 1.44 -9.46
C LEU K 429 12.88 2.68 -8.82
N LEU K 430 12.20 3.23 -7.81
CA LEU K 430 12.72 4.42 -7.13
C LEU K 430 14.05 4.13 -6.44
N GLU K 431 14.17 2.96 -5.80
CA GLU K 431 15.42 2.61 -5.14
C GLU K 431 16.54 2.43 -6.15
N ASN K 432 16.25 1.85 -7.31
CA ASN K 432 17.26 1.73 -8.36
C ASN K 432 17.76 3.10 -8.79
N GLU K 433 16.84 4.02 -9.03
CA GLU K 433 17.24 5.36 -9.47
C GLU K 433 18.05 6.07 -8.41
N ARG K 434 17.62 5.96 -7.15
CA ARG K 434 18.33 6.61 -6.05
C ARG K 434 19.72 6.02 -5.86
N THR K 435 19.88 4.71 -6.01
CA THR K 435 21.19 4.10 -5.85
C THR K 435 22.14 4.49 -6.98
N LEU K 436 21.64 4.51 -8.22
CA LEU K 436 22.47 4.96 -9.33
C LEU K 436 22.91 6.41 -9.13
N ASP K 437 22.00 7.26 -8.66
CA ASP K 437 22.38 8.65 -8.45
C ASP K 437 23.24 8.82 -7.20
N TYR K 438 23.17 7.92 -6.23
CA TYR K 438 24.13 7.94 -5.13
C TYR K 438 25.53 7.61 -5.63
N HIS K 439 25.64 6.66 -6.55
CA HIS K 439 26.94 6.40 -7.17
C HIS K 439 27.46 7.63 -7.91
N ASP K 440 26.56 8.27 -8.66
CA ASP K 440 26.91 9.52 -9.32
C ASP K 440 27.36 10.56 -8.30
N SER K 441 26.68 10.61 -7.15
CA SER K 441 27.04 11.54 -6.09
C SER K 441 28.43 11.29 -5.57
N ASN K 442 28.77 10.03 -5.29
CA ASN K 442 30.08 9.72 -4.76
C ASN K 442 31.18 10.08 -5.75
N VAL K 443 30.98 9.74 -7.03
CA VAL K 443 32.01 10.03 -8.01
C VAL K 443 32.19 11.54 -8.16
N LYS K 444 31.09 12.29 -8.22
CA LYS K 444 31.20 13.73 -8.37
C LYS K 444 31.80 14.39 -7.13
N ASN K 445 31.43 13.93 -5.93
CA ASN K 445 31.97 14.52 -4.71
C ASN K 445 33.46 14.24 -4.58
N LEU K 446 33.89 13.05 -5.01
CA LEU K 446 35.33 12.76 -5.04
C LEU K 446 36.04 13.67 -6.03
N TYR K 447 35.44 13.87 -7.21
CA TYR K 447 36.02 14.79 -8.19
C TYR K 447 36.11 16.20 -7.62
N GLU K 448 35.09 16.62 -6.89
CA GLU K 448 35.08 17.95 -6.31
C GLU K 448 36.10 18.07 -5.18
N LYS K 449 36.34 16.99 -4.44
CA LYS K 449 37.38 17.01 -3.41
C LYS K 449 38.77 17.17 -4.03
N VAL K 450 39.05 16.40 -5.09
CA VAL K 450 40.37 16.50 -5.71
C VAL K 450 40.51 17.83 -6.46
N ARG K 451 39.38 18.47 -6.82
CA ARG K 451 39.46 19.84 -7.32
C ARG K 451 39.60 20.87 -6.21
N SER K 452 39.04 20.60 -5.03
CA SER K 452 39.17 21.50 -3.90
C SER K 452 40.62 21.56 -3.44
N GLN K 453 41.27 20.40 -3.31
CA GLN K 453 42.72 20.38 -3.27
C GLN K 453 43.24 20.66 -4.67
N LEU K 454 44.54 20.91 -4.80
CA LEU K 454 45.17 21.06 -6.12
C LEU K 454 44.52 22.19 -6.91
N LYS K 455 44.26 23.31 -6.22
CA LYS K 455 43.31 24.29 -6.73
C LYS K 455 43.81 24.99 -7.99
N ASN K 456 45.12 25.18 -8.11
CA ASN K 456 45.65 25.86 -9.29
C ASN K 456 46.93 25.19 -9.79
N ASN K 457 47.17 23.94 -9.42
CA ASN K 457 48.34 23.21 -9.87
C ASN K 457 48.00 22.14 -10.90
N ALA K 458 46.78 22.12 -11.42
CA ALA K 458 46.37 21.10 -12.37
C ALA K 458 45.45 21.70 -13.42
N LYS K 459 45.69 21.32 -14.68
CA LYS K 459 44.79 21.67 -15.77
C LYS K 459 43.70 20.62 -15.87
N GLU K 460 42.44 21.05 -15.80
CA GLU K 460 41.32 20.14 -16.00
C GLU K 460 41.16 19.90 -17.49
N ILE K 461 41.92 18.95 -18.02
CA ILE K 461 41.92 18.70 -19.45
C ILE K 461 40.59 18.11 -19.92
N GLY K 462 39.81 17.55 -19.00
CA GLY K 462 38.54 16.93 -19.33
C GLY K 462 38.53 15.45 -18.93
N ASN K 463 37.35 14.86 -19.14
CA ASN K 463 37.01 13.49 -18.77
C ASN K 463 37.58 13.09 -17.40
N GLY K 464 37.52 14.01 -16.44
CA GLY K 464 37.88 13.72 -15.06
C GLY K 464 39.36 13.58 -14.80
N CYS K 465 40.21 13.87 -15.77
CA CYS K 465 41.65 13.66 -15.65
C CYS K 465 42.37 14.98 -15.46
N PHE K 466 43.19 15.05 -14.42
CA PHE K 466 43.98 16.25 -14.12
C PHE K 466 45.37 16.09 -14.71
N GLU K 467 45.81 17.09 -15.47
CA GLU K 467 47.17 17.14 -16.00
C GLU K 467 47.97 18.05 -15.08
N PHE K 468 48.82 17.45 -14.26
CA PHE K 468 49.53 18.19 -13.21
C PHE K 468 50.57 19.12 -13.81
N TYR K 469 50.71 20.29 -13.19
CA TYR K 469 51.69 21.29 -13.60
C TYR K 469 53.04 21.09 -12.93
N HIS K 470 53.17 20.11 -12.04
CA HIS K 470 54.41 19.88 -11.32
C HIS K 470 54.63 18.38 -11.18
N LYS K 471 55.89 17.97 -11.30
CA LYS K 471 56.27 16.58 -11.14
C LYS K 471 56.43 16.27 -9.66
N CYS K 472 55.68 15.29 -9.16
CA CYS K 472 55.76 14.89 -7.77
C CYS K 472 55.64 13.38 -7.66
N ASP K 473 56.43 12.81 -6.75
CA ASP K 473 56.45 11.36 -6.55
C ASP K 473 55.18 10.92 -5.83
N ASN K 474 55.11 9.65 -5.44
CA ASN K 474 53.85 9.06 -5.01
C ASN K 474 53.34 9.59 -3.68
N THR K 475 54.08 10.48 -3.02
CA THR K 475 53.52 11.18 -1.87
C THR K 475 52.32 12.01 -2.27
N CYS K 476 52.30 12.54 -3.50
CA CYS K 476 51.16 13.34 -3.93
C CYS K 476 50.02 12.48 -4.48
N MET K 477 50.33 11.38 -5.19
CA MET K 477 49.30 10.38 -5.51
C MET K 477 48.59 9.90 -4.26
N GLU K 478 49.34 9.30 -3.34
CA GLU K 478 48.73 8.82 -2.10
C GLU K 478 48.16 9.97 -1.29
N SER K 479 48.72 11.17 -1.44
CA SER K 479 48.25 12.32 -0.66
C SER K 479 46.89 12.80 -1.13
N VAL K 480 46.61 12.72 -2.44
CA VAL K 480 45.27 13.06 -2.89
C VAL K 480 44.35 11.87 -2.72
N LYS K 481 44.90 10.66 -2.60
CA LYS K 481 44.13 9.53 -2.12
C LYS K 481 43.85 9.64 -0.62
N ASN K 482 44.49 10.59 0.05
CA ASN K 482 44.75 10.51 1.47
C ASN K 482 44.41 11.78 2.24
N GLY K 483 44.08 12.87 1.54
CA GLY K 483 43.53 14.07 2.16
C GLY K 483 44.52 15.01 2.79
N THR K 484 45.78 15.00 2.38
CA THR K 484 46.80 15.82 3.04
C THR K 484 47.74 16.47 2.02
N TYR K 485 47.19 16.99 0.92
CA TYR K 485 48.04 17.63 -0.07
C TYR K 485 48.60 18.95 0.46
N ASP K 486 49.85 19.24 0.08
CA ASP K 486 50.55 20.45 0.51
C ASP K 486 50.65 21.40 -0.68
N TYR K 487 49.73 22.37 -0.74
CA TYR K 487 49.74 23.34 -1.84
C TYR K 487 50.98 24.23 -1.86
N PRO K 488 51.40 24.88 -0.76
CA PRO K 488 52.56 25.78 -0.86
C PRO K 488 53.87 25.08 -1.17
N LYS K 489 53.96 23.76 -0.97
CA LYS K 489 55.20 23.06 -1.26
C LYS K 489 55.53 23.09 -2.75
N TYR K 490 54.51 22.95 -3.60
CA TYR K 490 54.71 22.95 -5.05
C TYR K 490 54.10 24.16 -5.74
N SER K 491 53.54 25.10 -4.97
CA SER K 491 52.87 26.25 -5.58
C SER K 491 53.85 27.10 -6.38
N GLU K 492 55.02 27.41 -5.81
CA GLU K 492 55.98 28.25 -6.52
C GLU K 492 56.53 27.56 -7.75
N GLU K 493 56.75 26.25 -7.67
CA GLU K 493 57.21 25.50 -8.83
C GLU K 493 56.16 25.50 -9.93
N ALA K 494 54.89 25.38 -9.56
CA ALA K 494 53.82 25.45 -10.55
C ALA K 494 53.75 26.83 -11.20
N LYS K 495 53.89 27.90 -10.40
CA LYS K 495 53.91 29.24 -10.96
C LYS K 495 55.07 29.42 -11.93
N LEU K 496 56.25 28.90 -11.56
CA LEU K 496 57.40 29.00 -12.45
C LEU K 496 57.19 28.21 -13.73
N ASN K 497 56.57 27.03 -13.63
CA ASN K 497 56.41 26.18 -14.80
C ASN K 497 55.38 26.75 -15.77
N ARG K 498 54.29 27.33 -15.26
CA ARG K 498 53.37 28.01 -16.15
C ARG K 498 54.03 29.25 -16.76
N GLU K 499 53.78 29.45 -18.06
CA GLU K 499 54.38 30.55 -18.80
C GLU K 499 53.44 31.74 -18.86
N GLY L 329 24.33 13.28 2.44
CA GLY L 329 24.89 14.43 1.76
C GLY L 329 25.29 14.14 0.32
N LEU L 330 24.30 14.02 -0.56
CA LEU L 330 24.57 13.75 -1.96
C LEU L 330 25.29 14.91 -2.64
N PHE L 331 24.87 16.14 -2.36
CA PHE L 331 25.52 17.29 -2.98
C PHE L 331 26.87 17.59 -2.36
N GLY L 332 27.13 17.09 -1.15
CA GLY L 332 28.46 17.20 -0.57
C GLY L 332 28.80 18.51 0.10
N ALA L 333 27.80 19.23 0.62
CA ALA L 333 28.08 20.46 1.34
C ALA L 333 28.20 20.23 2.85
N ILE L 334 27.14 19.74 3.47
CA ILE L 334 27.19 19.41 4.89
C ILE L 334 27.94 18.10 5.06
N ALA L 335 28.89 18.08 6.00
CA ALA L 335 29.84 16.99 6.20
C ALA L 335 30.65 16.69 4.93
N GLY L 336 30.73 17.66 4.01
CA GLY L 336 31.50 17.51 2.80
C GLY L 336 32.71 18.42 2.77
N PHE L 337 32.64 19.50 1.99
CA PHE L 337 33.71 20.48 2.02
C PHE L 337 33.61 21.42 3.22
N ILE L 338 32.50 21.37 3.96
CA ILE L 338 32.38 22.04 5.26
C ILE L 338 32.42 20.96 6.32
N GLU L 339 33.40 21.05 7.22
CA GLU L 339 33.65 19.98 8.18
C GLU L 339 32.47 19.78 9.12
N GLY L 340 31.88 20.86 9.61
CA GLY L 340 30.77 20.75 10.52
C GLY L 340 30.08 22.08 10.69
N GLY L 341 28.95 22.05 11.39
CA GLY L 341 28.17 23.24 11.63
C GLY L 341 28.73 24.09 12.75
N TRP L 342 27.99 25.14 13.07
CA TRP L 342 28.35 26.05 14.15
C TRP L 342 27.30 25.96 15.24
N THR L 343 27.75 25.71 16.47
CA THR L 343 26.83 25.54 17.59
C THR L 343 26.42 26.86 18.23
N GLY L 344 27.15 27.93 17.97
CA GLY L 344 26.86 29.20 18.59
C GLY L 344 25.89 30.08 17.84
N MET L 345 25.28 29.59 16.76
CA MET L 345 24.37 30.38 15.94
C MET L 345 22.98 29.77 16.03
N VAL L 346 22.24 30.13 17.08
CA VAL L 346 20.82 29.83 17.07
C VAL L 346 20.07 31.06 16.56
N ASP L 347 20.16 31.30 15.26
CA ASP L 347 19.33 32.31 14.62
C ASP L 347 18.97 31.98 13.19
N GLY L 348 19.18 30.74 12.72
CA GLY L 348 18.82 30.34 11.39
C GLY L 348 19.54 29.08 10.94
N TRP L 349 18.88 28.27 10.11
CA TRP L 349 19.51 27.04 9.63
C TRP L 349 20.73 27.31 8.75
N TYR L 350 20.84 28.51 8.18
CA TYR L 350 21.91 28.81 7.25
C TYR L 350 22.42 30.21 7.59
N GLY L 351 23.73 30.34 7.79
CA GLY L 351 24.23 31.62 8.23
C GLY L 351 25.64 31.88 7.77
N TYR L 352 26.14 33.05 8.14
CA TYR L 352 27.47 33.51 7.81
C TYR L 352 28.20 33.88 9.08
N HIS L 353 29.47 33.53 9.17
CA HIS L 353 30.35 34.03 10.22
C HIS L 353 31.40 34.92 9.57
N HIS L 354 31.44 36.18 9.97
CA HIS L 354 32.32 37.17 9.37
C HIS L 354 33.07 37.93 10.46
N GLN L 355 34.32 38.26 10.17
CA GLN L 355 35.10 39.10 11.07
C GLN L 355 35.80 40.16 10.24
N ASN L 356 35.89 41.35 10.79
CA ASN L 356 36.62 42.45 10.18
C ASN L 356 37.02 43.43 11.28
N GLU L 357 37.43 44.63 10.88
CA GLU L 357 37.97 45.59 11.84
C GLU L 357 36.94 46.06 12.87
N GLN L 358 35.65 45.93 12.56
CA GLN L 358 34.64 46.52 13.44
C GLN L 358 33.43 45.62 13.66
N GLY L 359 33.52 44.33 13.35
CA GLY L 359 32.39 43.44 13.56
C GLY L 359 32.73 41.97 13.48
N SER L 360 32.15 41.18 14.38
CA SER L 360 32.32 39.73 14.38
C SER L 360 31.12 39.09 15.03
N GLY L 361 30.66 37.99 14.45
CA GLY L 361 29.53 37.27 15.00
C GLY L 361 28.86 36.41 13.95
N TYR L 362 27.80 35.73 14.40
CA TYR L 362 27.00 34.85 13.55
C TYR L 362 25.66 35.50 13.25
N ALA L 363 25.30 35.51 11.96
CA ALA L 363 24.00 36.00 11.53
C ALA L 363 23.52 35.13 10.37
N ALA L 364 22.21 35.00 10.22
CA ALA L 364 21.63 34.09 9.27
C ALA L 364 21.16 34.78 7.99
N ASP L 365 21.19 34.03 6.90
CA ASP L 365 20.57 34.47 5.65
C ASP L 365 19.08 34.22 5.80
N LEU L 366 18.32 35.31 5.96
CA LEU L 366 16.92 35.20 6.36
C LEU L 366 16.09 34.50 5.28
N LYS L 367 16.26 34.91 4.02
CA LYS L 367 15.38 34.45 2.95
C LYS L 367 15.51 32.95 2.72
N SER L 368 16.73 32.44 2.68
CA SER L 368 16.96 31.04 2.36
C SER L 368 16.36 30.12 3.41
N THR L 369 16.68 30.37 4.68
CA THR L 369 16.14 29.51 5.73
C THR L 369 14.64 29.72 5.94
N GLN L 370 14.12 30.91 5.61
CA GLN L 370 12.67 31.09 5.67
C GLN L 370 11.98 30.24 4.62
N ASN L 371 12.50 30.24 3.39
CA ASN L 371 11.96 29.38 2.35
C ASN L 371 12.09 27.92 2.75
N ALA L 372 13.20 27.55 3.38
CA ALA L 372 13.37 26.17 3.85
C ALA L 372 12.32 25.81 4.89
N ILE L 373 12.05 26.71 5.83
CA ILE L 373 11.03 26.46 6.85
C ILE L 373 9.67 26.25 6.21
N ASP L 374 9.30 27.12 5.26
CA ASP L 374 8.02 27.00 4.60
C ASP L 374 7.89 25.68 3.83
N LYS L 375 8.93 25.33 3.06
CA LYS L 375 8.90 24.08 2.32
C LYS L 375 8.79 22.87 3.26
N ILE L 376 9.56 22.87 4.36
CA ILE L 376 9.54 21.72 5.26
C ILE L 376 8.20 21.59 5.98
N THR L 377 7.59 22.72 6.38
CA THR L 377 6.29 22.61 7.03
C THR L 377 5.23 22.16 6.03
N ASN L 378 5.36 22.57 4.76
CA ASN L 378 4.47 22.03 3.73
C ASN L 378 4.69 20.53 3.55
N LYS L 379 5.94 20.08 3.62
CA LYS L 379 6.25 18.67 3.48
C LYS L 379 5.63 17.85 4.59
N VAL L 380 5.76 18.33 5.84
CA VAL L 380 5.19 17.64 6.98
C VAL L 380 3.67 17.61 6.88
N ASN L 381 3.07 18.74 6.49
CA ASN L 381 1.61 18.78 6.31
C ASN L 381 1.16 17.81 5.22
N SER L 382 1.95 17.71 4.14
CA SER L 382 1.61 16.77 3.08
C SER L 382 1.69 15.33 3.57
N VAL L 383 2.70 15.03 4.41
CA VAL L 383 2.83 13.68 4.93
C VAL L 383 1.67 13.35 5.86
N ILE L 384 1.27 14.29 6.71
CA ILE L 384 0.28 13.98 7.74
C ILE L 384 -1.14 14.04 7.20
N GLU L 385 -1.48 15.09 6.44
CA GLU L 385 -2.87 15.35 6.10
C GLU L 385 -3.49 14.31 5.18
N LYS L 386 -2.67 13.53 4.46
CA LYS L 386 -3.21 12.60 3.47
C LYS L 386 -3.88 11.40 4.11
N MET L 387 -3.81 11.26 5.42
CA MET L 387 -4.77 10.45 6.16
C MET L 387 -6.15 11.04 5.95
N ASN L 388 -6.97 10.35 5.16
CA ASN L 388 -8.40 10.61 5.08
C ASN L 388 -9.11 9.32 5.46
N THR L 389 -9.23 9.11 6.78
CA THR L 389 -9.88 7.92 7.31
C THR L 389 -11.27 8.29 7.80
N GLN L 390 -12.27 7.54 7.34
CA GLN L 390 -13.63 7.73 7.78
C GLN L 390 -13.88 6.89 9.03
N PHE L 391 -15.11 6.94 9.52
CA PHE L 391 -15.47 6.22 10.75
C PHE L 391 -15.49 4.72 10.47
N THR L 392 -14.51 3.99 11.02
CA THR L 392 -14.39 2.56 10.82
C THR L 392 -14.52 1.84 12.15
N ALA L 393 -14.83 0.54 12.07
CA ALA L 393 -14.98 -0.33 13.24
C ALA L 393 -14.10 -1.56 12.99
N VAL L 394 -12.84 -1.47 13.42
CA VAL L 394 -11.90 -2.56 13.16
C VAL L 394 -12.31 -3.82 13.92
N GLY L 395 -12.78 -3.67 15.15
CA GLY L 395 -13.15 -4.81 15.98
C GLY L 395 -14.31 -5.61 15.43
N LYS L 396 -14.10 -6.91 15.26
CA LYS L 396 -15.13 -7.82 14.80
C LYS L 396 -15.11 -9.07 15.68
N GLU L 397 -16.27 -9.72 15.78
CA GLU L 397 -16.43 -10.88 16.65
C GLU L 397 -17.18 -11.98 15.91
N PHE L 398 -16.79 -13.22 16.17
CA PHE L 398 -17.39 -14.39 15.55
C PHE L 398 -17.28 -15.56 16.52
N ASN L 399 -18.36 -16.31 16.67
CA ASN L 399 -18.34 -17.47 17.58
C ASN L 399 -17.78 -18.69 16.84
N HIS L 400 -17.92 -19.87 17.44
CA HIS L 400 -17.19 -21.04 16.98
C HIS L 400 -17.68 -21.55 15.63
N LEU L 401 -18.97 -21.40 15.33
CA LEU L 401 -19.53 -22.01 14.14
C LEU L 401 -19.10 -21.32 12.84
N GLU L 402 -18.44 -20.17 12.90
CA GLU L 402 -17.90 -19.50 11.72
C GLU L 402 -16.47 -19.03 11.97
N LYS L 403 -15.64 -19.95 12.49
CA LYS L 403 -14.22 -19.69 12.67
C LYS L 403 -13.54 -19.31 11.36
N ARG L 404 -14.07 -19.77 10.22
CA ARG L 404 -13.48 -19.45 8.93
C ARG L 404 -13.50 -17.95 8.67
N ILE L 405 -14.67 -17.33 8.83
CA ILE L 405 -14.76 -15.90 8.56
C ILE L 405 -14.03 -15.09 9.62
N GLU L 406 -13.88 -15.63 10.84
CA GLU L 406 -13.02 -14.98 11.82
C GLU L 406 -11.57 -15.01 11.38
N ASN L 407 -11.12 -16.14 10.82
CA ASN L 407 -9.79 -16.20 10.26
C ASN L 407 -9.65 -15.26 9.07
N LEU L 408 -10.71 -15.09 8.28
CA LEU L 408 -10.67 -14.14 7.18
C LEU L 408 -10.54 -12.71 7.68
N ASN L 409 -11.27 -12.37 8.75
CA ASN L 409 -11.14 -11.06 9.35
C ASN L 409 -9.73 -10.83 9.89
N LYS L 410 -9.17 -11.84 10.55
CA LYS L 410 -7.79 -11.74 11.02
C LYS L 410 -6.83 -11.58 9.85
N LYS L 411 -7.09 -12.27 8.74
CA LYS L 411 -6.26 -12.14 7.55
C LYS L 411 -6.32 -10.73 7.00
N VAL L 412 -7.51 -10.14 6.93
CA VAL L 412 -7.65 -8.78 6.42
C VAL L 412 -6.92 -7.79 7.32
N ASP L 413 -7.11 -7.92 8.64
CA ASP L 413 -6.45 -7.01 9.57
C ASP L 413 -4.93 -7.16 9.51
N ASP L 414 -4.45 -8.40 9.44
CA ASP L 414 -3.02 -8.64 9.36
C ASP L 414 -2.43 -8.08 8.08
N GLY L 415 -3.12 -8.25 6.95
CA GLY L 415 -2.63 -7.71 5.70
C GLY L 415 -2.59 -6.20 5.70
N PHE L 416 -3.64 -5.56 6.25
CA PHE L 416 -3.63 -4.10 6.37
C PHE L 416 -2.48 -3.64 7.26
N LEU L 417 -2.26 -4.35 8.37
CA LEU L 417 -1.14 -4.05 9.25
C LEU L 417 0.19 -4.14 8.50
N ASP L 418 0.35 -5.20 7.70
CA ASP L 418 1.62 -5.41 7.00
C ASP L 418 1.87 -4.32 5.97
N ILE L 419 0.86 -4.03 5.14
CA ILE L 419 1.06 -3.02 4.11
C ILE L 419 1.28 -1.65 4.74
N TRP L 420 0.55 -1.33 5.81
CA TRP L 420 0.74 -0.04 6.46
C TRP L 420 2.13 0.07 7.06
N THR L 421 2.58 -0.98 7.76
CA THR L 421 3.90 -0.95 8.37
C THR L 421 4.99 -0.76 7.33
N TYR L 422 4.97 -1.59 6.28
CA TYR L 422 6.02 -1.53 5.26
C TYR L 422 6.01 -0.18 4.54
N ASN L 423 4.84 0.24 4.05
CA ASN L 423 4.76 1.49 3.31
C ASN L 423 5.13 2.67 4.18
N ALA L 424 4.62 2.72 5.41
CA ALA L 424 4.89 3.86 6.28
C ALA L 424 6.36 3.93 6.67
N GLU L 425 6.97 2.79 7.01
CA GLU L 425 8.38 2.80 7.38
C GLU L 425 9.26 3.25 6.23
N LEU L 426 9.05 2.69 5.04
CA LEU L 426 9.91 3.09 3.93
C LEU L 426 9.62 4.51 3.47
N LEU L 427 8.37 4.96 3.59
CA LEU L 427 8.07 6.36 3.30
C LEU L 427 8.79 7.28 4.25
N VAL L 428 8.80 6.95 5.55
CA VAL L 428 9.49 7.78 6.53
C VAL L 428 10.99 7.81 6.23
N LEU L 429 11.56 6.65 5.91
CA LEU L 429 12.99 6.60 5.63
C LEU L 429 13.35 7.43 4.40
N LEU L 430 12.59 7.28 3.31
CA LEU L 430 12.87 8.03 2.10
C LEU L 430 12.66 9.52 2.31
N GLU L 431 11.61 9.90 3.06
CA GLU L 431 11.36 11.31 3.32
C GLU L 431 12.47 11.92 4.17
N ASN L 432 12.99 11.17 5.14
CA ASN L 432 14.10 11.67 5.94
C ASN L 432 15.35 11.87 5.10
N GLU L 433 15.63 10.92 4.21
CA GLU L 433 16.77 11.07 3.32
C GLU L 433 16.62 12.28 2.42
N ARG L 434 15.40 12.49 1.90
CA ARG L 434 15.15 13.64 1.03
C ARG L 434 15.25 14.95 1.80
N THR L 435 14.81 14.96 3.07
CA THR L 435 14.92 16.17 3.87
C THR L 435 16.37 16.53 4.14
N LEU L 436 17.18 15.54 4.50
CA LEU L 436 18.61 15.80 4.70
C LEU L 436 19.27 16.27 3.41
N ASP L 437 18.90 15.67 2.28
CA ASP L 437 19.44 16.11 1.00
C ASP L 437 18.98 17.53 0.66
N TYR L 438 17.75 17.89 1.03
CA TYR L 438 17.29 19.27 0.84
C TYR L 438 18.15 20.26 1.62
N HIS L 439 18.40 19.96 2.89
CA HIS L 439 19.22 20.88 3.69
C HIS L 439 20.64 20.96 3.13
N ASP L 440 21.17 19.83 2.69
CA ASP L 440 22.49 19.81 2.06
C ASP L 440 22.50 20.68 0.80
N SER L 441 21.43 20.58 0.00
CA SER L 441 21.33 21.39 -1.21
C SER L 441 21.23 22.87 -0.90
N ASN L 442 20.51 23.22 0.16
CA ASN L 442 20.41 24.63 0.55
C ASN L 442 21.76 25.19 0.94
N VAL L 443 22.53 24.43 1.73
CA VAL L 443 23.88 24.88 2.08
C VAL L 443 24.73 25.01 0.82
N LYS L 444 24.65 24.02 -0.07
CA LYS L 444 25.48 24.02 -1.27
C LYS L 444 25.16 25.21 -2.17
N ASN L 445 23.88 25.46 -2.44
CA ASN L 445 23.57 26.54 -3.36
C ASN L 445 23.66 27.91 -2.70
N LEU L 446 23.61 28.00 -1.37
CA LEU L 446 23.98 29.25 -0.71
C LEU L 446 25.45 29.56 -0.94
N TYR L 447 26.31 28.56 -0.77
CA TYR L 447 27.73 28.73 -1.08
C TYR L 447 27.93 29.09 -2.54
N GLU L 448 27.18 28.43 -3.44
CA GLU L 448 27.26 28.72 -4.86
C GLU L 448 26.89 30.17 -5.16
N LYS L 449 25.80 30.64 -4.56
CA LYS L 449 25.37 32.02 -4.76
C LYS L 449 26.43 33.00 -4.28
N VAL L 450 27.02 32.74 -3.11
CA VAL L 450 28.03 33.64 -2.58
C VAL L 450 29.24 33.70 -3.50
N ARG L 451 29.73 32.53 -3.95
CA ARG L 451 30.92 32.52 -4.79
C ARG L 451 30.63 33.16 -6.14
N SER L 452 29.43 32.93 -6.69
CA SER L 452 29.08 33.56 -7.96
C SER L 452 28.99 35.07 -7.84
N GLN L 453 28.43 35.56 -6.73
CA GLN L 453 28.35 37.00 -6.51
C GLN L 453 29.70 37.61 -6.17
N LEU L 454 30.68 36.80 -5.77
CA LEU L 454 31.96 37.34 -5.36
C LEU L 454 33.06 37.23 -6.41
N LYS L 455 32.96 36.24 -7.30
CA LYS L 455 33.94 35.98 -8.38
C LYS L 455 35.33 35.83 -7.76
N ASN L 456 36.35 36.53 -8.27
CA ASN L 456 37.73 36.32 -7.85
C ASN L 456 38.24 37.42 -6.94
N ASN L 457 37.35 38.20 -6.32
CA ASN L 457 37.79 39.19 -5.35
C ASN L 457 38.28 38.55 -4.06
N ALA L 458 38.09 37.26 -3.87
CA ALA L 458 38.57 36.56 -2.69
C ALA L 458 39.14 35.22 -3.09
N LYS L 459 40.03 34.71 -2.25
CA LYS L 459 40.62 33.39 -2.45
C LYS L 459 39.83 32.35 -1.68
N GLU L 460 39.52 31.23 -2.34
CA GLU L 460 38.78 30.13 -1.71
C GLU L 460 39.75 29.39 -0.80
N ILE L 461 39.78 29.81 0.47
CA ILE L 461 40.70 29.20 1.43
C ILE L 461 40.27 27.77 1.74
N GLY L 462 38.99 27.46 1.60
CA GLY L 462 38.47 26.15 1.95
C GLY L 462 37.52 26.23 3.14
N ASN L 463 36.92 25.07 3.43
CA ASN L 463 35.93 24.92 4.49
C ASN L 463 34.75 25.88 4.30
N GLY L 464 34.47 26.23 3.05
CA GLY L 464 33.41 27.18 2.75
C GLY L 464 33.66 28.58 3.28
N CYS L 465 34.92 29.00 3.33
CA CYS L 465 35.28 30.32 3.81
C CYS L 465 36.02 31.08 2.71
N PHE L 466 35.96 32.41 2.79
CA PHE L 466 36.53 33.28 1.77
C PHE L 466 37.44 34.32 2.42
N GLU L 467 38.59 34.55 1.80
CA GLU L 467 39.56 35.54 2.25
C GLU L 467 39.63 36.65 1.21
N PHE L 468 39.05 37.81 1.53
CA PHE L 468 38.96 38.90 0.58
C PHE L 468 40.32 39.50 0.28
N TYR L 469 40.46 40.03 -0.93
CA TYR L 469 41.67 40.73 -1.34
C TYR L 469 41.59 42.23 -1.06
N HIS L 470 40.51 42.70 -0.46
CA HIS L 470 40.30 44.12 -0.24
C HIS L 470 39.60 44.32 1.11
N LYS L 471 39.55 45.57 1.55
CA LYS L 471 38.84 45.90 2.77
C LYS L 471 37.34 45.80 2.53
N CYS L 472 36.70 44.87 3.22
CA CYS L 472 35.28 44.54 3.01
C CYS L 472 34.59 44.73 4.36
N ASP L 473 34.00 45.90 4.56
CA ASP L 473 33.44 46.34 5.83
C ASP L 473 32.00 45.82 6.02
N ASN L 474 31.28 46.41 6.98
CA ASN L 474 29.95 45.93 7.32
C ASN L 474 28.96 46.09 6.16
N THR L 475 28.99 47.23 5.47
CA THR L 475 28.13 47.36 4.30
C THR L 475 28.56 46.43 3.18
N CYS L 476 29.83 46.02 3.17
CA CYS L 476 30.27 44.98 2.25
C CYS L 476 29.69 43.63 2.63
N MET L 477 29.61 43.33 3.94
CA MET L 477 28.86 42.17 4.42
C MET L 477 27.42 42.20 3.92
N GLU L 478 26.76 43.34 4.10
CA GLU L 478 25.36 43.43 3.69
C GLU L 478 25.22 43.30 2.17
N SER L 479 26.19 43.80 1.42
CA SER L 479 26.18 43.61 -0.03
C SER L 479 26.30 42.14 -0.38
N VAL L 480 27.14 41.39 0.33
CA VAL L 480 27.31 39.98 -0.01
C VAL L 480 26.08 39.17 0.38
N LYS L 481 25.54 39.38 1.58
CA LYS L 481 24.42 38.55 2.02
C LYS L 481 23.11 38.95 1.34
N ASN L 482 22.86 40.25 1.18
CA ASN L 482 21.60 40.69 0.58
C ASN L 482 21.55 40.35 -0.90
N GLY L 483 22.71 40.23 -1.55
CA GLY L 483 22.76 39.91 -2.97
C GLY L 483 23.14 41.06 -3.87
N THR L 484 23.45 42.24 -3.32
CA THR L 484 23.76 43.42 -4.12
C THR L 484 25.26 43.75 -4.11
N TYR L 485 26.12 42.73 -4.06
CA TYR L 485 27.55 42.97 -4.08
C TYR L 485 27.99 43.50 -5.45
N ASP L 486 28.98 44.38 -5.44
CA ASP L 486 29.43 45.09 -6.63
C ASP L 486 30.80 44.56 -7.05
N TYR L 487 30.91 44.16 -8.33
CA TYR L 487 32.20 43.66 -8.82
C TYR L 487 33.19 44.79 -9.08
N PRO L 488 32.92 45.78 -9.94
CA PRO L 488 33.98 46.75 -10.27
C PRO L 488 34.31 47.72 -9.16
N LYS L 489 33.49 47.80 -8.09
CA LYS L 489 33.75 48.76 -7.03
C LYS L 489 35.07 48.46 -6.32
N TYR L 490 35.35 47.18 -6.06
CA TYR L 490 36.56 46.78 -5.37
C TYR L 490 37.54 46.05 -6.27
N SER L 491 37.30 46.05 -7.59
CA SER L 491 38.13 45.26 -8.50
C SER L 491 39.56 45.77 -8.54
N GLU L 492 39.73 47.09 -8.66
CA GLU L 492 41.08 47.66 -8.71
C GLU L 492 41.82 47.44 -7.40
N GLU L 493 41.13 47.62 -6.27
CA GLU L 493 41.76 47.42 -4.97
C GLU L 493 42.17 45.96 -4.79
N ALA L 494 41.33 45.02 -5.24
CA ALA L 494 41.71 43.61 -5.18
C ALA L 494 42.90 43.31 -6.07
N LYS L 495 42.93 43.90 -7.27
CA LYS L 495 44.07 43.71 -8.16
C LYS L 495 45.35 44.29 -7.57
N LEU L 496 45.23 45.33 -6.75
CA LEU L 496 46.41 45.92 -6.11
C LEU L 496 47.10 44.93 -5.18
N ASN L 497 46.31 44.17 -4.42
CA ASN L 497 46.86 43.24 -3.44
C ASN L 497 47.06 41.83 -4.00
N ARG L 498 46.74 41.59 -5.27
CA ARG L 498 46.82 40.25 -5.82
C ARG L 498 48.20 39.91 -6.36
N GLU L 499 48.96 40.90 -6.82
CA GLU L 499 50.29 40.64 -7.35
C GLU L 499 51.30 40.43 -6.23
#